data_8UUQ
#
_entry.id   8UUQ
#
_cell.length_a   1.00
_cell.length_b   1.00
_cell.length_c   1.00
_cell.angle_alpha   90.00
_cell.angle_beta   90.00
_cell.angle_gamma   90.00
#
_symmetry.space_group_name_H-M   'P 1'
#
loop_
_entity.id
_entity.type
_entity.pdbx_description
1 polymer 'Fusion glycoprotein F0'
2 polymer 'Fusion glycoprotein F0'
3 polymer [FIP-HRC]2-PEG11
4 branched beta-D-mannopyranose-(1-4)-2-acetamido-2-deoxy-beta-D-glucopyranose-(1-4)-2-acetamido-2-deoxy-beta-D-glucopyranose
5 branched alpha-D-mannopyranose-(1-3)-[alpha-D-mannopyranose-(1-6)]beta-D-mannopyranose-(1-4)-2-acetamido-2-deoxy-beta-D-glucopyranose-(1-4)-2-acetamido-2-deoxy-beta-D-glucopyranose
6 non-polymer 2-acetamido-2-deoxy-beta-D-glucopyranose
7 water water
#
loop_
_entity_poly.entity_id
_entity_poly.type
_entity_poly.pdbx_seq_one_letter_code
_entity_poly.pdbx_strand_id
1 'polypeptide(L)'
;MGLKVNVSAIFMAVLLTLQTPTGQIHWGNLSKIGVVGIGSASYKVMTRSSHQSLVIKLMPNITLLNNCTRVEIAEYRRLL
RTVLEPIRDALNAMTQNIRPVQSVASSRRHKR
;
A,D,F
2 'polypeptide(L)'
;FAGVVLAGAALGVATAAQITAGIALHQSMLNSQAIDNLRASLETTNQAIEAIRQAGQGMILAVQGVQDYINNELIPSMNQ
LSCDLIGQKLGLKLLRYYTEILSLFGPSLRDPISAEISIQALSYALGGDINKVLEKLGYSGGDLLGILESRGIKARITHV
DTESYFIVLSIAYPTLSEIKGVIVHRLEGVSYNIGSQEWYTTVPKYVATQGYLISNFDESSCTFMPEGTVCSQNALYPMS
PLLQECLRGSTKSCARTLVSGSFGNRFILSQGNLIANCASILCKCYTTGTIINQDPDKILTYIAADHCPVVEVNGVTIQV
GSRRYPDAVYLHRIDLGPPISLGRLDVGTNLGNAIAKLEDAKELLESSDQILRSMKGLSSTSIGVDDDDKAGWSHPQFEK
GGGSGGGSGGGSWSHPQFEK
;
C,E,G
3 'polypeptide(L)' (P6S)FFG M,N,O
#
loop_
_chem_comp.id
_chem_comp.type
_chem_comp.name
_chem_comp.formula
BMA D-saccharide, beta linking beta-D-mannopyranose 'C6 H12 O6'
MAN D-saccharide, alpha linking alpha-D-mannopyranose 'C6 H12 O6'
NAG D-saccharide, beta linking 2-acetamido-2-deoxy-beta-D-glucopyranose 'C8 H15 N O6'
P6S non-polymer 'benzyl hydrogen carbonate' 'C8 H8 O3'
#
# COMPACT_ATOMS: atom_id res chain seq x y z
N GLN A 24 21.12 -7.98 -25.37
CA GLN A 24 22.08 -9.07 -25.39
C GLN A 24 22.27 -9.72 -24.00
N ILE A 25 21.18 -10.31 -23.50
CA ILE A 25 21.25 -11.08 -22.26
C ILE A 25 22.00 -12.38 -22.52
N HIS A 26 23.00 -12.66 -21.67
CA HIS A 26 23.80 -13.87 -21.79
C HIS A 26 23.14 -14.98 -20.98
N TRP A 27 22.26 -15.74 -21.63
CA TRP A 27 21.54 -16.79 -20.94
C TRP A 27 22.44 -17.93 -20.51
N GLY A 28 23.59 -18.12 -21.16
CA GLY A 28 24.52 -19.17 -20.80
C GLY A 28 25.18 -18.97 -19.45
N ASN A 29 25.76 -17.79 -19.20
CA ASN A 29 26.34 -17.53 -17.89
C ASN A 29 25.27 -17.36 -16.82
N LEU A 30 24.09 -16.83 -17.18
CA LEU A 30 23.05 -16.64 -16.19
C LEU A 30 22.57 -17.97 -15.62
N SER A 31 22.49 -19.00 -16.46
CA SER A 31 22.06 -20.31 -16.00
C SER A 31 23.08 -20.97 -15.09
N LYS A 32 24.35 -20.56 -15.17
CA LYS A 32 25.36 -21.12 -14.27
C LYS A 32 25.17 -20.65 -12.83
N ILE A 33 24.48 -19.54 -12.63
CA ILE A 33 24.15 -19.06 -11.30
C ILE A 33 22.63 -19.14 -11.05
N GLY A 34 21.93 -19.93 -11.85
CA GLY A 34 20.54 -20.26 -11.57
C GLY A 34 19.51 -19.27 -12.02
N VAL A 35 19.78 -18.49 -13.07
CA VAL A 35 18.83 -17.52 -13.60
C VAL A 35 18.43 -17.95 -15.00
N VAL A 36 17.13 -18.09 -15.24
CA VAL A 36 16.61 -18.45 -16.56
C VAL A 36 15.44 -17.54 -16.88
N GLY A 37 15.19 -17.40 -18.18
CA GLY A 37 14.00 -16.71 -18.65
C GLY A 37 12.85 -17.68 -18.82
N ILE A 38 11.67 -17.27 -18.38
CA ILE A 38 10.50 -18.13 -18.41
C ILE A 38 9.38 -17.55 -19.28
N GLY A 39 9.70 -16.57 -20.11
CA GLY A 39 8.70 -16.00 -20.99
C GLY A 39 9.02 -14.60 -21.45
N SER A 40 8.72 -14.31 -22.71
CA SER A 40 8.93 -13.00 -23.28
C SER A 40 7.63 -12.50 -23.90
N ALA A 41 7.48 -11.18 -23.95
CA ALA A 41 6.28 -10.58 -24.51
C ALA A 41 6.65 -9.24 -25.14
N SER A 42 5.78 -8.79 -26.04
CA SER A 42 5.93 -7.47 -26.64
C SER A 42 5.42 -6.40 -25.67
N TYR A 43 5.78 -5.16 -25.98
CA TYR A 43 5.49 -4.01 -25.13
C TYR A 43 4.57 -3.06 -25.86
N LYS A 44 3.43 -2.74 -25.24
CA LYS A 44 2.44 -1.86 -25.84
C LYS A 44 2.14 -0.70 -24.91
N VAL A 45 2.04 0.50 -25.49
CA VAL A 45 1.72 1.70 -24.75
C VAL A 45 0.43 2.29 -25.30
N MET A 46 -0.12 3.25 -24.58
CA MET A 46 -1.43 3.82 -24.88
C MET A 46 -1.29 5.23 -25.41
N THR A 47 -2.02 5.54 -26.47
CA THR A 47 -2.15 6.89 -26.99
C THR A 47 -3.62 7.23 -27.16
N ARG A 48 -3.97 8.46 -26.83
CA ARG A 48 -5.35 8.92 -26.90
C ARG A 48 -5.52 9.82 -28.12
N SER A 49 -6.51 9.50 -28.97
CA SER A 49 -6.77 10.25 -30.19
C SER A 49 -7.95 11.22 -30.02
N SER A 50 -9.06 10.74 -29.49
CA SER A 50 -10.26 11.55 -29.32
C SER A 50 -10.73 11.47 -27.88
N HIS A 51 -11.51 12.47 -27.48
CA HIS A 51 -12.08 12.54 -26.14
C HIS A 51 -13.59 12.68 -26.22
N GLN A 52 -14.27 12.18 -25.20
CA GLN A 52 -15.71 12.30 -25.07
C GLN A 52 -16.04 13.09 -23.81
N SER A 53 -17.28 13.51 -23.69
CA SER A 53 -17.76 14.29 -22.56
C SER A 53 -18.61 13.40 -21.66
N LEU A 54 -18.38 13.49 -20.36
CA LEU A 54 -19.14 12.76 -19.35
C LEU A 54 -19.46 13.74 -18.23
N VAL A 55 -20.74 14.04 -18.04
CA VAL A 55 -21.17 14.99 -17.02
C VAL A 55 -21.77 14.22 -15.85
N ILE A 56 -21.30 14.52 -14.66
CA ILE A 56 -21.86 13.96 -13.43
C ILE A 56 -22.96 14.90 -12.96
N LYS A 57 -24.21 14.49 -13.13
CA LYS A 57 -25.36 15.27 -12.70
C LYS A 57 -25.57 15.03 -11.21
N LEU A 58 -25.21 16.02 -10.39
CA LEU A 58 -25.23 15.85 -8.94
C LEU A 58 -26.62 16.05 -8.32
N MET A 59 -27.57 16.64 -9.06
CA MET A 59 -28.90 16.89 -8.53
C MET A 59 -29.88 15.86 -9.10
N PRO A 60 -30.45 14.99 -8.28
CA PRO A 60 -31.42 14.03 -8.80
C PRO A 60 -32.77 14.69 -9.10
N ASN A 61 -33.53 14.02 -9.97
CA ASN A 61 -34.91 14.40 -10.25
C ASN A 61 -35.80 13.80 -9.16
N ILE A 62 -36.42 14.66 -8.37
CA ILE A 62 -37.24 14.24 -7.24
C ILE A 62 -38.67 14.72 -7.44
N THR A 63 -39.07 14.91 -8.70
CA THR A 63 -40.39 15.45 -9.00
C THR A 63 -41.51 14.54 -8.52
N LEU A 64 -41.36 13.24 -8.74
CA LEU A 64 -42.40 12.29 -8.34
C LEU A 64 -42.36 11.96 -6.85
N LEU A 65 -41.38 12.48 -6.12
CA LEU A 65 -41.31 12.28 -4.68
C LEU A 65 -42.05 13.37 -3.91
N ASN A 66 -42.71 14.28 -4.61
CA ASN A 66 -43.46 15.41 -4.02
C ASN A 66 -42.46 16.22 -3.18
N ASN A 67 -42.87 16.74 -2.02
CA ASN A 67 -42.03 17.58 -1.19
C ASN A 67 -41.39 16.81 -0.03
N CYS A 68 -41.36 15.49 -0.12
CA CYS A 68 -40.93 14.66 1.00
C CYS A 68 -39.43 14.73 1.28
N THR A 69 -38.64 15.33 0.39
CA THR A 69 -37.19 15.35 0.51
C THR A 69 -36.63 16.75 0.47
N ARG A 70 -37.41 17.75 0.89
CA ARG A 70 -36.95 19.14 0.82
C ARG A 70 -35.80 19.41 1.77
N VAL A 71 -35.90 18.91 3.01
CA VAL A 71 -34.85 19.18 4.00
C VAL A 71 -33.57 18.42 3.65
N GLU A 72 -33.70 17.18 3.20
CA GLU A 72 -32.52 16.37 2.87
C GLU A 72 -31.78 16.93 1.67
N ILE A 73 -32.51 17.39 0.65
CA ILE A 73 -31.86 17.97 -0.53
C ILE A 73 -31.11 19.24 -0.18
N ALA A 74 -31.70 20.08 0.68
CA ALA A 74 -31.06 21.33 1.06
C ALA A 74 -29.73 21.08 1.77
N GLU A 75 -29.70 20.10 2.68
CA GLU A 75 -28.43 19.74 3.33
C GLU A 75 -27.44 19.21 2.31
N TYR A 76 -27.92 18.41 1.36
CA TYR A 76 -27.04 17.83 0.34
C TYR A 76 -26.41 18.90 -0.53
N ARG A 77 -27.19 19.90 -0.94
CA ARG A 77 -26.66 20.98 -1.75
C ARG A 77 -25.64 21.82 -0.96
N ARG A 78 -25.91 22.04 0.33
CA ARG A 78 -24.98 22.79 1.16
C ARG A 78 -23.63 22.08 1.27
N LEU A 79 -23.66 20.75 1.42
CA LEU A 79 -22.42 19.99 1.53
C LEU A 79 -21.66 19.95 0.21
N LEU A 80 -22.37 19.93 -0.91
CA LEU A 80 -21.71 19.88 -2.21
C LEU A 80 -20.92 21.15 -2.51
N ARG A 81 -21.39 22.29 -2.00
CA ARG A 81 -20.72 23.56 -2.28
C ARG A 81 -19.33 23.62 -1.67
N THR A 82 -19.14 23.03 -0.49
CA THR A 82 -17.83 23.03 0.15
C THR A 82 -16.78 22.29 -0.67
N VAL A 83 -17.21 21.48 -1.63
CA VAL A 83 -16.29 20.76 -2.51
C VAL A 83 -16.25 21.37 -3.90
N LEU A 84 -17.39 21.81 -4.41
CA LEU A 84 -17.46 22.30 -5.78
C LEU A 84 -16.75 23.63 -5.96
N GLU A 85 -16.92 24.54 -5.01
CA GLU A 85 -16.35 25.88 -5.15
C GLU A 85 -14.83 25.88 -5.25
N PRO A 86 -14.07 25.17 -4.41
CA PRO A 86 -12.61 25.17 -4.59
C PRO A 86 -12.15 24.61 -5.92
N ILE A 87 -12.84 23.61 -6.47
CA ILE A 87 -12.48 23.09 -7.79
C ILE A 87 -12.77 24.13 -8.85
N ARG A 88 -13.91 24.81 -8.76
CA ARG A 88 -14.27 25.81 -9.75
C ARG A 88 -13.29 26.97 -9.74
N ASP A 89 -12.83 27.38 -8.55
CA ASP A 89 -11.87 28.48 -8.46
C ASP A 89 -10.54 28.10 -9.10
N ALA A 90 -10.08 26.86 -8.87
CA ALA A 90 -8.83 26.42 -9.48
C ALA A 90 -8.93 26.39 -10.99
N LEU A 91 -10.09 25.96 -11.51
CA LEU A 91 -10.28 25.95 -12.96
C LEU A 91 -10.30 27.37 -13.53
N ASN A 92 -10.93 28.30 -12.82
CA ASN A 92 -11.00 29.67 -13.31
C ASN A 92 -9.66 30.39 -13.22
N ALA A 93 -8.80 29.96 -12.28
CA ALA A 93 -7.48 30.57 -12.18
C ALA A 93 -6.64 30.27 -13.42
N MET A 94 -6.73 29.06 -13.94
CA MET A 94 -5.98 28.70 -15.14
C MET A 94 -6.57 29.34 -16.38
N THR A 95 -7.91 29.31 -16.51
CA THR A 95 -8.56 29.78 -17.72
C THR A 95 -8.36 31.27 -17.95
N GLN A 96 -8.25 32.06 -16.88
CA GLN A 96 -8.05 33.49 -17.04
C GLN A 96 -6.66 33.83 -17.57
N ASN A 97 -5.71 32.90 -17.50
CA ASN A 97 -4.38 33.11 -18.04
C ASN A 97 -4.22 32.59 -19.46
N ILE A 98 -5.29 32.09 -20.08
CA ILE A 98 -5.23 31.55 -21.43
C ILE A 98 -5.83 32.59 -22.36
N ARG A 99 -5.01 33.13 -23.25
CA ARG A 99 -5.44 34.21 -24.13
C ARG A 99 -5.41 33.74 -25.59
N PRO A 100 -6.24 34.33 -26.45
CA PRO A 100 -6.17 34.00 -27.87
C PRO A 100 -4.83 34.39 -28.47
N VAL A 101 -4.36 33.59 -29.42
CA VAL A 101 -3.07 33.85 -30.05
C VAL A 101 -3.08 35.17 -30.81
N GLN A 102 -4.26 35.66 -31.18
CA GLN A 102 -4.40 36.96 -31.82
C GLN A 102 -3.88 38.07 -30.91
N GLY B 3 -6.04 28.40 -31.57
CA GLY B 3 -4.71 28.76 -31.11
C GLY B 3 -4.73 29.72 -29.93
N VAL B 4 -4.14 29.31 -28.82
CA VAL B 4 -4.11 30.11 -27.61
C VAL B 4 -2.68 30.21 -27.09
N VAL B 5 -2.46 31.23 -26.27
CA VAL B 5 -1.15 31.50 -25.68
C VAL B 5 -1.33 31.59 -24.17
N LEU B 6 -0.44 30.93 -23.43
CA LEU B 6 -0.45 31.03 -21.98
C LEU B 6 0.29 32.27 -21.53
N ALA B 7 -0.31 33.03 -20.62
CA ALA B 7 0.31 34.22 -20.06
C ALA B 7 1.20 33.80 -18.90
N GLY B 8 2.46 33.51 -19.20
CA GLY B 8 3.36 32.98 -18.19
C GLY B 8 3.80 33.99 -17.16
N ALA B 9 3.84 35.27 -17.54
CA ALA B 9 4.21 36.30 -16.58
C ALA B 9 3.16 36.46 -15.49
N ALA B 10 1.88 36.37 -15.85
CA ALA B 10 0.82 36.45 -14.85
C ALA B 10 0.73 35.16 -14.05
N LEU B 11 0.87 34.01 -14.70
CA LEU B 11 0.84 32.74 -14.00
C LEU B 11 2.02 32.60 -13.05
N GLY B 12 3.20 33.01 -13.47
CA GLY B 12 4.37 32.99 -12.62
C GLY B 12 5.07 31.65 -12.55
N VAL B 13 4.44 30.66 -11.91
CA VAL B 13 5.02 29.35 -11.70
C VAL B 13 4.03 28.30 -12.20
N ALA B 14 4.51 27.35 -13.00
CA ALA B 14 3.67 26.27 -13.49
C ALA B 14 4.54 25.09 -13.89
N THR B 15 4.08 23.89 -13.53
CA THR B 15 4.71 22.65 -13.94
C THR B 15 4.35 22.34 -15.39
N ALA B 16 5.24 21.61 -16.08
CA ALA B 16 4.97 21.22 -17.46
C ALA B 16 3.64 20.49 -17.60
N ALA B 17 3.32 19.62 -16.64
CA ALA B 17 2.04 18.93 -16.66
C ALA B 17 0.88 19.89 -16.45
N GLN B 18 1.04 20.88 -15.58
CA GLN B 18 -0.01 21.88 -15.39
C GLN B 18 -0.18 22.74 -16.63
N ILE B 19 0.92 23.07 -17.31
CA ILE B 19 0.84 23.86 -18.53
C ILE B 19 0.10 23.10 -19.62
N THR B 20 0.47 21.83 -19.82
CA THR B 20 -0.16 21.04 -20.88
C THR B 20 -1.64 20.81 -20.60
N ALA B 21 -1.99 20.56 -19.35
CA ALA B 21 -3.39 20.36 -19.00
C ALA B 21 -4.19 21.64 -19.13
N GLY B 22 -3.58 22.79 -18.80
CA GLY B 22 -4.28 24.06 -18.90
C GLY B 22 -4.59 24.44 -20.34
N ILE B 23 -3.64 24.22 -21.24
CA ILE B 23 -3.88 24.53 -22.65
C ILE B 23 -4.94 23.60 -23.24
N ALA B 24 -4.94 22.33 -22.81
CA ALA B 24 -5.93 21.38 -23.29
C ALA B 24 -7.34 21.74 -22.85
N LEU B 25 -7.49 22.60 -21.84
CA LEU B 25 -8.81 23.04 -21.42
C LEU B 25 -9.52 23.81 -22.52
N HIS B 26 -8.78 24.64 -23.26
CA HIS B 26 -9.40 25.43 -24.31
C HIS B 26 -10.04 24.56 -25.38
N GLN B 27 -9.50 23.37 -25.62
CA GLN B 27 -10.02 22.49 -26.66
C GLN B 27 -11.11 21.56 -26.16
N SER B 28 -11.04 21.12 -24.91
CA SER B 28 -11.95 20.13 -24.38
C SER B 28 -13.10 20.70 -23.56
N MET B 29 -13.15 22.02 -23.38
CA MET B 29 -14.18 22.65 -22.56
C MET B 29 -15.31 23.14 -23.45
N LEU B 30 -16.54 22.79 -23.09
CA LEU B 30 -17.71 23.31 -23.79
C LEU B 30 -17.83 24.82 -23.56
N ASN B 31 -18.16 25.55 -24.62
CA ASN B 31 -18.26 27.00 -24.52
C ASN B 31 -19.52 27.39 -23.75
N SER B 32 -19.74 28.70 -23.61
CA SER B 32 -20.81 29.19 -22.76
C SER B 32 -22.18 28.76 -23.27
N GLN B 33 -22.38 28.78 -24.59
CA GLN B 33 -23.66 28.37 -25.15
C GLN B 33 -23.93 26.88 -24.90
N ALA B 34 -22.90 26.05 -25.05
CA ALA B 34 -23.08 24.61 -24.82
C ALA B 34 -23.34 24.31 -23.36
N ILE B 35 -22.73 25.06 -22.44
CA ILE B 35 -22.99 24.87 -21.03
C ILE B 35 -24.44 25.22 -20.69
N ASP B 36 -24.95 26.32 -21.24
CA ASP B 36 -26.34 26.69 -21.01
C ASP B 36 -27.30 25.67 -21.62
N ASN B 37 -26.97 25.15 -22.81
CA ASN B 37 -27.78 24.10 -23.40
C ASN B 37 -27.73 22.82 -22.56
N LEU B 38 -26.55 22.47 -22.05
CA LEU B 38 -26.43 21.27 -21.22
C LEU B 38 -27.20 21.43 -19.92
N ARG B 39 -27.18 22.63 -19.34
CA ARG B 39 -27.89 22.87 -18.09
C ARG B 39 -29.38 22.64 -18.24
N ALA B 40 -29.96 23.13 -19.34
CA ALA B 40 -31.40 22.96 -19.55
C ALA B 40 -31.76 21.51 -19.83
N SER B 41 -30.89 20.79 -20.56
CA SER B 41 -31.16 19.38 -20.85
C SER B 41 -31.14 18.53 -19.58
N LEU B 42 -30.21 18.83 -18.67
CA LEU B 42 -30.12 18.08 -17.42
C LEU B 42 -31.31 18.29 -16.50
N GLU B 43 -32.12 19.31 -16.74
CA GLU B 43 -33.30 19.57 -15.94
C GLU B 43 -34.56 18.91 -16.49
N THR B 44 -34.43 18.06 -17.51
CA THR B 44 -35.57 17.36 -18.08
C THR B 44 -35.46 15.85 -18.01
N THR B 45 -34.29 15.30 -17.65
CA THR B 45 -34.09 13.87 -17.61
C THR B 45 -34.32 13.33 -16.21
N ASN B 46 -34.75 12.07 -16.13
CA ASN B 46 -34.98 11.41 -14.86
C ASN B 46 -34.35 10.01 -14.84
N GLN B 47 -33.32 9.79 -15.64
CA GLN B 47 -32.69 8.50 -15.76
C GLN B 47 -31.28 8.54 -15.21
N ALA B 48 -30.82 7.38 -14.72
CA ALA B 48 -29.49 7.30 -14.14
C ALA B 48 -28.40 7.55 -15.18
N ILE B 49 -28.56 6.98 -16.37
CA ILE B 49 -27.61 7.16 -17.47
C ILE B 49 -28.36 7.64 -18.69
N GLU B 50 -27.94 8.76 -19.27
CA GLU B 50 -28.67 9.35 -20.38
C GLU B 50 -27.69 10.04 -21.33
N ALA B 51 -27.87 9.80 -22.62
CA ALA B 51 -27.08 10.44 -23.66
C ALA B 51 -27.76 11.73 -24.10
N ILE B 52 -27.00 12.82 -24.13
CA ILE B 52 -27.51 14.12 -24.53
C ILE B 52 -27.03 14.40 -25.95
N ARG B 53 -27.97 14.65 -26.86
CA ARG B 53 -27.66 15.01 -28.23
C ARG B 53 -27.72 16.52 -28.38
N GLN B 54 -26.61 17.13 -28.78
CA GLN B 54 -26.48 18.59 -28.84
C GLN B 54 -26.06 19.00 -30.25
N ALA B 55 -27.05 19.16 -31.13
CA ALA B 55 -26.83 19.64 -32.49
C ALA B 55 -25.77 18.81 -33.21
N GLY B 56 -24.86 19.50 -33.91
CA GLY B 56 -23.79 18.83 -34.62
C GLY B 56 -22.50 18.76 -33.81
N GLN B 57 -22.62 18.48 -32.52
CA GLN B 57 -21.48 18.36 -31.64
C GLN B 57 -21.41 16.94 -31.09
N GLY B 58 -20.41 16.69 -30.25
CA GLY B 58 -20.25 15.39 -29.65
C GLY B 58 -21.35 15.08 -28.65
N MET B 59 -21.55 13.79 -28.43
CA MET B 59 -22.55 13.33 -27.48
C MET B 59 -22.02 13.47 -26.06
N ILE B 60 -22.84 14.02 -25.18
CA ILE B 60 -22.52 14.15 -23.75
C ILE B 60 -23.32 13.11 -22.99
N LEU B 61 -22.63 12.28 -22.22
CA LEU B 61 -23.27 11.25 -21.42
C LEU B 61 -23.51 11.79 -20.01
N ALA B 62 -24.77 11.82 -19.59
CA ALA B 62 -25.15 12.35 -18.29
C ALA B 62 -25.41 11.20 -17.33
N VAL B 63 -24.75 11.24 -16.17
CA VAL B 63 -24.85 10.20 -15.17
C VAL B 63 -25.32 10.82 -13.86
N GLN B 64 -26.38 10.27 -13.28
CA GLN B 64 -26.89 10.68 -11.98
C GLN B 64 -26.75 9.51 -11.01
N GLY B 65 -26.08 9.78 -9.89
CA GLY B 65 -25.59 8.71 -9.04
C GLY B 65 -26.60 8.05 -8.12
N VAL B 66 -27.77 8.65 -7.91
CA VAL B 66 -28.76 8.05 -7.01
C VAL B 66 -30.11 7.89 -7.69
N GLN B 67 -30.15 8.02 -9.02
CA GLN B 67 -31.43 7.98 -9.72
C GLN B 67 -31.99 6.56 -9.84
N ASP B 68 -31.13 5.55 -9.91
CA ASP B 68 -31.62 4.18 -9.90
C ASP B 68 -32.35 3.87 -8.59
N TYR B 69 -31.81 4.34 -7.47
CA TYR B 69 -32.46 4.13 -6.18
C TYR B 69 -33.80 4.84 -6.11
N ILE B 70 -33.86 6.09 -6.58
CA ILE B 70 -35.12 6.82 -6.55
C ILE B 70 -36.16 6.18 -7.46
N ASN B 71 -35.75 5.79 -8.68
CA ASN B 71 -36.70 5.25 -9.63
C ASN B 71 -37.14 3.84 -9.25
N ASN B 72 -36.22 3.03 -8.72
CA ASN B 72 -36.52 1.62 -8.47
C ASN B 72 -37.03 1.36 -7.06
N GLU B 73 -36.67 2.18 -6.08
CA GLU B 73 -36.97 1.88 -4.68
C GLU B 73 -37.94 2.86 -4.05
N LEU B 74 -37.82 4.15 -4.31
CA LEU B 74 -38.63 5.14 -3.61
C LEU B 74 -39.95 5.43 -4.30
N ILE B 75 -39.91 5.68 -5.61
CA ILE B 75 -41.14 6.02 -6.33
C ILE B 75 -42.17 4.89 -6.30
N PRO B 76 -41.81 3.62 -6.55
CA PRO B 76 -42.82 2.56 -6.44
C PRO B 76 -43.46 2.46 -5.05
N SER B 77 -42.70 2.72 -3.99
CA SER B 77 -43.22 2.65 -2.63
C SER B 77 -43.71 4.00 -2.13
N MET B 78 -43.96 4.95 -3.03
CA MET B 78 -44.39 6.28 -2.62
C MET B 78 -45.78 6.26 -1.99
N ASN B 79 -46.66 5.40 -2.50
CA ASN B 79 -48.04 5.34 -2.01
C ASN B 79 -48.20 4.55 -0.73
N GLN B 80 -47.18 3.82 -0.28
CA GLN B 80 -47.28 2.96 0.88
C GLN B 80 -46.36 3.34 2.03
N LEU B 81 -45.57 4.40 1.88
CA LEU B 81 -44.67 4.86 2.94
C LEU B 81 -45.01 6.30 3.30
N SER B 82 -44.74 6.65 4.56
CA SER B 82 -44.98 8.00 5.03
C SER B 82 -44.00 8.97 4.36
N CYS B 83 -44.39 10.24 4.35
CA CYS B 83 -43.56 11.25 3.69
C CYS B 83 -42.23 11.41 4.39
N ASP B 84 -42.22 11.36 5.73
CA ASP B 84 -40.96 11.44 6.47
C ASP B 84 -40.06 10.25 6.17
N LEU B 85 -40.65 9.06 5.99
CA LEU B 85 -39.85 7.88 5.69
C LEU B 85 -39.15 8.01 4.35
N ILE B 86 -39.85 8.55 3.34
CA ILE B 86 -39.25 8.73 2.03
C ILE B 86 -38.05 9.67 2.12
N GLY B 87 -38.19 10.76 2.88
CA GLY B 87 -37.08 11.67 3.06
C GLY B 87 -35.91 11.06 3.79
N GLN B 88 -36.19 10.25 4.82
CA GLN B 88 -35.11 9.64 5.59
C GLN B 88 -34.31 8.66 4.75
N LYS B 89 -34.98 7.86 3.92
CA LYS B 89 -34.28 6.88 3.10
C LYS B 89 -33.40 7.56 2.05
N LEU B 90 -33.91 8.61 1.40
CA LEU B 90 -33.10 9.30 0.41
C LEU B 90 -31.94 10.05 1.05
N GLY B 91 -32.14 10.60 2.24
CA GLY B 91 -31.06 11.30 2.93
C GLY B 91 -29.88 10.40 3.25
N LEU B 92 -30.15 9.12 3.54
CA LEU B 92 -29.07 8.17 3.77
C LEU B 92 -28.21 8.01 2.51
N LYS B 93 -28.85 7.91 1.34
CA LYS B 93 -28.09 7.75 0.11
C LYS B 93 -27.39 9.04 -0.29
N LEU B 94 -28.03 10.19 -0.06
CA LEU B 94 -27.42 11.46 -0.42
C LEU B 94 -26.15 11.72 0.37
N LEU B 95 -26.17 11.44 1.67
CA LEU B 95 -25.00 11.65 2.50
C LEU B 95 -23.88 10.69 2.11
N ARG B 96 -24.22 9.44 1.79
CA ARG B 96 -23.21 8.49 1.35
C ARG B 96 -22.66 8.86 -0.02
N TYR B 97 -23.49 9.41 -0.90
CA TYR B 97 -23.00 9.88 -2.19
C TYR B 97 -22.07 11.07 -2.02
N TYR B 98 -22.41 11.99 -1.11
CA TYR B 98 -21.53 13.13 -0.85
C TYR B 98 -20.17 12.69 -0.35
N THR B 99 -20.14 11.65 0.49
CA THR B 99 -18.88 11.17 1.03
C THR B 99 -17.93 10.72 -0.07
N GLU B 100 -18.45 10.03 -1.09
CA GLU B 100 -17.62 9.61 -2.20
C GLU B 100 -17.23 10.77 -3.09
N ILE B 101 -18.09 11.77 -3.24
CA ILE B 101 -17.72 12.97 -3.99
C ILE B 101 -16.60 13.70 -3.29
N LEU B 102 -16.69 13.85 -1.97
CA LEU B 102 -15.63 14.50 -1.21
C LEU B 102 -14.34 13.69 -1.26
N SER B 103 -14.46 12.36 -1.23
CA SER B 103 -13.28 11.51 -1.33
C SER B 103 -12.56 11.70 -2.65
N LEU B 104 -13.30 11.94 -3.73
CA LEU B 104 -12.73 12.01 -5.06
C LEU B 104 -12.32 13.43 -5.46
N PHE B 105 -13.12 14.44 -5.11
CA PHE B 105 -12.90 15.80 -5.57
C PHE B 105 -12.57 16.76 -4.42
N GLY B 106 -12.25 16.24 -3.24
CA GLY B 106 -11.97 17.07 -2.10
C GLY B 106 -10.52 17.47 -2.01
N PRO B 107 -10.07 17.85 -0.81
CA PRO B 107 -8.68 18.30 -0.65
C PRO B 107 -7.64 17.24 -0.96
N SER B 108 -8.01 15.96 -0.93
CA SER B 108 -7.05 14.91 -1.28
C SER B 108 -6.66 14.94 -2.75
N LEU B 109 -7.43 15.62 -3.60
CA LEU B 109 -7.07 15.81 -5.00
C LEU B 109 -6.11 16.99 -5.08
N ARG B 110 -4.83 16.69 -5.31
CA ARG B 110 -3.78 17.70 -5.17
C ARG B 110 -3.97 18.85 -6.16
N ASP B 111 -3.84 18.55 -7.45
CA ASP B 111 -4.01 19.57 -8.50
C ASP B 111 -5.12 19.12 -9.44
N PRO B 112 -6.33 19.64 -9.30
CA PRO B 112 -7.46 19.14 -10.11
C PRO B 112 -7.28 19.32 -11.60
N ILE B 113 -6.54 20.33 -12.05
CA ILE B 113 -6.45 20.62 -13.47
C ILE B 113 -5.67 19.55 -14.21
N SER B 114 -4.55 19.11 -13.64
CA SER B 114 -3.72 18.10 -14.28
C SER B 114 -3.98 16.69 -13.76
N ALA B 115 -4.95 16.51 -12.88
CA ALA B 115 -5.25 15.19 -12.35
C ALA B 115 -5.94 14.32 -13.39
N GLU B 116 -5.54 13.06 -13.46
CA GLU B 116 -6.14 12.06 -14.34
C GLU B 116 -6.76 10.98 -13.47
N ILE B 117 -8.08 10.88 -13.50
CA ILE B 117 -8.82 9.94 -12.67
C ILE B 117 -9.26 8.76 -13.52
N SER B 118 -8.97 7.55 -13.04
CA SER B 118 -9.36 6.37 -13.76
C SER B 118 -10.87 6.15 -13.67
N ILE B 119 -11.41 5.42 -14.64
CA ILE B 119 -12.84 5.15 -14.67
C ILE B 119 -13.26 4.29 -13.48
N GLN B 120 -12.34 3.47 -12.96
CA GLN B 120 -12.67 2.64 -11.80
C GLN B 120 -12.72 3.45 -10.51
N ALA B 121 -11.93 4.51 -10.41
CA ALA B 121 -12.02 5.42 -9.27
C ALA B 121 -13.30 6.23 -9.29
N LEU B 122 -14.01 6.28 -10.42
CA LEU B 122 -15.25 7.00 -10.55
C LEU B 122 -16.47 6.10 -10.40
N SER B 123 -16.27 4.84 -9.98
CA SER B 123 -17.34 3.85 -10.02
C SER B 123 -18.53 4.25 -9.15
N TYR B 124 -18.27 4.72 -7.93
CA TYR B 124 -19.37 5.09 -7.04
C TYR B 124 -20.04 6.38 -7.51
N ALA B 125 -19.27 7.34 -8.00
CA ALA B 125 -19.87 8.57 -8.52
C ALA B 125 -20.76 8.30 -9.73
N LEU B 126 -20.49 7.23 -10.47
CA LEU B 126 -21.27 6.88 -11.64
C LEU B 126 -22.45 5.98 -11.33
N GLY B 127 -22.70 5.69 -10.05
CA GLY B 127 -23.81 4.86 -9.65
C GLY B 127 -23.44 3.52 -9.06
N GLY B 128 -22.15 3.23 -8.90
CA GLY B 128 -21.71 1.98 -8.34
C GLY B 128 -21.23 0.94 -9.33
N ASP B 129 -21.26 1.25 -10.62
CA ASP B 129 -20.81 0.30 -11.64
C ASP B 129 -20.50 1.08 -12.91
N ILE B 130 -19.54 0.59 -13.68
CA ILE B 130 -19.07 1.28 -14.88
C ILE B 130 -19.38 0.53 -16.17
N ASN B 131 -20.01 -0.65 -16.09
CA ASN B 131 -20.24 -1.44 -17.29
C ASN B 131 -21.21 -0.76 -18.25
N LYS B 132 -22.30 -0.20 -17.74
CA LYS B 132 -23.25 0.50 -18.60
C LYS B 132 -22.69 1.80 -19.13
N VAL B 133 -21.88 2.50 -18.34
CA VAL B 133 -21.24 3.73 -18.81
C VAL B 133 -20.30 3.43 -19.97
N LEU B 134 -19.49 2.37 -19.85
CA LEU B 134 -18.58 2.00 -20.93
C LEU B 134 -19.34 1.59 -22.18
N GLU B 135 -20.45 0.86 -22.02
CA GLU B 135 -21.24 0.44 -23.17
C GLU B 135 -21.86 1.63 -23.88
N LYS B 136 -22.39 2.60 -23.13
CA LYS B 136 -23.04 3.74 -23.75
C LYS B 136 -22.03 4.73 -24.33
N LEU B 137 -20.78 4.66 -23.90
CA LEU B 137 -19.72 5.46 -24.51
C LEU B 137 -19.14 4.81 -25.76
N GLY B 138 -19.51 3.57 -26.05
CA GLY B 138 -18.98 2.87 -27.20
C GLY B 138 -17.61 2.25 -27.00
N TYR B 139 -17.18 2.08 -25.75
CA TYR B 139 -15.86 1.53 -25.46
C TYR B 139 -15.97 0.01 -25.44
N SER B 140 -15.50 -0.63 -26.51
CA SER B 140 -15.61 -2.07 -26.64
C SER B 140 -14.53 -2.56 -27.59
N GLY B 141 -14.31 -3.87 -27.57
CA GLY B 141 -13.33 -4.48 -28.45
C GLY B 141 -12.50 -5.54 -27.78
N GLY B 142 -11.52 -6.08 -28.49
CA GLY B 142 -10.65 -7.09 -27.90
C GLY B 142 -9.61 -6.55 -26.95
N ASP B 143 -9.40 -5.24 -26.94
CA ASP B 143 -8.41 -4.61 -26.06
C ASP B 143 -9.02 -4.05 -24.79
N LEU B 144 -10.34 -4.19 -24.60
CA LEU B 144 -10.99 -3.56 -23.45
C LEU B 144 -10.48 -4.11 -22.13
N LEU B 145 -10.36 -5.44 -22.02
CA LEU B 145 -9.94 -6.02 -20.76
C LEU B 145 -8.52 -5.58 -20.38
N GLY B 146 -7.61 -5.57 -21.35
CA GLY B 146 -6.26 -5.11 -21.07
C GLY B 146 -6.20 -3.64 -20.72
N ILE B 147 -6.91 -2.81 -21.47
CA ILE B 147 -6.93 -1.38 -21.20
C ILE B 147 -7.57 -1.10 -19.85
N LEU B 148 -8.71 -1.74 -19.58
CA LEU B 148 -9.41 -1.52 -18.32
C LEU B 148 -8.60 -2.00 -17.13
N GLU B 149 -7.92 -3.14 -17.27
CA GLU B 149 -7.15 -3.68 -16.16
C GLU B 149 -5.92 -2.82 -15.85
N SER B 150 -5.31 -2.21 -16.85
CA SER B 150 -4.18 -1.32 -16.63
C SER B 150 -4.61 0.07 -16.15
N ARG B 151 -5.92 0.29 -15.98
CA ARG B 151 -6.47 1.61 -15.68
C ARG B 151 -6.07 2.63 -16.75
N GLY B 152 -6.25 2.24 -18.02
CA GLY B 152 -5.91 3.11 -19.12
C GLY B 152 -6.96 4.13 -19.48
N ILE B 153 -8.21 3.92 -19.07
CA ILE B 153 -9.27 4.88 -19.34
C ILE B 153 -9.25 5.95 -18.25
N LYS B 154 -8.96 7.18 -18.64
CA LYS B 154 -8.75 8.28 -17.71
C LYS B 154 -9.75 9.40 -18.00
N ALA B 155 -10.02 10.20 -16.97
CA ALA B 155 -10.94 11.32 -17.07
C ALA B 155 -10.28 12.56 -16.49
N ARG B 156 -10.58 13.71 -17.09
CA ARG B 156 -10.07 15.00 -16.65
C ARG B 156 -11.23 15.94 -16.35
N ILE B 157 -11.10 16.70 -15.27
CA ILE B 157 -12.09 17.72 -14.96
C ILE B 157 -11.92 18.88 -15.94
N THR B 158 -13.01 19.26 -16.58
CA THR B 158 -13.00 20.38 -17.52
C THR B 158 -13.92 21.51 -17.13
N HIS B 159 -14.98 21.25 -16.37
CA HIS B 159 -15.90 22.31 -15.97
C HIS B 159 -16.64 21.87 -14.72
N VAL B 160 -16.71 22.77 -13.74
CA VAL B 160 -17.50 22.57 -12.53
C VAL B 160 -18.54 23.68 -12.47
N ASP B 161 -19.80 23.31 -12.35
CA ASP B 161 -20.90 24.25 -12.33
C ASP B 161 -21.52 24.26 -10.94
N THR B 162 -21.27 25.32 -10.18
CA THR B 162 -21.82 25.44 -8.84
C THR B 162 -23.27 25.93 -8.84
N GLU B 163 -23.72 26.53 -9.94
CA GLU B 163 -25.10 26.99 -10.02
C GLU B 163 -26.07 25.82 -10.13
N SER B 164 -25.78 24.88 -11.01
CA SER B 164 -26.66 23.74 -11.25
C SER B 164 -26.11 22.42 -10.76
N TYR B 165 -24.94 22.43 -10.10
CA TYR B 165 -24.39 21.26 -9.42
C TYR B 165 -24.15 20.11 -10.40
N PHE B 166 -23.19 20.33 -11.31
CA PHE B 166 -22.73 19.24 -12.15
C PHE B 166 -21.26 19.46 -12.51
N ILE B 167 -20.58 18.35 -12.81
CA ILE B 167 -19.17 18.35 -13.19
C ILE B 167 -19.06 17.72 -14.57
N VAL B 168 -18.36 18.40 -15.47
CA VAL B 168 -18.08 17.88 -16.82
C VAL B 168 -16.69 17.28 -16.83
N LEU B 169 -16.58 16.05 -17.33
CA LEU B 169 -15.31 15.35 -17.41
C LEU B 169 -15.01 15.00 -18.86
N SER B 170 -13.74 15.05 -19.21
CA SER B 170 -13.26 14.63 -20.52
C SER B 170 -12.62 13.25 -20.38
N ILE B 171 -13.18 12.26 -21.07
CA ILE B 171 -12.75 10.88 -20.96
C ILE B 171 -12.35 10.37 -22.34
N ALA B 172 -11.32 9.54 -22.40
CA ALA B 172 -10.78 9.05 -23.66
C ALA B 172 -10.52 7.55 -23.57
N TYR B 173 -10.78 6.86 -24.68
CA TYR B 173 -10.47 5.45 -24.82
C TYR B 173 -9.15 5.32 -25.57
N PRO B 174 -8.08 4.83 -24.96
CA PRO B 174 -6.78 4.83 -25.63
C PRO B 174 -6.69 3.77 -26.71
N THR B 175 -5.76 3.99 -27.64
CA THR B 175 -5.40 3.02 -28.66
C THR B 175 -4.02 2.45 -28.35
N LEU B 176 -3.89 1.13 -28.46
CA LEU B 176 -2.63 0.47 -28.15
C LEU B 176 -1.67 0.54 -29.34
N SER B 177 -0.41 0.83 -29.04
CA SER B 177 0.64 0.83 -30.05
C SER B 177 1.82 0.02 -29.54
N GLU B 178 2.28 -0.93 -30.36
CA GLU B 178 3.41 -1.76 -30.00
C GLU B 178 4.71 -1.04 -30.29
N ILE B 179 5.59 -1.01 -29.29
CA ILE B 179 6.91 -0.41 -29.46
C ILE B 179 7.80 -1.40 -30.21
N LYS B 180 8.40 -0.95 -31.30
CA LYS B 180 9.14 -1.83 -32.19
C LYS B 180 10.45 -2.26 -31.56
N GLY B 181 10.64 -3.57 -31.42
CA GLY B 181 11.90 -4.12 -31.00
C GLY B 181 12.06 -4.33 -29.50
N VAL B 182 11.10 -3.91 -28.69
CA VAL B 182 11.20 -4.05 -27.24
C VAL B 182 10.61 -5.40 -26.82
N ILE B 183 11.40 -6.16 -26.07
CA ILE B 183 10.99 -7.45 -25.53
C ILE B 183 11.07 -7.39 -24.02
N VAL B 184 10.01 -7.82 -23.35
CA VAL B 184 9.97 -7.87 -21.90
C VAL B 184 10.24 -9.31 -21.48
N HIS B 185 11.29 -9.53 -20.71
CA HIS B 185 11.67 -10.86 -20.26
C HIS B 185 11.29 -11.05 -18.80
N ARG B 186 10.76 -12.22 -18.48
CA ARG B 186 10.49 -12.60 -17.10
C ARG B 186 11.60 -13.51 -16.61
N LEU B 187 12.30 -13.07 -15.57
CA LEU B 187 13.43 -13.80 -15.03
C LEU B 187 13.00 -14.59 -13.81
N GLU B 188 13.39 -15.86 -13.78
CA GLU B 188 13.12 -16.73 -12.64
C GLU B 188 14.42 -17.38 -12.20
N GLY B 189 14.57 -17.59 -10.90
CA GLY B 189 15.81 -18.09 -10.36
C GLY B 189 15.59 -19.31 -9.49
N VAL B 190 16.68 -20.05 -9.31
CA VAL B 190 16.72 -21.16 -8.37
C VAL B 190 17.90 -20.95 -7.43
N SER B 191 17.79 -21.49 -6.23
CA SER B 191 18.87 -21.39 -5.28
C SER B 191 19.98 -22.38 -5.62
N TYR B 192 21.14 -22.15 -5.02
CA TYR B 192 22.28 -23.06 -5.15
C TYR B 192 23.01 -23.11 -3.83
N ASN B 193 23.80 -24.16 -3.64
CA ASN B 193 24.52 -24.38 -2.40
C ASN B 193 26.01 -24.23 -2.60
N ILE B 194 26.62 -23.40 -1.76
CA ILE B 194 28.07 -23.32 -1.61
C ILE B 194 28.38 -23.96 -0.27
N GLY B 195 28.73 -25.25 -0.28
CA GLY B 195 28.88 -26.00 0.94
C GLY B 195 27.54 -26.32 1.55
N SER B 196 27.29 -25.84 2.77
CA SER B 196 26.01 -26.02 3.43
C SER B 196 25.14 -24.78 3.40
N GLN B 197 25.56 -23.72 2.72
CA GLN B 197 24.83 -22.47 2.65
C GLN B 197 24.06 -22.40 1.34
N GLU B 198 22.80 -22.02 1.41
CA GLU B 198 21.93 -21.89 0.25
C GLU B 198 21.89 -20.44 -0.19
N TRP B 199 22.22 -20.19 -1.45
CA TRP B 199 22.35 -18.84 -1.97
C TRP B 199 21.41 -18.64 -3.15
N TYR B 200 21.09 -17.37 -3.43
CA TYR B 200 20.11 -17.01 -4.43
C TYR B 200 20.58 -15.74 -5.13
N THR B 201 20.70 -15.79 -6.45
CA THR B 201 21.11 -14.63 -7.23
C THR B 201 19.98 -13.58 -7.23
N THR B 202 20.37 -12.32 -7.06
CA THR B 202 19.41 -11.22 -7.01
C THR B 202 19.33 -10.57 -8.38
N VAL B 203 18.21 -10.78 -9.07
CA VAL B 203 17.98 -10.18 -10.38
C VAL B 203 16.58 -9.59 -10.39
N PRO B 204 16.31 -8.64 -11.29
CA PRO B 204 14.95 -8.10 -11.39
C PRO B 204 13.97 -9.15 -11.87
N LYS B 205 12.72 -8.98 -11.46
CA LYS B 205 11.66 -9.90 -11.91
C LYS B 205 11.42 -9.77 -13.41
N TYR B 206 11.38 -8.55 -13.92
CA TYR B 206 11.21 -8.30 -15.35
C TYR B 206 12.33 -7.39 -15.83
N VAL B 207 12.86 -7.68 -17.02
CA VAL B 207 13.80 -6.81 -17.70
C VAL B 207 13.35 -6.62 -19.13
N ALA B 208 13.73 -5.49 -19.72
CA ALA B 208 13.36 -5.15 -21.08
C ALA B 208 14.61 -4.96 -21.92
N THR B 209 14.57 -5.47 -23.15
CA THR B 209 15.66 -5.33 -24.09
C THR B 209 15.18 -4.69 -25.38
N GLN B 210 16.05 -3.88 -25.98
CA GLN B 210 15.81 -3.29 -27.30
C GLN B 210 17.14 -3.37 -28.05
N GLY B 211 17.30 -4.43 -28.83
CA GLY B 211 18.56 -4.69 -29.50
C GLY B 211 19.64 -5.08 -28.51
N TYR B 212 20.64 -4.22 -28.35
CA TYR B 212 21.72 -4.43 -27.39
C TYR B 212 21.51 -3.66 -26.10
N LEU B 213 20.36 -3.01 -25.93
CA LEU B 213 20.09 -2.19 -24.76
C LEU B 213 19.30 -2.99 -23.73
N ILE B 214 19.69 -2.85 -22.47
CA ILE B 214 19.03 -3.52 -21.35
C ILE B 214 18.56 -2.44 -20.38
N SER B 215 17.30 -2.53 -19.96
CA SER B 215 16.72 -1.55 -19.06
C SER B 215 15.79 -2.25 -18.07
N ASN B 216 15.50 -1.57 -16.98
CA ASN B 216 14.55 -2.08 -16.01
C ASN B 216 13.12 -1.98 -16.55
N PHE B 217 12.21 -2.70 -15.91
CA PHE B 217 10.82 -2.72 -16.31
C PHE B 217 9.94 -2.63 -15.07
N ASP B 218 9.08 -1.63 -15.02
CA ASP B 218 8.15 -1.43 -13.92
C ASP B 218 6.80 -2.00 -14.34
N GLU B 219 6.30 -2.97 -13.60
CA GLU B 219 5.08 -3.68 -13.94
C GLU B 219 3.86 -3.17 -13.20
N SER B 220 3.98 -2.06 -12.48
CA SER B 220 2.89 -1.59 -11.64
C SER B 220 1.67 -1.18 -12.46
N SER B 221 1.89 -0.57 -13.62
CA SER B 221 0.80 -0.09 -14.46
C SER B 221 0.54 -1.01 -15.66
N CYS B 222 1.07 -2.23 -15.64
CA CYS B 222 1.04 -3.11 -16.78
C CYS B 222 0.15 -4.32 -16.51
N THR B 223 -0.52 -4.78 -17.57
CA THR B 223 -1.28 -6.02 -17.55
C THR B 223 -0.70 -6.98 -18.56
N PHE B 224 -0.36 -8.18 -18.13
CA PHE B 224 0.26 -9.18 -19.00
C PHE B 224 -0.85 -9.99 -19.66
N MET B 225 -1.11 -9.68 -20.91
CA MET B 225 -2.11 -10.35 -21.72
C MET B 225 -1.45 -11.32 -22.69
N PRO B 226 -2.16 -12.33 -23.16
CA PRO B 226 -1.51 -13.33 -24.04
C PRO B 226 -0.92 -12.74 -25.30
N GLU B 227 -1.45 -11.62 -25.79
CA GLU B 227 -0.95 -10.99 -27.01
C GLU B 227 0.10 -9.92 -26.76
N GLY B 228 0.45 -9.66 -25.51
CA GLY B 228 1.48 -8.69 -25.20
C GLY B 228 1.22 -8.02 -23.87
N THR B 229 2.20 -7.22 -23.44
CA THR B 229 2.11 -6.49 -22.20
C THR B 229 1.51 -5.12 -22.46
N VAL B 230 0.46 -4.78 -21.73
CA VAL B 230 -0.29 -3.54 -21.93
C VAL B 230 -0.07 -2.66 -20.71
N CYS B 231 0.55 -1.50 -20.94
CA CYS B 231 0.93 -0.60 -19.86
C CYS B 231 0.29 0.76 -20.06
N SER B 232 -0.24 1.34 -18.98
CA SER B 232 -0.87 2.65 -19.03
C SER B 232 0.11 3.79 -18.73
N GLN B 233 1.30 3.48 -18.23
CA GLN B 233 2.35 4.48 -18.05
C GLN B 233 3.62 4.03 -18.77
N ASN B 234 4.70 4.77 -18.60
CA ASN B 234 6.01 4.37 -19.10
C ASN B 234 6.59 3.33 -18.15
N ALA B 235 6.78 2.11 -18.65
CA ALA B 235 7.30 1.03 -17.82
C ALA B 235 8.81 0.86 -17.92
N LEU B 236 9.47 1.55 -18.86
CA LEU B 236 10.89 1.41 -19.06
C LEU B 236 11.62 2.49 -18.27
N TYR B 237 12.61 2.07 -17.48
CA TYR B 237 13.45 3.01 -16.77
C TYR B 237 14.86 2.44 -16.69
N PRO B 238 15.89 3.29 -16.60
CA PRO B 238 17.26 2.81 -16.81
C PRO B 238 17.72 1.80 -15.76
N MET B 239 18.59 0.90 -16.19
CA MET B 239 19.27 -0.05 -15.33
C MET B 239 20.69 0.41 -15.11
N SER B 240 21.19 0.25 -13.88
CA SER B 240 22.53 0.67 -13.55
C SER B 240 23.56 -0.15 -14.34
N PRO B 241 24.69 0.45 -14.70
CA PRO B 241 25.69 -0.27 -15.51
C PRO B 241 26.19 -1.55 -14.88
N LEU B 242 26.31 -1.60 -13.56
CA LEU B 242 26.77 -2.80 -12.88
C LEU B 242 25.78 -3.95 -13.06
N LEU B 243 24.48 -3.67 -12.96
CA LEU B 243 23.48 -4.71 -13.15
C LEU B 243 23.38 -5.14 -14.61
N GLN B 244 23.62 -4.22 -15.54
CA GLN B 244 23.68 -4.59 -16.95
C GLN B 244 24.86 -5.51 -17.23
N GLU B 245 25.96 -5.34 -16.49
CA GLU B 245 27.10 -6.24 -16.63
C GLU B 245 26.74 -7.66 -16.20
N CYS B 246 25.94 -7.79 -15.13
CA CYS B 246 25.45 -9.09 -14.71
C CYS B 246 24.66 -9.78 -15.82
N LEU B 247 23.69 -9.07 -16.41
CA LEU B 247 22.82 -9.69 -17.39
C LEU B 247 23.52 -9.92 -18.72
N ARG B 248 24.67 -9.29 -18.95
CA ARG B 248 25.44 -9.49 -20.17
C ARG B 248 26.50 -10.57 -20.03
N GLY B 249 26.60 -11.22 -18.87
CA GLY B 249 27.47 -12.37 -18.74
C GLY B 249 28.43 -12.36 -17.57
N SER B 250 28.63 -11.20 -16.95
CA SER B 250 29.59 -11.08 -15.86
C SER B 250 28.94 -11.57 -14.57
N THR B 251 29.24 -12.82 -14.20
CA THR B 251 28.63 -13.40 -13.01
C THR B 251 29.15 -12.79 -11.72
N LYS B 252 30.35 -12.19 -11.73
CA LYS B 252 30.88 -11.56 -10.54
C LYS B 252 30.17 -10.26 -10.21
N SER B 253 29.41 -9.69 -11.14
CA SER B 253 28.68 -8.46 -10.91
C SER B 253 27.28 -8.69 -10.37
N CYS B 254 26.88 -9.94 -10.17
CA CYS B 254 25.54 -10.27 -9.70
C CYS B 254 25.58 -10.47 -8.19
N ALA B 255 24.79 -9.70 -7.46
CA ALA B 255 24.70 -9.89 -6.03
C ALA B 255 23.92 -11.16 -5.71
N ARG B 256 24.19 -11.71 -4.53
CA ARG B 256 23.53 -12.92 -4.05
C ARG B 256 23.12 -12.72 -2.61
N THR B 257 22.09 -13.46 -2.19
CA THR B 257 21.53 -13.34 -0.87
C THR B 257 21.32 -14.73 -0.26
N LEU B 258 21.32 -14.79 1.06
CA LEU B 258 21.03 -16.05 1.72
C LEU B 258 19.54 -16.37 1.69
N VAL B 259 19.25 -17.66 1.80
CA VAL B 259 17.91 -18.22 1.67
C VAL B 259 17.45 -18.72 3.03
N SER B 260 16.18 -18.47 3.35
CA SER B 260 15.60 -18.93 4.58
C SER B 260 15.50 -20.46 4.59
N GLY B 261 14.98 -21.00 5.70
CA GLY B 261 14.89 -22.45 5.83
C GLY B 261 13.96 -23.08 4.83
N SER B 262 12.78 -22.49 4.63
CA SER B 262 11.79 -23.01 3.70
C SER B 262 11.79 -22.14 2.45
N PHE B 263 12.05 -22.75 1.30
CA PHE B 263 12.22 -22.02 0.05
C PHE B 263 11.56 -22.81 -1.08
N GLY B 264 10.82 -22.11 -1.93
CA GLY B 264 10.08 -22.74 -3.00
C GLY B 264 10.70 -22.65 -4.37
N ASN B 265 11.98 -22.29 -4.47
CA ASN B 265 12.66 -22.11 -5.75
C ASN B 265 13.94 -22.93 -5.80
N ARG B 266 13.82 -24.22 -5.48
CA ARG B 266 14.97 -25.12 -5.47
C ARG B 266 15.05 -25.97 -6.74
N PHE B 267 14.12 -25.79 -7.68
CA PHE B 267 14.21 -26.42 -8.98
C PHE B 267 13.33 -25.65 -9.94
N ILE B 268 13.63 -25.81 -11.24
CA ILE B 268 12.86 -25.17 -12.30
C ILE B 268 12.98 -26.01 -13.55
N LEU B 269 11.93 -25.98 -14.38
CA LEU B 269 11.92 -26.63 -15.67
C LEU B 269 12.22 -25.58 -16.74
N SER B 270 13.28 -25.79 -17.50
CA SER B 270 13.71 -24.81 -18.50
C SER B 270 14.14 -25.55 -19.76
N GLN B 271 13.47 -25.26 -20.87
CA GLN B 271 13.77 -25.87 -22.17
C GLN B 271 13.72 -27.39 -22.10
N GLY B 272 12.74 -27.92 -21.35
CA GLY B 272 12.60 -29.35 -21.19
C GLY B 272 13.58 -29.99 -20.25
N ASN B 273 14.54 -29.24 -19.72
CA ASN B 273 15.51 -29.73 -18.76
C ASN B 273 15.16 -29.22 -17.38
N LEU B 274 15.60 -29.96 -16.37
CA LEU B 274 15.32 -29.63 -14.98
C LEU B 274 16.60 -29.13 -14.33
N ILE B 275 16.57 -27.90 -13.85
CA ILE B 275 17.67 -27.30 -13.11
C ILE B 275 17.31 -27.33 -11.64
N ALA B 276 18.04 -28.11 -10.85
CA ALA B 276 17.67 -28.37 -9.46
C ALA B 276 18.86 -28.20 -8.53
N ASN B 277 18.60 -27.65 -7.35
CA ASN B 277 19.57 -27.64 -6.26
C ASN B 277 19.41 -28.96 -5.52
N CYS B 278 20.13 -29.98 -5.99
CA CYS B 278 19.96 -31.32 -5.44
C CYS B 278 20.66 -31.49 -4.09
N ALA B 279 21.41 -30.49 -3.64
CA ALA B 279 21.95 -30.52 -2.28
C ALA B 279 20.94 -30.03 -1.25
N SER B 280 19.86 -29.39 -1.67
CA SER B 280 18.85 -28.87 -0.75
C SER B 280 17.51 -29.57 -0.87
N ILE B 281 17.21 -30.19 -2.01
CA ILE B 281 16.07 -31.07 -2.15
C ILE B 281 16.59 -32.46 -2.53
N LEU B 282 15.71 -33.44 -2.46
CA LEU B 282 16.05 -34.80 -2.82
C LEU B 282 15.70 -35.04 -4.28
N CYS B 283 16.70 -35.38 -5.09
CA CYS B 283 16.51 -35.71 -6.50
C CYS B 283 16.79 -37.19 -6.68
N LYS B 284 15.84 -37.91 -7.25
CA LYS B 284 15.99 -39.33 -7.52
C LYS B 284 15.66 -39.61 -8.98
N CYS B 285 16.43 -40.48 -9.61
CA CYS B 285 16.14 -40.92 -10.97
C CYS B 285 15.10 -42.02 -10.89
N TYR B 286 13.90 -41.75 -11.41
CA TYR B 286 12.82 -42.74 -11.33
C TYR B 286 13.10 -43.94 -12.23
N THR B 287 13.75 -43.73 -13.37
CA THR B 287 14.00 -44.82 -14.30
C THR B 287 14.90 -45.89 -13.69
N THR B 288 15.94 -45.47 -12.97
CA THR B 288 16.91 -46.39 -12.40
C THR B 288 16.78 -46.54 -10.88
N GLY B 289 15.99 -45.70 -10.22
CA GLY B 289 15.85 -45.78 -8.79
C GLY B 289 17.02 -45.24 -8.00
N THR B 290 17.96 -44.57 -8.65
CA THR B 290 19.19 -44.11 -8.02
C THR B 290 19.06 -42.65 -7.59
N ILE B 291 19.47 -42.37 -6.36
CA ILE B 291 19.47 -40.99 -5.87
C ILE B 291 20.52 -40.19 -6.63
N ILE B 292 20.12 -39.02 -7.12
CA ILE B 292 21.04 -38.14 -7.83
C ILE B 292 21.76 -37.26 -6.80
N ASN B 293 23.07 -37.42 -6.71
CA ASN B 293 23.88 -36.71 -5.73
C ASN B 293 24.58 -35.53 -6.39
N GLN B 294 24.61 -34.40 -5.68
CA GLN B 294 25.24 -33.19 -6.17
C GLN B 294 26.64 -33.08 -5.59
N ASP B 295 27.64 -33.04 -6.46
CA ASP B 295 29.02 -32.96 -6.00
C ASP B 295 29.23 -31.67 -5.22
N PRO B 296 29.92 -31.73 -4.07
CA PRO B 296 30.12 -30.51 -3.28
C PRO B 296 30.93 -29.44 -3.99
N ASP B 297 31.68 -29.79 -5.03
CA ASP B 297 32.37 -28.82 -5.85
C ASP B 297 31.50 -28.24 -6.94
N LYS B 298 30.22 -28.61 -6.98
CA LYS B 298 29.25 -28.08 -7.92
C LYS B 298 28.11 -27.43 -7.15
N ILE B 299 27.51 -26.40 -7.73
CA ILE B 299 26.46 -25.65 -7.05
C ILE B 299 25.06 -25.97 -7.56
N LEU B 300 24.93 -26.51 -8.77
CA LEU B 300 23.63 -26.81 -9.34
C LEU B 300 23.70 -28.13 -10.08
N THR B 301 22.52 -28.68 -10.39
CA THR B 301 22.39 -29.91 -11.14
C THR B 301 21.52 -29.67 -12.36
N TYR B 302 21.98 -30.13 -13.51
CA TYR B 302 21.31 -29.93 -14.79
C TYR B 302 20.90 -31.31 -15.30
N ILE B 303 19.61 -31.61 -15.22
CA ILE B 303 19.10 -32.96 -15.48
C ILE B 303 18.46 -33.00 -16.86
N ALA B 304 18.90 -33.94 -17.69
CA ALA B 304 18.37 -34.15 -19.02
C ALA B 304 18.14 -35.63 -19.26
N ALA B 305 17.50 -35.94 -20.39
CA ALA B 305 17.11 -37.32 -20.67
C ALA B 305 18.28 -38.24 -20.94
N ASP B 306 19.44 -37.70 -21.34
CA ASP B 306 20.57 -38.55 -21.68
C ASP B 306 21.08 -39.33 -20.48
N HIS B 307 20.86 -38.82 -19.26
CA HIS B 307 21.26 -39.51 -18.05
C HIS B 307 20.10 -39.95 -17.18
N CYS B 308 18.93 -39.33 -17.30
CA CYS B 308 17.78 -39.67 -16.47
C CYS B 308 16.50 -39.29 -17.18
N PRO B 309 15.90 -40.21 -17.96
CA PRO B 309 14.69 -39.85 -18.71
C PRO B 309 13.53 -39.40 -17.84
N VAL B 310 13.36 -39.97 -16.67
CA VAL B 310 12.29 -39.61 -15.75
C VAL B 310 12.91 -39.39 -14.37
N VAL B 311 12.65 -38.23 -13.78
CA VAL B 311 13.32 -37.80 -12.56
C VAL B 311 12.28 -37.38 -11.54
N GLU B 312 12.55 -37.68 -10.27
CA GLU B 312 11.67 -37.29 -9.16
C GLU B 312 12.37 -36.23 -8.33
N VAL B 313 11.72 -35.07 -8.20
CA VAL B 313 12.21 -33.98 -7.37
C VAL B 313 11.07 -33.49 -6.48
N ASN B 314 11.35 -33.37 -5.18
CA ASN B 314 10.39 -32.82 -4.22
C ASN B 314 9.06 -33.57 -4.28
N GLY B 315 9.14 -34.88 -4.49
CA GLY B 315 7.94 -35.70 -4.57
C GLY B 315 7.13 -35.50 -5.83
N VAL B 316 7.73 -34.97 -6.89
CA VAL B 316 7.06 -34.76 -8.17
C VAL B 316 7.85 -35.50 -9.23
N THR B 317 7.14 -36.25 -10.08
CA THR B 317 7.76 -37.04 -11.13
C THR B 317 7.66 -36.26 -12.44
N ILE B 318 8.81 -35.99 -13.07
CA ILE B 318 8.89 -35.19 -14.28
C ILE B 318 9.70 -35.94 -15.32
N GLN B 319 9.19 -36.01 -16.54
CA GLN B 319 9.90 -36.59 -17.66
C GLN B 319 10.54 -35.46 -18.46
N VAL B 320 11.85 -35.53 -18.63
CA VAL B 320 12.63 -34.45 -19.22
C VAL B 320 13.03 -34.82 -20.64
N GLY B 321 13.47 -33.81 -21.39
CA GLY B 321 13.87 -33.97 -22.77
C GLY B 321 15.37 -34.02 -22.95
N SER B 322 15.81 -33.86 -24.19
CA SER B 322 17.23 -33.92 -24.53
C SER B 322 17.97 -32.74 -23.91
N ARG B 323 19.30 -32.88 -23.85
CA ARG B 323 20.12 -31.92 -23.11
C ARG B 323 20.14 -30.56 -23.80
N ARG B 324 19.86 -29.51 -23.03
CA ARG B 324 19.94 -28.14 -23.49
C ARG B 324 20.86 -27.30 -22.63
N TYR B 325 21.31 -27.80 -21.49
CA TYR B 325 22.26 -27.14 -20.61
C TYR B 325 23.44 -28.07 -20.38
N PRO B 326 24.67 -27.58 -20.48
CA PRO B 326 25.83 -28.45 -20.25
C PRO B 326 25.80 -29.05 -18.85
N ASP B 327 26.62 -30.08 -18.65
CA ASP B 327 26.78 -30.62 -17.31
C ASP B 327 27.37 -29.57 -16.39
N ALA B 328 27.00 -29.64 -15.12
CA ALA B 328 27.38 -28.61 -14.16
C ALA B 328 28.90 -28.47 -14.11
N VAL B 329 29.35 -27.23 -14.06
CA VAL B 329 30.77 -26.92 -13.99
C VAL B 329 31.14 -26.73 -12.54
N TYR B 330 32.43 -26.86 -12.24
CA TYR B 330 32.89 -26.77 -10.87
C TYR B 330 32.76 -25.34 -10.35
N LEU B 331 32.74 -25.22 -9.02
CA LEU B 331 32.62 -23.91 -8.39
C LEU B 331 33.82 -23.03 -8.71
N HIS B 332 35.01 -23.63 -8.81
CA HIS B 332 36.21 -22.85 -9.05
C HIS B 332 36.26 -22.26 -10.45
N ARG B 333 35.36 -22.66 -11.35
CA ARG B 333 35.26 -22.06 -12.67
C ARG B 333 34.11 -21.07 -12.77
N ILE B 334 33.49 -20.71 -11.65
CA ILE B 334 32.43 -19.71 -11.61
C ILE B 334 32.87 -18.61 -10.67
N ASP B 335 32.83 -17.36 -11.15
CA ASP B 335 33.08 -16.20 -10.32
C ASP B 335 31.77 -15.73 -9.73
N LEU B 336 31.68 -15.73 -8.40
CA LEU B 336 30.45 -15.37 -7.71
C LEU B 336 30.50 -13.91 -7.29
N GLY B 337 29.33 -13.28 -7.23
CA GLY B 337 29.23 -11.90 -6.87
C GLY B 337 29.21 -11.69 -5.37
N PRO B 338 29.10 -10.43 -4.98
CA PRO B 338 29.13 -10.09 -3.55
C PRO B 338 27.87 -10.53 -2.85
N PRO B 339 27.97 -11.03 -1.63
CA PRO B 339 26.77 -11.32 -0.84
C PRO B 339 26.16 -10.04 -0.29
N ILE B 340 24.84 -9.93 -0.41
CA ILE B 340 24.12 -8.76 0.06
C ILE B 340 22.92 -9.21 0.89
N SER B 341 22.36 -8.26 1.62
CA SER B 341 21.10 -8.44 2.34
C SER B 341 20.17 -7.32 1.92
N LEU B 342 18.97 -7.68 1.49
CA LEU B 342 18.06 -6.72 0.87
C LEU B 342 17.11 -6.04 1.86
N GLY B 343 17.23 -6.33 3.15
CA GLY B 343 16.43 -5.65 4.13
C GLY B 343 16.77 -4.17 4.22
N ARG B 344 15.75 -3.36 4.51
CA ARG B 344 15.95 -1.91 4.59
C ARG B 344 16.92 -1.56 5.72
N LEU B 345 16.76 -2.19 6.87
CA LEU B 345 17.60 -1.85 8.02
C LEU B 345 18.97 -2.50 7.92
N ASP B 346 19.08 -3.63 7.20
CA ASP B 346 20.38 -4.22 6.93
C ASP B 346 21.18 -3.35 5.98
N VAL B 347 20.52 -2.71 5.01
CA VAL B 347 21.22 -1.83 4.09
C VAL B 347 21.78 -0.62 4.82
N GLY B 348 20.96 0.02 5.66
CA GLY B 348 21.42 1.19 6.39
C GLY B 348 22.53 0.88 7.36
N THR B 349 22.44 -0.24 8.07
CA THR B 349 23.48 -0.63 9.00
C THR B 349 24.81 -0.86 8.30
N ASN B 350 24.78 -1.53 7.15
CA ASN B 350 26.02 -1.84 6.45
C ASN B 350 26.60 -0.62 5.72
N LEU B 351 25.72 0.23 5.17
CA LEU B 351 26.20 1.45 4.54
C LEU B 351 26.82 2.40 5.56
N GLY B 352 26.24 2.49 6.76
CA GLY B 352 26.84 3.30 7.81
C GLY B 352 28.21 2.81 8.20
N ASN B 353 28.38 1.49 8.28
CA ASN B 353 29.70 0.92 8.55
C ASN B 353 30.68 1.23 7.42
N ALA B 354 30.22 1.15 6.18
CA ALA B 354 31.10 1.40 5.04
C ALA B 354 31.52 2.87 4.98
N ILE B 355 30.59 3.79 5.20
CA ILE B 355 30.91 5.22 5.13
C ILE B 355 31.82 5.60 6.29
N ALA B 356 31.61 5.01 7.46
CA ALA B 356 32.49 5.28 8.59
C ALA B 356 33.93 4.87 8.29
N LYS B 357 34.11 3.74 7.58
CA LYS B 357 35.44 3.34 7.17
C LYS B 357 36.05 4.33 6.18
N LEU B 358 35.23 4.85 5.27
CA LEU B 358 35.73 5.75 4.23
C LEU B 358 36.18 7.08 4.81
N GLU B 359 35.43 7.61 5.80
CA GLU B 359 35.80 8.87 6.40
C GLU B 359 36.82 8.73 7.51
N ASP B 360 37.13 7.51 7.94
CA ASP B 360 38.31 7.28 8.78
C ASP B 360 39.59 7.26 7.97
N ALA B 361 39.49 7.09 6.65
CA ALA B 361 40.64 7.12 5.75
C ALA B 361 40.50 8.25 4.73
N LYS B 362 39.91 9.37 5.15
CA LYS B 362 39.74 10.50 4.25
C LYS B 362 41.09 11.04 3.80
N GLU B 363 42.03 11.18 4.74
CA GLU B 363 43.35 11.71 4.40
C GLU B 363 44.12 10.77 3.49
N LEU B 364 43.99 9.46 3.72
CA LEU B 364 44.69 8.49 2.88
C LEU B 364 44.14 8.50 1.45
N LEU B 365 42.82 8.50 1.30
CA LEU B 365 42.22 8.35 -0.03
C LEU B 365 42.42 9.61 -0.87
N GLU B 366 42.35 10.79 -0.26
CA GLU B 366 42.55 12.02 -1.00
C GLU B 366 43.98 12.14 -1.51
N SER B 367 44.96 11.71 -0.70
CA SER B 367 46.37 11.79 -1.07
C SER B 367 46.83 10.49 -1.73
N SER B 368 46.14 10.11 -2.80
CA SER B 368 46.47 8.88 -3.52
C SER B 368 47.49 9.10 -4.62
N ASP B 369 47.55 10.31 -5.19
CA ASP B 369 48.55 10.59 -6.22
C ASP B 369 49.95 10.73 -5.64
N GLN B 370 50.09 11.22 -4.40
CA GLN B 370 51.40 11.22 -3.75
C GLN B 370 51.85 9.82 -3.37
N ILE B 371 50.96 8.84 -3.35
CA ILE B 371 51.33 7.47 -3.04
C ILE B 371 51.67 6.68 -4.30
N LEU B 372 50.85 6.82 -5.35
CA LEU B 372 51.11 6.10 -6.59
C LEU B 372 52.41 6.56 -7.23
N ARG B 373 52.72 7.86 -7.16
CA ARG B 373 53.97 8.37 -7.71
C ARG B 373 55.17 7.76 -7.00
N SER B 374 55.11 7.66 -5.68
CA SER B 374 56.18 7.06 -4.91
C SER B 374 56.03 5.54 -4.85
N GLN C 24 21.24 -15.72 21.04
CA GLN C 24 22.00 -15.14 22.15
C GLN C 24 22.04 -13.61 22.10
N ILE C 25 20.87 -12.99 22.28
CA ILE C 25 20.78 -11.54 22.37
C ILE C 25 21.39 -11.08 23.68
N HIS C 26 22.30 -10.10 23.60
CA HIS C 26 22.96 -9.53 24.76
C HIS C 26 22.13 -8.36 25.26
N TRP C 27 21.22 -8.63 26.19
CA TRP C 27 20.32 -7.60 26.67
C TRP C 27 21.06 -6.55 27.49
N GLY C 28 22.14 -6.93 28.17
CA GLY C 28 22.86 -5.97 28.99
C GLY C 28 23.49 -4.84 28.19
N ASN C 29 24.16 -5.18 27.09
CA ASN C 29 24.76 -4.15 26.26
C ASN C 29 23.71 -3.39 25.45
N LEU C 30 22.62 -4.04 25.07
CA LEU C 30 21.60 -3.34 24.30
C LEU C 30 20.92 -2.26 25.12
N SER C 31 20.76 -2.48 26.43
CA SER C 31 20.14 -1.47 27.28
C SER C 31 21.03 -0.26 27.48
N LYS C 32 22.34 -0.41 27.28
CA LYS C 32 23.24 0.73 27.40
C LYS C 32 23.05 1.74 26.28
N ILE C 33 22.43 1.34 25.19
CA ILE C 33 22.10 2.25 24.10
C ILE C 33 20.59 2.33 23.88
N GLY C 34 19.81 1.98 24.91
CA GLY C 34 18.39 2.24 24.89
C GLY C 34 17.51 1.23 24.19
N VAL C 35 17.93 -0.03 24.12
CA VAL C 35 17.15 -1.09 23.47
C VAL C 35 16.78 -2.12 24.52
N VAL C 36 15.49 -2.43 24.62
CA VAL C 36 14.99 -3.44 25.54
C VAL C 36 14.01 -4.35 24.82
N GLY C 37 13.82 -5.54 25.37
CA GLY C 37 12.79 -6.45 24.90
C GLY C 37 11.51 -6.25 25.69
N ILE C 38 10.40 -6.16 24.97
CA ILE C 38 9.12 -5.86 25.59
C ILE C 38 8.11 -6.99 25.38
N GLY C 39 8.58 -8.20 25.07
CA GLY C 39 7.68 -9.32 24.92
C GLY C 39 8.21 -10.39 23.99
N SER C 40 8.03 -11.65 24.38
CA SER C 40 8.43 -12.78 23.57
C SER C 40 7.24 -13.69 23.34
N ALA C 41 7.24 -14.36 22.19
CA ALA C 41 6.13 -15.25 21.83
C ALA C 41 6.70 -16.44 21.07
N SER C 42 5.91 -17.52 21.05
CA SER C 42 6.26 -18.67 20.25
C SER C 42 5.84 -18.44 18.80
N TYR C 43 6.38 -19.27 17.92
CA TYR C 43 6.19 -19.14 16.48
C TYR C 43 5.42 -20.35 15.96
N LYS C 44 4.33 -20.10 15.25
CA LYS C 44 3.46 -21.16 14.75
C LYS C 44 3.22 -20.97 13.26
N VAL C 45 3.40 -22.04 12.50
CA VAL C 45 3.19 -22.02 11.06
C VAL C 45 1.98 -22.89 10.73
N MET C 46 1.59 -22.87 9.46
CA MET C 46 0.40 -23.56 8.99
C MET C 46 0.77 -24.66 8.00
N THR C 47 0.08 -25.79 8.10
CA THR C 47 0.18 -26.85 7.12
C THR C 47 -1.22 -27.37 6.83
N ARG C 48 -1.45 -27.79 5.59
CA ARG C 48 -2.75 -28.24 5.12
C ARG C 48 -2.74 -29.76 4.97
N SER C 49 -3.72 -30.42 5.58
CA SER C 49 -3.83 -31.86 5.52
C SER C 49 -4.93 -32.33 4.58
N SER C 50 -6.12 -31.74 4.66
CA SER C 50 -7.25 -32.14 3.83
C SER C 50 -7.82 -30.90 3.14
N HIS C 51 -8.50 -31.14 2.01
CA HIS C 51 -9.09 -30.09 1.22
C HIS C 51 -10.57 -30.37 1.02
N GLN C 52 -11.35 -29.30 0.93
CA GLN C 52 -12.78 -29.38 0.65
C GLN C 52 -13.08 -28.70 -0.68
N SER C 53 -14.24 -29.00 -1.24
CA SER C 53 -14.66 -28.43 -2.51
C SER C 53 -15.66 -27.32 -2.29
N LEU C 54 -15.46 -26.21 -2.99
CA LEU C 54 -16.36 -25.07 -2.95
C LEU C 54 -16.61 -24.65 -4.39
N VAL C 55 -17.87 -24.73 -4.83
CA VAL C 55 -18.24 -24.37 -6.19
C VAL C 55 -18.99 -23.05 -6.16
N ILE C 56 -18.56 -22.10 -6.98
CA ILE C 56 -19.22 -20.82 -7.13
C ILE C 56 -20.22 -20.96 -8.26
N LYS C 57 -21.51 -21.03 -7.91
CA LYS C 57 -22.58 -21.18 -8.89
C LYS C 57 -22.91 -19.79 -9.43
N LEU C 58 -22.50 -19.52 -10.68
CA LEU C 58 -22.65 -18.20 -11.25
C LEU C 58 -24.01 -17.96 -11.88
N MET C 59 -24.83 -18.99 -12.07
CA MET C 59 -26.13 -18.85 -12.68
C MET C 59 -27.21 -18.91 -11.61
N PRO C 60 -27.91 -17.83 -11.32
CA PRO C 60 -28.97 -17.87 -10.31
C PRO C 60 -30.23 -18.58 -10.81
N ASN C 61 -30.99 -19.11 -9.86
CA ASN C 61 -32.31 -19.68 -10.14
C ASN C 61 -33.31 -18.53 -10.21
N ILE C 62 -33.88 -18.31 -11.39
CA ILE C 62 -34.77 -17.18 -11.62
C ILE C 62 -36.13 -17.69 -12.07
N THR C 63 -36.48 -18.91 -11.65
CA THR C 63 -37.70 -19.55 -12.12
C THR C 63 -38.95 -18.79 -11.67
N LEU C 64 -38.97 -18.34 -10.43
CA LEU C 64 -40.13 -17.64 -9.90
C LEU C 64 -40.19 -16.19 -10.35
N LEU C 65 -39.21 -15.72 -11.10
CA LEU C 65 -39.22 -14.38 -11.67
C LEU C 65 -39.82 -14.34 -13.07
N ASN C 66 -40.29 -15.48 -13.58
CA ASN C 66 -40.92 -15.60 -14.91
C ASN C 66 -39.89 -15.15 -15.96
N ASN C 67 -40.31 -14.46 -17.02
CA ASN C 67 -39.41 -14.02 -18.07
C ASN C 67 -38.94 -12.58 -17.86
N CYS C 68 -39.02 -12.09 -16.63
CA CYS C 68 -38.75 -10.68 -16.36
C CYS C 68 -37.30 -10.31 -16.53
N THR C 69 -36.39 -11.27 -16.59
CA THR C 69 -34.96 -11.00 -16.56
C THR C 69 -34.23 -11.72 -17.69
N ARG C 70 -34.85 -11.81 -18.86
CA ARG C 70 -34.19 -12.48 -19.99
C ARG C 70 -33.02 -11.67 -20.51
N VAL C 71 -33.23 -10.38 -20.76
CA VAL C 71 -32.20 -9.55 -21.38
C VAL C 71 -31.00 -9.41 -20.45
N GLU C 72 -31.26 -9.16 -19.16
CA GLU C 72 -30.18 -8.95 -18.21
C GLU C 72 -29.34 -10.22 -18.02
N ILE C 73 -29.99 -11.38 -17.99
CA ILE C 73 -29.26 -12.63 -17.80
C ILE C 73 -28.40 -12.94 -19.01
N ALA C 74 -28.91 -12.66 -20.21
CA ALA C 74 -28.13 -12.89 -21.42
C ALA C 74 -26.88 -12.01 -21.45
N GLU C 75 -27.01 -10.73 -21.06
CA GLU C 75 -25.85 -9.86 -20.99
C GLU C 75 -24.88 -10.31 -19.90
N TYR C 76 -25.42 -10.81 -18.78
CA TYR C 76 -24.58 -11.31 -17.71
C TYR C 76 -23.79 -12.53 -18.14
N ARG C 77 -24.41 -13.44 -18.89
CA ARG C 77 -23.71 -14.62 -19.38
C ARG C 77 -22.63 -14.25 -20.39
N ARG C 78 -22.92 -13.28 -21.25
CA ARG C 78 -21.95 -12.85 -22.25
C ARG C 78 -20.71 -12.24 -21.58
N LEU C 79 -20.91 -11.46 -20.52
CA LEU C 79 -19.78 -10.88 -19.81
C LEU C 79 -18.97 -11.94 -19.07
N LEU C 80 -19.64 -12.95 -18.53
CA LEU C 80 -18.95 -14.00 -17.80
C LEU C 80 -18.00 -14.80 -18.70
N ARG C 81 -18.34 -14.93 -19.98
CA ARG C 81 -17.53 -15.72 -20.89
C ARG C 81 -16.14 -15.12 -21.08
N THR C 82 -16.05 -13.79 -21.12
CA THR C 82 -14.76 -13.14 -21.34
C THR C 82 -13.79 -13.38 -20.20
N VAL C 83 -14.27 -13.81 -19.04
CA VAL C 83 -13.43 -14.11 -17.89
C VAL C 83 -13.21 -15.61 -17.74
N LEU C 84 -14.24 -16.41 -18.00
CA LEU C 84 -14.14 -17.84 -17.72
C LEU C 84 -13.32 -18.57 -18.78
N GLU C 85 -13.45 -18.17 -20.04
CA GLU C 85 -12.73 -18.86 -21.11
C GLU C 85 -11.22 -18.79 -20.96
N PRO C 86 -10.59 -17.64 -20.67
CA PRO C 86 -9.13 -17.65 -20.48
C PRO C 86 -8.66 -18.55 -19.35
N ILE C 87 -9.41 -18.63 -18.25
CA ILE C 87 -9.00 -19.48 -17.14
C ILE C 87 -9.14 -20.95 -17.52
N ARG C 88 -10.23 -21.31 -18.20
CA ARG C 88 -10.43 -22.69 -18.61
C ARG C 88 -9.33 -23.14 -19.57
N ASP C 89 -8.88 -22.24 -20.44
CA ASP C 89 -7.79 -22.57 -21.35
C ASP C 89 -6.49 -22.79 -20.60
N ALA C 90 -6.20 -21.95 -19.60
CA ALA C 90 -5.00 -22.15 -18.80
C ALA C 90 -5.05 -23.46 -18.04
N LEU C 91 -6.22 -23.81 -17.47
CA LEU C 91 -6.35 -25.07 -16.76
C LEU C 91 -6.17 -26.26 -17.69
N ASN C 92 -6.72 -26.19 -18.90
CA ASN C 92 -6.62 -27.30 -19.83
C ASN C 92 -5.21 -27.45 -20.38
N ALA C 93 -4.46 -26.35 -20.47
CA ALA C 93 -3.09 -26.44 -20.97
C ALA C 93 -2.21 -27.26 -20.04
N MET C 94 -2.38 -27.09 -18.73
CA MET C 94 -1.57 -27.84 -17.77
C MET C 94 -2.03 -29.28 -17.68
N THR C 95 -3.33 -29.53 -17.72
CA THR C 95 -3.85 -30.88 -17.55
C THR C 95 -3.45 -31.79 -18.70
N GLN C 96 -3.32 -31.25 -19.91
CA GLN C 96 -2.92 -32.08 -21.04
C GLN C 96 -1.50 -32.60 -20.93
N ASN C 97 -0.67 -32.00 -20.06
CA ASN C 97 0.71 -32.44 -19.87
C ASN C 97 0.86 -33.42 -18.71
N ILE C 98 -0.23 -33.76 -18.02
CA ILE C 98 -0.19 -34.70 -16.90
C ILE C 98 -0.65 -36.05 -17.41
N ARG C 99 0.20 -37.06 -17.27
CA ARG C 99 -0.07 -38.38 -17.82
C ARG C 99 0.00 -39.43 -16.72
N PRO C 100 -0.71 -40.55 -16.90
CA PRO C 100 -0.57 -41.66 -15.95
C PRO C 100 0.87 -42.19 -15.92
N VAL C 101 1.30 -42.62 -14.73
CA VAL C 101 2.68 -43.02 -14.54
C VAL C 101 3.06 -44.20 -15.43
N GLN C 102 2.09 -45.01 -15.82
CA GLN C 102 2.36 -46.14 -16.71
C GLN C 102 2.07 -45.78 -18.16
N GLY D 3 -0.81 -41.96 -9.18
CA GLY D 3 0.51 -41.66 -9.69
C GLY D 3 0.50 -41.09 -11.10
N VAL D 4 1.01 -39.87 -11.24
CA VAL D 4 1.03 -39.19 -12.53
C VAL D 4 2.43 -38.65 -12.79
N VAL D 5 2.74 -38.44 -14.06
CA VAL D 5 4.03 -37.92 -14.49
C VAL D 5 3.79 -36.66 -15.32
N LEU D 6 4.57 -35.62 -15.05
CA LEU D 6 4.52 -34.39 -15.82
C LEU D 6 5.39 -34.54 -17.07
N ALA D 7 4.85 -34.13 -18.22
CA ALA D 7 5.60 -34.16 -19.48
C ALA D 7 6.37 -32.86 -19.60
N GLY D 8 7.60 -32.86 -19.06
CA GLY D 8 8.39 -31.65 -19.05
C GLY D 8 8.83 -31.19 -20.43
N ALA D 9 9.14 -32.15 -21.31
CA ALA D 9 9.59 -31.78 -22.65
C ALA D 9 8.49 -31.06 -23.42
N ALA D 10 7.24 -31.52 -23.28
CA ALA D 10 6.13 -30.83 -23.93
C ALA D 10 5.81 -29.51 -23.23
N LEU D 11 5.87 -29.50 -21.90
CA LEU D 11 5.60 -28.27 -21.16
C LEU D 11 6.66 -27.21 -21.43
N GLY D 12 7.93 -27.61 -21.52
CA GLY D 12 8.99 -26.69 -21.86
C GLY D 12 9.56 -25.93 -20.68
N VAL D 13 8.77 -25.01 -20.12
CA VAL D 13 9.21 -24.15 -19.03
C VAL D 13 8.11 -24.07 -17.99
N ALA D 14 8.50 -24.12 -16.71
CA ALA D 14 7.57 -24.01 -15.60
C ALA D 14 8.36 -23.84 -14.31
N THR D 15 7.83 -23.02 -13.41
CA THR D 15 8.47 -22.84 -12.11
C THR D 15 8.05 -23.98 -11.17
N ALA D 16 8.71 -24.03 -10.00
CA ALA D 16 8.39 -25.05 -9.01
C ALA D 16 6.96 -24.90 -8.51
N ALA D 17 6.49 -23.66 -8.36
CA ALA D 17 5.12 -23.43 -7.91
C ALA D 17 4.10 -23.92 -8.93
N GLN D 18 4.34 -23.67 -10.23
CA GLN D 18 3.41 -24.15 -11.24
C GLN D 18 3.41 -25.67 -11.33
N ILE D 19 4.58 -26.30 -11.24
CA ILE D 19 4.66 -27.75 -11.32
C ILE D 19 3.93 -28.39 -10.14
N THR D 20 4.20 -27.88 -8.93
CA THR D 20 3.57 -28.44 -7.74
C THR D 20 2.06 -28.24 -7.77
N ALA D 21 1.60 -27.05 -8.18
CA ALA D 21 0.17 -26.80 -8.25
C ALA D 21 -0.46 -27.57 -9.40
N GLY D 22 0.25 -27.72 -10.52
CA GLY D 22 -0.30 -28.47 -11.63
C GLY D 22 -0.47 -29.94 -11.33
N ILE D 23 0.52 -30.55 -10.67
CA ILE D 23 0.43 -31.95 -10.32
C ILE D 23 -0.65 -32.16 -9.26
N ALA D 24 -0.77 -31.22 -8.32
CA ALA D 24 -1.84 -31.29 -7.33
C ALA D 24 -3.22 -31.17 -7.97
N LEU D 25 -3.30 -30.66 -9.20
CA LEU D 25 -4.57 -30.59 -9.92
C LEU D 25 -4.85 -31.93 -10.60
N HIS D 26 -4.68 -33.01 -9.87
CA HIS D 26 -5.12 -34.33 -10.30
C HIS D 26 -5.77 -35.14 -9.18
N GLN D 27 -5.46 -34.84 -7.91
CA GLN D 27 -6.14 -35.44 -6.78
C GLN D 27 -7.28 -34.58 -6.26
N SER D 28 -7.20 -33.27 -6.45
CA SER D 28 -8.22 -32.35 -5.98
C SER D 28 -9.25 -32.00 -7.04
N MET D 29 -9.13 -32.52 -8.25
CA MET D 29 -10.06 -32.20 -9.33
C MET D 29 -11.07 -33.32 -9.50
N LEU D 30 -12.35 -32.96 -9.46
CA LEU D 30 -13.41 -33.94 -9.64
C LEU D 30 -13.35 -34.53 -11.04
N ASN D 31 -13.53 -35.85 -11.11
CA ASN D 31 -13.45 -36.54 -12.39
C ASN D 31 -14.66 -36.19 -13.26
N SER D 32 -14.66 -36.71 -14.49
CA SER D 32 -15.66 -36.31 -15.46
C SER D 32 -17.09 -36.68 -15.02
N GLN D 33 -17.23 -37.76 -14.26
CA GLN D 33 -18.56 -38.16 -13.82
C GLN D 33 -19.06 -37.26 -12.70
N ALA D 34 -18.17 -36.87 -11.78
CA ALA D 34 -18.57 -35.99 -10.68
C ALA D 34 -18.94 -34.60 -11.18
N ILE D 35 -18.32 -34.14 -12.28
CA ILE D 35 -18.68 -32.86 -12.85
C ILE D 35 -20.08 -32.92 -13.46
N ASP D 36 -20.41 -34.02 -14.12
CA ASP D 36 -21.75 -34.17 -14.69
C ASP D 36 -22.80 -34.25 -13.59
N ASN D 37 -22.51 -34.94 -12.50
CA ASN D 37 -23.43 -34.99 -11.38
C ASN D 37 -23.58 -33.61 -10.73
N LEU D 38 -22.47 -32.90 -10.57
CA LEU D 38 -22.52 -31.57 -9.97
C LEU D 38 -23.33 -30.60 -10.82
N ARG D 39 -23.16 -30.67 -12.14
CA ARG D 39 -23.87 -29.77 -13.04
C ARG D 39 -25.38 -29.97 -12.94
N ALA D 40 -25.83 -31.23 -12.95
CA ALA D 40 -27.26 -31.51 -12.84
C ALA D 40 -27.78 -31.16 -11.44
N SER D 41 -26.97 -31.38 -10.42
CA SER D 41 -27.39 -31.08 -9.05
C SER D 41 -27.47 -29.58 -8.80
N LEU D 42 -26.60 -28.80 -9.44
CA LEU D 42 -26.63 -27.35 -9.28
C LEU D 42 -27.91 -26.75 -9.84
N GLU D 43 -28.44 -27.33 -10.93
CA GLU D 43 -29.61 -26.76 -11.57
C GLU D 43 -30.87 -26.86 -10.72
N THR D 44 -30.93 -27.79 -9.77
CA THR D 44 -32.14 -27.99 -8.98
C THR D 44 -32.19 -27.15 -7.73
N THR D 45 -31.11 -26.49 -7.35
CA THR D 45 -31.08 -25.73 -6.10
C THR D 45 -31.48 -24.29 -6.33
N ASN D 46 -32.01 -23.66 -5.28
CA ASN D 46 -32.45 -22.27 -5.35
C ASN D 46 -32.05 -21.47 -4.12
N GLN D 47 -31.05 -21.91 -3.38
CA GLN D 47 -30.62 -21.24 -2.16
C GLN D 47 -29.24 -20.63 -2.35
N ALA D 48 -28.93 -19.64 -1.51
CA ALA D 48 -27.65 -18.95 -1.61
C ALA D 48 -26.49 -19.88 -1.26
N ILE D 49 -26.64 -20.70 -0.23
CA ILE D 49 -25.60 -21.63 0.20
C ILE D 49 -26.22 -23.01 0.34
N GLU D 50 -25.60 -24.00 -0.33
CA GLU D 50 -26.16 -25.34 -0.38
C GLU D 50 -25.05 -26.38 -0.33
N ALA D 51 -25.30 -27.46 0.42
CA ALA D 51 -24.43 -28.63 0.41
C ALA D 51 -25.02 -29.68 -0.50
N ILE D 52 -24.16 -30.37 -1.25
CA ILE D 52 -24.61 -31.25 -2.32
C ILE D 52 -24.75 -32.70 -1.85
N ARG D 53 -23.77 -33.22 -1.11
CA ARG D 53 -23.78 -34.60 -0.62
C ARG D 53 -23.88 -35.61 -1.78
N GLN D 54 -22.81 -35.64 -2.58
CA GLN D 54 -22.72 -36.56 -3.71
C GLN D 54 -22.39 -37.97 -3.22
N ALA D 55 -23.37 -38.57 -2.53
CA ALA D 55 -23.33 -39.97 -2.08
C ALA D 55 -22.06 -40.18 -1.24
N GLY D 56 -21.29 -41.24 -1.49
CA GLY D 56 -20.10 -41.52 -0.71
C GLY D 56 -18.89 -40.70 -1.13
N GLN D 57 -19.06 -39.38 -1.13
CA GLN D 57 -18.00 -38.45 -1.52
C GLN D 57 -18.00 -37.29 -0.53
N GLY D 58 -16.85 -36.64 -0.41
CA GLY D 58 -16.78 -35.44 0.41
C GLY D 58 -17.77 -34.40 -0.08
N MET D 59 -18.37 -33.69 0.88
CA MET D 59 -19.42 -32.74 0.56
C MET D 59 -18.88 -31.59 -0.28
N ILE D 60 -19.71 -31.10 -1.19
CA ILE D 60 -19.40 -29.93 -2.01
C ILE D 60 -20.35 -28.82 -1.60
N LEU D 61 -19.79 -27.65 -1.31
CA LEU D 61 -20.56 -26.49 -0.89
C LEU D 61 -20.79 -25.58 -2.08
N ALA D 62 -22.06 -25.38 -2.44
CA ALA D 62 -22.44 -24.56 -3.58
C ALA D 62 -22.89 -23.18 -3.08
N VAL D 63 -22.32 -22.14 -3.66
CA VAL D 63 -22.61 -20.76 -3.25
C VAL D 63 -23.05 -19.97 -4.48
N GLN D 64 -24.22 -19.35 -4.40
CA GLN D 64 -24.75 -18.51 -5.46
C GLN D 64 -24.78 -17.07 -4.97
N GLY D 65 -24.17 -16.18 -5.74
CA GLY D 65 -23.82 -14.84 -5.25
C GLY D 65 -24.96 -13.86 -5.13
N VAL D 66 -26.07 -14.06 -5.84
CA VAL D 66 -27.16 -13.10 -5.82
C VAL D 66 -28.48 -13.73 -5.43
N GLN D 67 -28.44 -14.98 -4.96
CA GLN D 67 -29.68 -15.68 -4.66
C GLN D 67 -30.41 -15.09 -3.45
N ASP D 68 -29.68 -14.58 -2.46
CA ASP D 68 -30.33 -13.95 -1.33
C ASP D 68 -31.14 -12.73 -1.75
N TYR D 69 -30.60 -11.93 -2.67
CA TYR D 69 -31.34 -10.79 -3.17
C TYR D 69 -32.59 -11.21 -3.93
N ILE D 70 -32.48 -12.25 -4.76
CA ILE D 70 -33.63 -12.72 -5.52
C ILE D 70 -34.70 -13.29 -4.58
N ASN D 71 -34.29 -14.08 -3.59
CA ASN D 71 -35.25 -14.74 -2.73
C ASN D 71 -35.87 -13.78 -1.72
N ASN D 72 -35.08 -12.84 -1.21
CA ASN D 72 -35.54 -11.98 -0.13
C ASN D 72 -36.16 -10.67 -0.62
N GLU D 73 -35.81 -10.19 -1.81
CA GLU D 73 -36.27 -8.89 -2.27
C GLU D 73 -37.14 -8.97 -3.51
N LEU D 74 -36.72 -9.71 -4.53
CA LEU D 74 -37.42 -9.67 -5.81
C LEU D 74 -38.67 -10.55 -5.82
N ILE D 75 -38.54 -11.81 -5.41
CA ILE D 75 -39.67 -12.73 -5.45
C ILE D 75 -40.84 -12.27 -4.58
N PRO D 76 -40.63 -11.83 -3.33
CA PRO D 76 -41.79 -11.36 -2.55
C PRO D 76 -42.53 -10.19 -3.19
N SER D 77 -41.86 -9.34 -3.96
CA SER D 77 -42.48 -8.19 -4.59
C SER D 77 -42.78 -8.44 -6.07
N MET D 78 -43.07 -9.69 -6.45
CA MET D 78 -43.31 -9.99 -7.86
C MET D 78 -44.66 -9.46 -8.31
N ASN D 79 -45.68 -9.53 -7.44
CA ASN D 79 -46.99 -9.01 -7.81
C ASN D 79 -47.02 -7.50 -7.81
N GLN D 80 -46.36 -6.86 -6.84
CA GLN D 80 -46.43 -5.41 -6.71
C GLN D 80 -45.68 -4.71 -7.83
N LEU D 81 -44.52 -5.23 -8.22
CA LEU D 81 -43.65 -4.56 -9.17
C LEU D 81 -43.92 -5.05 -10.58
N SER D 82 -43.73 -4.16 -11.55
CA SER D 82 -43.86 -4.52 -12.95
C SER D 82 -42.71 -5.41 -13.39
N CYS D 83 -42.94 -6.16 -14.46
CA CYS D 83 -41.92 -7.07 -14.98
C CYS D 83 -40.67 -6.30 -15.41
N ASP D 84 -40.86 -5.12 -16.01
CA ASP D 84 -39.72 -4.31 -16.42
C ASP D 84 -38.88 -3.88 -15.22
N LEU D 85 -39.54 -3.50 -14.12
CA LEU D 85 -38.81 -3.08 -12.93
C LEU D 85 -38.04 -4.23 -12.30
N ILE D 86 -38.62 -5.43 -12.29
CA ILE D 86 -37.93 -6.59 -11.74
C ILE D 86 -36.65 -6.87 -12.51
N GLY D 87 -36.69 -6.75 -13.84
CA GLY D 87 -35.50 -6.97 -14.64
C GLY D 87 -34.42 -5.94 -14.40
N GLN D 88 -34.81 -4.67 -14.28
CA GLN D 88 -33.82 -3.61 -14.07
C GLN D 88 -33.13 -3.77 -12.72
N LYS D 89 -33.88 -4.13 -11.68
CA LYS D 89 -33.28 -4.27 -10.36
C LYS D 89 -32.28 -5.42 -10.32
N LEU D 90 -32.62 -6.56 -10.93
CA LEU D 90 -31.68 -7.68 -10.96
C LEU D 90 -30.47 -7.38 -11.83
N GLY D 91 -30.66 -6.66 -12.93
CA GLY D 91 -29.54 -6.30 -13.78
C GLY D 91 -28.50 -5.47 -13.07
N LEU D 92 -28.92 -4.60 -12.15
CA LEU D 92 -27.96 -3.83 -11.37
C LEU D 92 -27.06 -4.74 -10.53
N LYS D 93 -27.66 -5.74 -9.86
CA LYS D 93 -26.87 -6.62 -9.02
C LYS D 93 -26.00 -7.56 -9.85
N LEU D 94 -26.50 -7.99 -11.02
CA LEU D 94 -25.73 -8.89 -11.86
C LEU D 94 -24.46 -8.21 -12.38
N LEU D 95 -24.57 -6.96 -12.81
CA LEU D 95 -23.41 -6.24 -13.31
C LEU D 95 -22.40 -5.98 -12.20
N ARG D 96 -22.87 -5.64 -11.01
CA ARG D 96 -21.96 -5.45 -9.89
C ARG D 96 -21.30 -6.75 -9.48
N TYR D 97 -22.03 -7.86 -9.55
CA TYR D 97 -21.42 -9.16 -9.29
C TYR D 97 -20.38 -9.51 -10.35
N TYR D 98 -20.66 -9.20 -11.62
CA TYR D 98 -19.69 -9.46 -12.67
C TYR D 98 -18.41 -8.66 -12.45
N THR D 99 -18.53 -7.43 -11.96
CA THR D 99 -17.35 -6.60 -11.72
C THR D 99 -16.43 -7.24 -10.70
N GLU D 100 -16.99 -7.84 -9.65
CA GLU D 100 -16.17 -8.51 -8.65
C GLU D 100 -15.57 -9.81 -9.18
N ILE D 101 -16.29 -10.51 -10.06
CA ILE D 101 -15.72 -11.68 -10.71
C ILE D 101 -14.55 -11.29 -11.59
N LEU D 102 -14.71 -10.22 -12.38
CA LEU D 102 -13.63 -9.73 -13.21
C LEU D 102 -12.45 -9.26 -12.37
N SER D 103 -12.74 -8.60 -11.24
CA SER D 103 -11.67 -8.12 -10.36
C SER D 103 -10.88 -9.28 -9.77
N LEU D 104 -11.53 -10.42 -9.54
CA LEU D 104 -10.92 -11.55 -8.86
C LEU D 104 -10.32 -12.57 -9.82
N PHE D 105 -10.97 -12.86 -10.94
CA PHE D 105 -10.55 -13.90 -11.86
C PHE D 105 -10.14 -13.36 -13.22
N GLY D 106 -9.99 -12.05 -13.37
CA GLY D 106 -9.65 -11.46 -14.64
C GLY D 106 -8.16 -11.48 -14.92
N PRO D 107 -7.72 -10.66 -15.88
CA PRO D 107 -6.29 -10.65 -16.24
C PRO D 107 -5.37 -10.24 -15.10
N SER D 108 -5.88 -9.53 -14.09
CA SER D 108 -5.04 -9.19 -12.94
C SER D 108 -4.61 -10.41 -12.15
N LEU D 109 -5.29 -11.53 -12.32
CA LEU D 109 -4.88 -12.78 -11.68
C LEU D 109 -3.74 -13.38 -12.47
N ARG D 110 -2.53 -13.32 -11.93
CA ARG D 110 -1.35 -13.87 -12.57
C ARG D 110 -1.21 -15.34 -12.21
N ASP D 111 -1.05 -16.18 -13.24
CA ASP D 111 -0.91 -17.63 -13.08
C ASP D 111 -2.07 -18.20 -12.27
N PRO D 112 -3.25 -18.35 -12.86
CA PRO D 112 -4.41 -18.86 -12.09
C PRO D 112 -4.20 -20.22 -11.47
N ILE D 113 -3.44 -21.10 -12.12
CA ILE D 113 -3.25 -22.46 -11.61
C ILE D 113 -2.50 -22.44 -10.28
N SER D 114 -1.47 -21.60 -10.19
CA SER D 114 -0.63 -21.54 -9.00
C SER D 114 -1.13 -20.52 -7.97
N ALA D 115 -2.17 -19.75 -8.29
CA ALA D 115 -2.63 -18.70 -7.40
C ALA D 115 -3.39 -19.27 -6.22
N GLU D 116 -3.17 -18.68 -5.05
CA GLU D 116 -3.90 -19.01 -3.83
C GLU D 116 -4.67 -17.79 -3.39
N ILE D 117 -5.99 -17.93 -3.25
CA ILE D 117 -6.89 -16.82 -2.95
C ILE D 117 -7.42 -17.00 -1.55
N SER D 118 -7.31 -15.96 -0.73
CA SER D 118 -7.82 -16.03 0.62
C SER D 118 -9.35 -15.99 0.63
N ILE D 119 -9.92 -16.54 1.71
CA ILE D 119 -11.37 -16.57 1.85
C ILE D 119 -11.93 -15.16 1.97
N GLN D 120 -11.15 -14.21 2.49
CA GLN D 120 -11.60 -12.83 2.57
C GLN D 120 -11.66 -12.18 1.18
N ALA D 121 -10.73 -12.53 0.30
CA ALA D 121 -10.75 -12.02 -1.05
C ALA D 121 -11.95 -12.53 -1.85
N LEU D 122 -12.56 -13.62 -1.41
CA LEU D 122 -13.73 -14.21 -2.07
C LEU D 122 -15.04 -13.73 -1.48
N SER D 123 -15.01 -12.77 -0.56
CA SER D 123 -16.17 -12.45 0.26
C SER D 123 -17.35 -11.99 -0.60
N TYR D 124 -17.10 -11.10 -1.56
CA TYR D 124 -18.19 -10.61 -2.41
C TYR D 124 -18.69 -11.69 -3.37
N ALA D 125 -17.78 -12.52 -3.89
CA ALA D 125 -18.20 -13.61 -4.77
C ALA D 125 -19.05 -14.62 -4.04
N LEU D 126 -18.89 -14.73 -2.72
CA LEU D 126 -19.66 -15.67 -1.91
C LEU D 126 -20.95 -15.07 -1.37
N GLY D 127 -21.29 -13.84 -1.76
CA GLY D 127 -22.50 -13.20 -1.31
C GLY D 127 -22.31 -12.02 -0.39
N GLY D 128 -21.08 -11.56 -0.16
CA GLY D 128 -20.81 -10.43 0.70
C GLY D 128 -20.41 -10.77 2.11
N ASP D 129 -20.39 -12.04 2.48
CA ASP D 129 -20.01 -12.45 3.82
C ASP D 129 -19.51 -13.89 3.76
N ILE D 130 -18.63 -14.25 4.70
CA ILE D 130 -18.03 -15.57 4.74
C ILE D 130 -18.33 -16.33 6.02
N ASN D 131 -19.04 -15.71 6.97
CA ASN D 131 -19.31 -16.38 8.24
C ASN D 131 -20.15 -17.64 8.04
N LYS D 132 -21.19 -17.55 7.22
CA LYS D 132 -22.04 -18.71 6.99
C LYS D 132 -21.33 -19.77 6.14
N VAL D 133 -20.47 -19.35 5.21
CA VAL D 133 -19.69 -20.31 4.44
C VAL D 133 -18.74 -21.06 5.35
N LEU D 134 -18.06 -20.35 6.26
CA LEU D 134 -17.17 -21.00 7.21
C LEU D 134 -17.93 -21.96 8.12
N GLU D 135 -19.15 -21.57 8.52
CA GLU D 135 -19.95 -22.43 9.38
C GLU D 135 -20.31 -23.74 8.70
N LYS D 136 -20.70 -23.70 7.44
CA LYS D 136 -21.14 -24.89 6.74
C LYS D 136 -19.99 -25.71 6.17
N LEU D 137 -18.76 -25.18 6.19
CA LEU D 137 -17.59 -25.97 5.87
C LEU D 137 -17.02 -26.70 7.07
N GLY D 138 -17.52 -26.40 8.27
CA GLY D 138 -17.03 -27.01 9.48
C GLY D 138 -15.80 -26.35 10.07
N TYR D 139 -15.43 -25.15 9.62
CA TYR D 139 -14.23 -24.48 10.08
C TYR D 139 -14.55 -23.74 11.37
N SER D 140 -14.08 -24.29 12.49
CA SER D 140 -14.37 -23.70 13.79
C SER D 140 -13.29 -24.14 14.77
N GLY D 141 -13.26 -23.49 15.92
CA GLY D 141 -12.31 -23.84 16.96
C GLY D 141 -11.65 -22.64 17.59
N GLY D 142 -10.72 -22.88 18.51
CA GLY D 142 -10.01 -21.79 19.14
C GLY D 142 -8.97 -21.13 18.25
N ASP D 143 -8.50 -21.83 17.23
CA ASP D 143 -7.48 -21.32 16.32
C ASP D 143 -8.08 -20.57 15.14
N LEU D 144 -9.41 -20.57 14.99
CA LEU D 144 -10.03 -19.95 13.81
C LEU D 144 -9.75 -18.45 13.76
N LEU D 145 -9.83 -17.78 14.90
CA LEU D 145 -9.69 -16.33 14.91
C LEU D 145 -8.30 -15.90 14.44
N GLY D 146 -7.26 -16.58 14.93
CA GLY D 146 -5.91 -16.29 14.47
C GLY D 146 -5.66 -16.70 13.03
N ILE D 147 -6.18 -17.88 12.63
CA ILE D 147 -6.00 -18.34 11.27
C ILE D 147 -6.68 -17.41 10.28
N LEU D 148 -7.91 -17.00 10.59
CA LEU D 148 -8.66 -16.12 9.71
C LEU D 148 -7.98 -14.76 9.56
N GLU D 149 -7.45 -14.23 10.66
CA GLU D 149 -6.92 -12.87 10.62
C GLU D 149 -5.62 -12.80 9.85
N SER D 150 -4.80 -13.84 9.89
CA SER D 150 -3.56 -13.88 9.11
C SER D 150 -3.77 -14.42 7.70
N ARG D 151 -5.02 -14.59 7.28
CA ARG D 151 -5.37 -15.09 5.94
C ARG D 151 -4.80 -16.48 5.69
N GLY D 152 -5.03 -17.38 6.63
CA GLY D 152 -4.56 -18.74 6.50
C GLY D 152 -5.43 -19.64 5.67
N ILE D 153 -6.71 -19.31 5.52
CA ILE D 153 -7.64 -20.12 4.73
C ILE D 153 -7.54 -19.69 3.28
N LYS D 154 -7.09 -20.61 2.43
CA LYS D 154 -6.75 -20.31 1.04
C LYS D 154 -7.59 -21.19 0.11
N ALA D 155 -8.00 -20.62 -1.01
CA ALA D 155 -8.74 -21.34 -2.04
C ALA D 155 -7.90 -21.41 -3.30
N ARG D 156 -8.05 -22.52 -4.03
CA ARG D 156 -7.28 -22.78 -5.23
C ARG D 156 -8.25 -23.15 -6.35
N ILE D 157 -8.07 -22.54 -7.52
CA ILE D 157 -8.94 -22.84 -8.65
C ILE D 157 -8.65 -24.23 -9.17
N THR D 158 -9.70 -25.02 -9.33
CA THR D 158 -9.59 -26.43 -9.70
C THR D 158 -10.29 -26.76 -11.01
N HIS D 159 -11.48 -26.20 -11.25
CA HIS D 159 -12.22 -26.50 -12.46
C HIS D 159 -13.07 -25.30 -12.83
N VAL D 160 -13.07 -24.94 -14.11
CA VAL D 160 -13.92 -23.88 -14.63
C VAL D 160 -14.82 -24.51 -15.68
N ASP D 161 -16.13 -24.35 -15.52
CA ASP D 161 -17.11 -24.90 -16.44
C ASP D 161 -17.76 -23.75 -17.19
N THR D 162 -17.44 -23.64 -18.48
CA THR D 162 -17.98 -22.55 -19.29
C THR D 162 -19.42 -22.78 -19.69
N GLU D 163 -19.79 -24.04 -19.94
CA GLU D 163 -21.13 -24.33 -20.44
C GLU D 163 -22.20 -24.06 -19.39
N SER D 164 -21.94 -24.40 -18.13
CA SER D 164 -22.91 -24.21 -17.06
C SER D 164 -22.55 -23.07 -16.13
N TYR D 165 -21.42 -22.39 -16.37
CA TYR D 165 -21.04 -21.17 -15.65
C TYR D 165 -20.91 -21.42 -14.15
N PHE D 166 -19.92 -22.22 -13.80
CA PHE D 166 -19.53 -22.34 -12.39
C PHE D 166 -18.04 -22.60 -12.28
N ILE D 167 -17.48 -22.23 -11.13
CA ILE D 167 -16.06 -22.41 -10.83
C ILE D 167 -15.96 -23.29 -9.59
N VAL D 168 -15.12 -24.31 -9.67
CA VAL D 168 -14.87 -25.21 -8.55
C VAL D 168 -13.54 -24.81 -7.91
N LEU D 169 -13.55 -24.60 -6.60
CA LEU D 169 -12.37 -24.23 -5.85
C LEU D 169 -12.03 -25.32 -4.84
N SER D 170 -10.75 -25.41 -4.51
CA SER D 170 -10.27 -26.31 -3.46
C SER D 170 -9.84 -25.45 -2.28
N ILE D 171 -10.51 -25.63 -1.15
CA ILE D 171 -10.27 -24.82 0.04
C ILE D 171 -9.84 -25.75 1.17
N ALA D 172 -8.91 -25.28 2.00
CA ALA D 172 -8.38 -26.08 3.10
C ALA D 172 -8.30 -25.25 4.36
N TYR D 173 -8.60 -25.88 5.49
CA TYR D 173 -8.47 -25.28 6.80
C TYR D 173 -7.13 -25.71 7.38
N PRO D 174 -6.17 -24.82 7.57
CA PRO D 174 -4.85 -25.25 8.04
C PRO D 174 -4.84 -25.59 9.51
N THR D 175 -3.84 -26.39 9.90
CA THR D 175 -3.58 -26.71 11.29
C THR D 175 -2.26 -26.09 11.70
N LEU D 176 -2.20 -25.61 12.95
CA LEU D 176 -1.04 -24.88 13.44
C LEU D 176 -0.01 -25.81 14.03
N SER D 177 1.26 -25.38 13.95
CA SER D 177 2.37 -26.18 14.46
C SER D 177 3.43 -25.24 15.02
N GLU D 178 3.75 -25.40 16.31
CA GLU D 178 4.85 -24.64 16.90
C GLU D 178 6.18 -25.14 16.36
N ILE D 179 7.02 -24.21 15.93
CA ILE D 179 8.39 -24.52 15.56
C ILE D 179 9.21 -24.49 16.84
N LYS D 180 9.74 -25.64 17.24
CA LYS D 180 10.36 -25.78 18.55
C LYS D 180 11.64 -24.96 18.65
N GLY D 181 11.78 -24.20 19.74
CA GLY D 181 12.96 -23.43 20.00
C GLY D 181 12.98 -22.03 19.42
N VAL D 182 11.97 -21.66 18.63
CA VAL D 182 11.94 -20.34 18.01
C VAL D 182 11.17 -19.39 18.90
N ILE D 183 11.83 -18.31 19.32
CA ILE D 183 11.21 -17.26 20.11
C ILE D 183 11.24 -15.98 19.28
N VAL D 184 10.10 -15.30 19.21
CA VAL D 184 9.99 -14.02 18.51
C VAL D 184 10.06 -12.92 19.57
N HIS D 185 11.04 -12.05 19.44
CA HIS D 185 11.25 -10.96 20.38
C HIS D 185 10.76 -9.65 19.79
N ARG D 186 10.08 -8.85 20.60
CA ARG D 186 9.69 -7.50 20.22
C ARG D 186 10.65 -6.51 20.87
N LEU D 187 11.30 -5.70 20.04
CA LEU D 187 12.31 -4.76 20.49
C LEU D 187 11.73 -3.35 20.50
N GLU D 188 11.95 -2.64 21.60
CA GLU D 188 11.52 -1.26 21.73
C GLU D 188 12.70 -0.40 22.17
N GLY D 189 12.70 0.84 21.73
CA GLY D 189 13.84 1.71 21.97
C GLY D 189 13.53 3.00 22.69
N VAL D 190 14.56 3.62 23.27
CA VAL D 190 14.47 4.93 23.90
C VAL D 190 15.60 5.78 23.33
N SER D 191 15.28 7.04 23.03
CA SER D 191 16.30 7.96 22.57
C SER D 191 17.29 8.28 23.68
N TYR D 192 18.43 8.82 23.29
CA TYR D 192 19.44 9.26 24.23
C TYR D 192 20.12 10.51 23.68
N ASN D 193 20.73 11.27 24.56
CA ASN D 193 21.33 12.55 24.21
C ASN D 193 22.85 12.46 24.28
N ILE D 194 23.51 12.94 23.22
CA ILE D 194 24.93 13.18 23.21
C ILE D 194 25.10 14.70 23.15
N GLY D 195 25.31 15.33 24.30
CA GLY D 195 25.30 16.77 24.37
C GLY D 195 23.89 17.32 24.19
N SER D 196 23.65 18.00 23.08
CA SER D 196 22.32 18.52 22.77
C SER D 196 21.60 17.73 21.69
N GLN D 197 22.30 16.83 20.99
CA GLN D 197 21.69 16.01 19.95
C GLN D 197 21.06 14.76 20.56
N GLU D 198 19.88 14.41 20.07
CA GLU D 198 19.12 13.26 20.55
C GLU D 198 19.17 12.16 19.50
N TRP D 199 19.69 11.01 19.89
CA TRP D 199 19.92 9.90 18.96
C TRP D 199 19.05 8.71 19.32
N TYR D 200 19.01 7.74 18.41
CA TYR D 200 18.11 6.60 18.54
C TYR D 200 18.71 5.42 17.79
N THR D 201 18.89 4.30 18.50
CA THR D 201 19.47 3.11 17.90
C THR D 201 18.49 2.49 16.90
N THR D 202 19.02 2.09 15.74
CA THR D 202 18.20 1.49 14.69
C THR D 202 18.28 -0.03 14.81
N VAL D 203 17.19 -0.63 15.27
CA VAL D 203 17.08 -2.09 15.40
C VAL D 203 15.76 -2.54 14.80
N PRO D 204 15.66 -3.80 14.40
CA PRO D 204 14.39 -4.30 13.88
C PRO D 204 13.31 -4.32 14.95
N LYS D 205 12.07 -4.17 14.49
CA LYS D 205 10.93 -4.24 15.40
C LYS D 205 10.80 -5.64 16.02
N TYR D 206 10.96 -6.68 15.20
CA TYR D 206 10.89 -8.06 15.66
C TYR D 206 12.13 -8.80 15.22
N VAL D 207 12.67 -9.65 16.11
CA VAL D 207 13.76 -10.55 15.77
C VAL D 207 13.39 -11.93 16.29
N ALA D 208 13.96 -12.96 15.67
CA ALA D 208 13.69 -14.34 16.03
C ALA D 208 14.99 -15.04 16.40
N THR D 209 14.94 -15.86 17.44
CA THR D 209 16.10 -16.61 17.88
C THR D 209 15.76 -18.10 17.92
N GLN D 210 16.74 -18.93 17.57
CA GLN D 210 16.65 -20.39 17.70
C GLN D 210 17.99 -20.85 18.25
N GLY D 211 18.06 -21.00 19.57
CA GLY D 211 19.32 -21.31 20.22
C GLY D 211 20.26 -20.12 20.18
N TYR D 212 21.37 -20.25 19.46
CA TYR D 212 22.30 -19.15 19.27
C TYR D 212 22.17 -18.51 17.89
N LEU D 213 21.13 -18.84 17.14
CA LEU D 213 20.90 -18.24 15.84
C LEU D 213 19.98 -17.02 15.99
N ILE D 214 20.27 -15.97 15.22
CA ILE D 214 19.47 -14.76 15.20
C ILE D 214 19.07 -14.49 13.75
N SER D 215 17.79 -14.23 13.53
CA SER D 215 17.27 -13.98 12.19
C SER D 215 16.25 -12.86 12.25
N ASN D 216 15.98 -12.27 11.09
CA ASN D 216 14.93 -11.28 10.98
C ASN D 216 13.56 -11.97 11.04
N PHE D 217 12.54 -11.15 11.24
CA PHE D 217 11.17 -11.65 11.32
C PHE D 217 10.26 -10.70 10.55
N ASP D 218 9.52 -11.25 9.59
CA ASP D 218 8.58 -10.48 8.79
C ASP D 218 7.18 -10.70 9.35
N GLU D 219 6.56 -9.63 9.84
CA GLU D 219 5.26 -9.72 10.51
C GLU D 219 4.10 -9.43 9.57
N SER D 220 4.35 -9.36 8.26
CA SER D 220 3.30 -8.96 7.32
C SER D 220 2.16 -9.96 7.28
N SER D 221 2.47 -11.25 7.37
CA SER D 221 1.44 -12.30 7.32
C SER D 221 1.22 -12.96 8.67
N CYS D 222 1.55 -12.27 9.77
CA CYS D 222 1.50 -12.86 11.09
C CYS D 222 0.46 -12.16 11.95
N THR D 223 -0.14 -12.93 12.85
CA THR D 223 -1.09 -12.43 13.83
C THR D 223 -0.56 -12.75 15.22
N PHE D 224 -0.47 -11.75 16.07
CA PHE D 224 0.07 -11.91 17.42
C PHE D 224 -1.07 -12.21 18.37
N MET D 225 -1.28 -13.48 18.64
CA MET D 225 -2.29 -13.99 19.55
C MET D 225 -1.68 -14.23 20.92
N PRO D 226 -2.49 -14.24 21.98
CA PRO D 226 -1.92 -14.49 23.32
C PRO D 226 -1.22 -15.84 23.43
N GLU D 227 -1.64 -16.84 22.66
CA GLU D 227 -1.01 -18.16 22.72
C GLU D 227 0.26 -18.24 21.90
N GLY D 228 0.51 -17.29 21.02
CA GLY D 228 1.70 -17.32 20.18
C GLY D 228 1.44 -16.57 18.89
N THR D 229 2.50 -16.48 18.09
CA THR D 229 2.43 -15.78 16.80
C THR D 229 1.99 -16.75 15.72
N VAL D 230 0.96 -16.38 14.98
CA VAL D 230 0.36 -17.24 13.95
C VAL D 230 0.64 -16.60 12.60
N CYS D 231 1.40 -17.30 11.75
CA CYS D 231 1.83 -16.77 10.47
C CYS D 231 1.37 -17.70 9.35
N SER D 232 0.87 -17.10 8.27
CA SER D 232 0.40 -17.87 7.13
C SER D 232 1.47 -18.09 6.06
N GLN D 233 2.55 -17.34 6.10
CA GLN D 233 3.72 -17.56 5.26
C GLN D 233 4.92 -17.85 6.16
N ASN D 234 6.10 -17.95 5.56
CA ASN D 234 7.33 -18.10 6.31
C ASN D 234 7.83 -16.71 6.71
N ALA D 235 7.94 -16.47 8.02
CA ALA D 235 8.30 -15.16 8.51
C ALA D 235 9.78 -14.99 8.81
N LEU D 236 10.53 -16.08 8.88
CA LEU D 236 11.95 -16.03 9.20
C LEU D 236 12.75 -15.81 7.92
N TYR D 237 13.59 -14.79 7.91
CA TYR D 237 14.53 -14.56 6.82
C TYR D 237 15.84 -14.07 7.41
N PRO D 238 16.96 -14.38 6.76
CA PRO D 238 18.27 -14.20 7.42
C PRO D 238 18.60 -12.74 7.71
N MET D 239 19.38 -12.56 8.76
CA MET D 239 19.89 -11.27 9.19
C MET D 239 21.35 -11.14 8.77
N SER D 240 21.74 -9.94 8.37
CA SER D 240 23.12 -9.71 7.99
C SER D 240 24.05 -9.90 9.19
N PRO D 241 25.27 -10.38 8.96
CA PRO D 241 26.20 -10.61 10.08
C PRO D 241 26.50 -9.37 10.91
N LEU D 242 26.52 -8.19 10.28
CA LEU D 242 26.79 -6.96 11.02
C LEU D 242 25.69 -6.67 12.02
N LEU D 243 24.43 -6.83 11.60
CA LEU D 243 23.31 -6.61 12.51
C LEU D 243 23.26 -7.67 13.61
N GLN D 244 23.65 -8.91 13.30
CA GLN D 244 23.72 -9.95 14.33
C GLN D 244 24.78 -9.61 15.37
N GLU D 245 25.89 -9.03 14.94
CA GLU D 245 26.91 -8.59 15.89
C GLU D 245 26.38 -7.52 16.82
N CYS D 246 25.54 -6.63 16.30
CA CYS D 246 24.90 -5.61 17.13
C CYS D 246 24.07 -6.24 18.24
N LEU D 247 23.21 -7.19 17.89
CA LEU D 247 22.33 -7.80 18.87
C LEU D 247 23.03 -8.78 19.79
N ARG D 248 24.28 -9.15 19.49
CA ARG D 248 25.06 -10.04 20.33
C ARG D 248 25.96 -9.30 21.32
N GLY D 249 25.91 -7.97 21.32
CA GLY D 249 26.64 -7.22 22.32
C GLY D 249 27.54 -6.12 21.80
N SER D 250 27.80 -6.12 20.49
CA SER D 250 28.72 -5.15 19.90
C SER D 250 27.96 -3.87 19.60
N THR D 251 28.07 -2.88 20.48
CA THR D 251 27.34 -1.63 20.31
C THR D 251 27.88 -0.79 19.16
N LYS D 252 29.16 -0.97 18.80
CA LYS D 252 29.71 -0.21 17.68
C LYS D 252 29.14 -0.64 16.35
N SER D 253 28.50 -1.80 16.27
CA SER D 253 27.91 -2.30 15.04
C SER D 253 26.46 -1.86 14.86
N CYS D 254 25.89 -1.16 15.82
CA CYS D 254 24.50 -0.72 15.76
C CYS D 254 24.46 0.70 15.20
N ALA D 255 23.67 0.90 14.15
CA ALA D 255 23.51 2.22 13.58
C ALA D 255 22.55 3.06 14.43
N ARG D 256 22.63 4.38 14.25
CA ARG D 256 21.82 5.31 15.01
C ARG D 256 21.35 6.44 14.11
N THR D 257 20.21 7.02 14.45
CA THR D 257 19.63 8.12 13.69
C THR D 257 19.31 9.28 14.62
N LEU D 258 19.25 10.47 14.04
CA LEU D 258 18.74 11.64 14.74
C LEU D 258 17.22 11.61 14.75
N VAL D 259 16.64 12.10 15.83
CA VAL D 259 15.19 12.12 15.98
C VAL D 259 14.68 13.54 15.81
N SER D 260 13.38 13.65 15.54
CA SER D 260 12.75 14.93 15.32
C SER D 260 12.55 15.67 16.66
N GLY D 261 11.95 16.85 16.58
CA GLY D 261 11.70 17.62 17.79
C GLY D 261 10.70 16.97 18.71
N SER D 262 9.59 16.47 18.18
CA SER D 262 8.55 15.82 18.96
C SER D 262 8.70 14.32 18.79
N PHE D 263 9.23 13.67 19.82
CA PHE D 263 9.52 12.25 19.80
C PHE D 263 8.86 11.60 21.00
N GLY D 264 8.17 10.47 20.76
CA GLY D 264 7.38 9.86 21.80
C GLY D 264 7.99 8.63 22.46
N ASN D 265 9.29 8.44 22.30
CA ASN D 265 10.00 7.29 22.85
C ASN D 265 11.18 7.75 23.70
N ARG D 266 10.92 8.67 24.61
CA ARG D 266 11.94 9.22 25.48
C ARG D 266 12.01 8.56 26.84
N PHE D 267 11.14 7.59 27.11
CA PHE D 267 11.25 6.78 28.32
C PHE D 267 10.51 5.47 28.09
N ILE D 268 10.84 4.48 28.92
CA ILE D 268 10.20 3.17 28.84
C ILE D 268 10.26 2.54 30.22
N LEU D 269 9.29 1.68 30.50
CA LEU D 269 9.29 0.88 31.71
C LEU D 269 9.73 -0.54 31.36
N SER D 270 10.76 -1.03 32.05
CA SER D 270 11.36 -2.32 31.73
C SER D 270 11.80 -2.99 33.02
N GLN D 271 11.27 -4.20 33.27
CA GLN D 271 11.60 -4.99 34.44
C GLN D 271 11.33 -4.23 35.75
N GLY D 272 10.30 -3.40 35.75
CA GLY D 272 9.96 -2.61 36.91
C GLY D 272 10.79 -1.35 37.08
N ASN D 273 11.75 -1.10 36.19
CA ASN D 273 12.59 0.08 36.23
C ASN D 273 12.24 1.01 35.09
N LEU D 274 12.57 2.28 35.26
CA LEU D 274 12.26 3.30 34.27
C LEU D 274 13.55 3.75 33.61
N ILE D 275 13.66 3.52 32.31
CA ILE D 275 14.78 4.00 31.51
C ILE D 275 14.31 5.25 30.78
N ALA D 276 14.87 6.39 31.13
CA ALA D 276 14.42 7.67 30.62
C ALA D 276 15.60 8.46 30.09
N ASN D 277 15.34 9.26 29.06
CA ASN D 277 16.38 10.14 28.54
C ASN D 277 16.75 11.22 29.56
N CYS D 278 15.75 11.89 30.12
CA CYS D 278 15.88 12.82 31.24
C CYS D 278 16.68 14.06 30.90
N ALA D 279 17.28 14.14 29.71
CA ALA D 279 17.83 15.37 29.19
C ALA D 279 16.96 15.98 28.11
N SER D 280 16.04 15.21 27.54
CA SER D 280 15.06 15.70 26.59
C SER D 280 13.64 15.70 27.16
N ILE D 281 13.45 15.11 28.33
CA ILE D 281 12.20 15.21 29.09
C ILE D 281 12.54 15.58 30.51
N LEU D 282 11.54 16.06 31.24
CA LEU D 282 11.69 16.42 32.63
C LEU D 282 11.42 15.20 33.51
N CYS D 283 12.41 14.81 34.30
CA CYS D 283 12.27 13.73 35.27
C CYS D 283 12.38 14.32 36.67
N LYS D 284 11.38 14.05 37.51
CA LYS D 284 11.33 14.56 38.86
C LYS D 284 11.01 13.43 39.82
N CYS D 285 11.68 13.40 40.96
CA CYS D 285 11.44 12.38 41.97
C CYS D 285 10.30 12.85 42.86
N TYR D 286 9.17 12.15 42.80
CA TYR D 286 7.99 12.60 43.51
C TYR D 286 8.11 12.42 45.03
N THR D 287 8.87 11.42 45.48
CA THR D 287 9.01 11.18 46.91
C THR D 287 9.69 12.34 47.61
N THR D 288 10.73 12.91 46.99
CA THR D 288 11.50 13.99 47.59
C THR D 288 11.28 15.34 46.90
N GLY D 289 10.68 15.36 45.72
CA GLY D 289 10.40 16.61 45.05
C GLY D 289 11.56 17.21 44.28
N THR D 290 12.69 16.52 44.19
CA THR D 290 13.84 17.06 43.49
C THR D 290 13.83 16.65 42.02
N ILE D 291 14.49 17.44 41.20
CA ILE D 291 14.57 17.20 39.76
C ILE D 291 15.73 16.26 39.49
N ILE D 292 15.47 15.19 38.76
CA ILE D 292 16.53 14.24 38.38
C ILE D 292 17.29 14.82 37.21
N ASN D 293 18.57 15.10 37.42
CA ASN D 293 19.43 15.71 36.40
C ASN D 293 20.29 14.63 35.76
N GLN D 294 20.41 14.71 34.44
CA GLN D 294 21.23 13.77 33.68
C GLN D 294 22.57 14.43 33.37
N ASP D 295 23.65 13.81 33.84
CA ASP D 295 24.97 14.35 33.60
C ASP D 295 25.28 14.34 32.10
N PRO D 296 25.92 15.38 31.58
CA PRO D 296 26.22 15.40 30.13
C PRO D 296 27.16 14.29 29.70
N ASP D 297 27.89 13.67 30.62
CA ASP D 297 28.74 12.53 30.29
C ASP D 297 27.98 11.21 30.36
N LYS D 298 26.68 11.25 30.63
CA LYS D 298 25.81 10.08 30.56
C LYS D 298 24.77 10.31 29.47
N ILE D 299 24.37 9.23 28.81
CA ILE D 299 23.39 9.34 27.73
C ILE D 299 21.99 8.91 28.15
N LEU D 300 21.86 8.15 29.23
CA LEU D 300 20.57 7.65 29.68
C LEU D 300 20.54 7.66 31.20
N THR D 301 19.33 7.60 31.73
CA THR D 301 19.10 7.51 33.17
C THR D 301 18.27 6.28 33.46
N TYR D 302 18.72 5.46 34.41
CA TYR D 302 18.01 4.27 34.84
C TYR D 302 17.52 4.51 36.26
N ILE D 303 16.20 4.55 36.43
CA ILE D 303 15.57 4.94 37.69
C ILE D 303 15.01 3.70 38.37
N ALA D 304 15.40 3.52 39.63
CA ALA D 304 14.94 2.40 40.45
C ALA D 304 14.51 2.92 41.81
N ALA D 305 13.89 2.03 42.60
CA ALA D 305 13.34 2.43 43.88
C ALA D 305 14.42 2.75 44.92
N ASP D 306 15.65 2.28 44.70
CA ASP D 306 16.71 2.53 45.67
C ASP D 306 17.00 4.02 45.80
N HIS D 307 16.97 4.76 44.70
CA HIS D 307 17.19 6.19 44.73
C HIS D 307 15.91 7.01 44.62
N CYS D 308 14.84 6.44 44.09
CA CYS D 308 13.59 7.18 43.91
C CYS D 308 12.41 6.22 43.83
N PRO D 309 11.74 5.96 44.96
CA PRO D 309 10.62 4.98 44.93
C PRO D 309 9.50 5.36 43.98
N VAL D 310 9.17 6.64 43.88
CA VAL D 310 8.09 7.12 43.02
C VAL D 310 8.64 8.27 42.20
N VAL D 311 8.53 8.17 40.88
CA VAL D 311 9.16 9.10 39.96
C VAL D 311 8.11 9.68 39.03
N GLU D 312 8.18 10.98 38.80
CA GLU D 312 7.30 11.68 37.86
C GLU D 312 8.06 11.95 36.58
N VAL D 313 7.57 11.42 35.46
CA VAL D 313 8.21 11.59 34.16
C VAL D 313 7.15 12.02 33.16
N ASN D 314 7.42 13.13 32.47
CA ASN D 314 6.54 13.65 31.42
C ASN D 314 5.11 13.83 31.92
N GLY D 315 4.98 14.28 33.16
CA GLY D 315 3.67 14.47 33.75
C GLY D 315 2.98 13.20 34.18
N VAL D 316 3.68 12.07 34.21
CA VAL D 316 3.13 10.78 34.60
C VAL D 316 3.89 10.30 35.82
N THR D 317 3.16 9.90 36.85
CA THR D 317 3.75 9.45 38.10
C THR D 317 3.78 7.93 38.10
N ILE D 318 4.97 7.36 38.24
CA ILE D 318 5.18 5.91 38.16
C ILE D 318 5.95 5.46 39.39
N GLN D 319 5.48 4.39 40.00
CA GLN D 319 6.16 3.77 41.13
C GLN D 319 7.01 2.61 40.62
N VAL D 320 8.31 2.67 40.85
CA VAL D 320 9.25 1.73 40.28
C VAL D 320 9.69 0.74 41.36
N GLY D 321 10.18 -0.41 40.92
CA GLY D 321 10.63 -1.46 41.81
C GLY D 321 12.12 -1.42 42.06
N SER D 322 12.64 -2.53 42.57
CA SER D 322 14.06 -2.61 42.92
C SER D 322 14.92 -2.58 41.65
N ARG D 323 16.20 -2.25 41.86
CA ARG D 323 17.11 -2.03 40.74
C ARG D 323 17.36 -3.33 39.98
N ARG D 324 17.23 -3.25 38.65
CA ARG D 324 17.58 -4.37 37.78
C ARG D 324 18.39 -3.92 36.57
N TYR D 325 18.73 -2.63 36.49
CA TYR D 325 19.66 -2.09 35.52
C TYR D 325 20.71 -1.30 36.28
N PRO D 326 21.99 -1.52 36.01
CA PRO D 326 23.03 -0.76 36.73
C PRO D 326 22.94 0.73 36.44
N ASP D 327 23.53 1.52 37.32
CA ASP D 327 23.62 2.95 37.10
C ASP D 327 24.34 3.23 35.79
N ALA D 328 23.91 4.28 35.10
CA ALA D 328 24.42 4.59 33.77
C ALA D 328 25.93 4.77 33.79
N VAL D 329 26.60 4.19 32.81
CA VAL D 329 28.03 4.38 32.64
C VAL D 329 28.25 5.64 31.80
N TYR D 330 29.50 6.10 31.80
CA TYR D 330 29.83 7.31 31.06
C TYR D 330 29.87 7.02 29.56
N LEU D 331 29.75 8.08 28.77
CA LEU D 331 29.81 7.94 27.32
C LEU D 331 31.14 7.39 26.86
N HIS D 332 32.22 7.69 27.59
CA HIS D 332 33.54 7.20 27.19
C HIS D 332 33.70 5.70 27.41
N ARG D 333 32.75 5.04 28.08
CA ARG D 333 32.78 3.60 28.24
C ARG D 333 31.84 2.88 27.29
N ILE D 334 31.21 3.59 26.36
CA ILE D 334 30.31 2.99 25.37
C ILE D 334 30.83 3.33 23.99
N ASP D 335 30.97 2.31 23.14
CA ASP D 335 31.34 2.49 21.74
C ASP D 335 30.06 2.63 20.92
N LEU D 336 29.84 3.81 20.36
CA LEU D 336 28.64 4.07 19.59
C LEU D 336 28.86 3.75 18.12
N GLY D 337 27.78 3.32 17.46
CA GLY D 337 27.85 2.96 16.07
C GLY D 337 27.74 4.16 15.16
N PRO D 338 27.77 3.88 13.86
CA PRO D 338 27.80 4.96 12.86
C PRO D 338 26.45 5.65 12.76
N PRO D 339 26.44 6.97 12.60
CA PRO D 339 25.19 7.67 12.33
C PRO D 339 24.73 7.41 10.90
N ILE D 340 23.43 7.20 10.74
CA ILE D 340 22.83 6.92 9.44
C ILE D 340 21.56 7.74 9.30
N SER D 341 21.04 7.77 8.08
CA SER D 341 19.73 8.36 7.79
C SER D 341 18.96 7.36 6.93
N LEU D 342 17.75 7.02 7.35
CA LEU D 342 17.04 5.90 6.75
C LEU D 342 16.12 6.30 5.60
N GLY D 343 16.09 7.57 5.21
CA GLY D 343 15.32 7.96 4.05
C GLY D 343 15.91 7.41 2.76
N ARG D 344 15.04 7.11 1.80
CA ARG D 344 15.50 6.56 0.53
C ARG D 344 16.45 7.50 -0.19
N LEU D 345 16.09 8.78 -0.25
CA LEU D 345 16.89 9.73 -1.02
C LEU D 345 18.16 10.12 -0.27
N ASP D 346 18.13 10.09 1.07
CA ASP D 346 19.35 10.26 1.85
C ASP D 346 20.29 9.09 1.65
N VAL D 347 19.75 7.87 1.52
CA VAL D 347 20.60 6.70 1.30
C VAL D 347 21.27 6.78 -0.07
N GLY D 348 20.50 7.12 -1.11
CA GLY D 348 21.06 7.19 -2.45
C GLY D 348 22.08 8.30 -2.60
N THR D 349 21.82 9.45 -2.00
CA THR D 349 22.77 10.57 -2.07
C THR D 349 24.09 10.20 -1.41
N ASN D 350 24.03 9.51 -0.26
CA ASN D 350 25.23 9.16 0.47
C ASN D 350 25.97 7.99 -0.17
N LEU D 351 25.24 7.01 -0.71
CA LEU D 351 25.89 5.91 -1.40
C LEU D 351 26.60 6.39 -2.66
N GLY D 352 25.99 7.32 -3.39
CA GLY D 352 26.64 7.88 -4.55
C GLY D 352 27.92 8.63 -4.22
N ASN D 353 27.92 9.35 -3.10
CA ASN D 353 29.12 10.01 -2.62
C ASN D 353 30.20 8.98 -2.26
N ALA D 354 29.80 7.89 -1.60
CA ALA D 354 30.76 6.87 -1.19
C ALA D 354 31.37 6.16 -2.39
N ILE D 355 30.55 5.80 -3.38
CA ILE D 355 31.05 5.10 -4.55
C ILE D 355 31.93 6.00 -5.40
N ALA D 356 31.63 7.30 -5.43
CA ALA D 356 32.49 8.24 -6.16
C ALA D 356 33.88 8.29 -5.55
N LYS D 357 33.98 8.30 -4.22
CA LYS D 357 35.30 8.27 -3.58
C LYS D 357 36.02 6.97 -3.89
N LEU D 358 35.30 5.84 -3.89
CA LEU D 358 35.93 4.57 -4.20
C LEU D 358 36.41 4.52 -5.64
N GLU D 359 35.63 5.10 -6.55
CA GLU D 359 36.03 5.13 -7.96
C GLU D 359 37.24 6.04 -8.17
N ASP D 360 37.29 7.17 -7.48
CA ASP D 360 38.42 8.09 -7.61
C ASP D 360 39.70 7.53 -7.01
N ALA D 361 39.63 6.45 -6.26
CA ALA D 361 40.80 5.80 -5.68
C ALA D 361 40.91 4.34 -6.11
N LYS D 362 40.46 4.03 -7.33
CA LYS D 362 40.49 2.65 -7.80
C LYS D 362 41.93 2.14 -7.91
N GLU D 363 42.83 2.96 -8.45
CA GLU D 363 44.21 2.52 -8.63
C GLU D 363 44.92 2.30 -7.31
N LEU D 364 44.63 3.13 -6.30
CA LEU D 364 45.23 2.94 -4.99
C LEU D 364 44.78 1.63 -4.35
N LEU D 365 43.48 1.33 -4.43
CA LEU D 365 42.95 0.17 -3.74
C LEU D 365 43.28 -1.14 -4.44
N GLU D 366 43.38 -1.14 -5.77
CA GLU D 366 43.72 -2.36 -6.49
C GLU D 366 45.20 -2.72 -6.37
N SER D 367 46.02 -1.84 -5.80
CA SER D 367 47.44 -2.09 -5.58
C SER D 367 47.77 -2.10 -4.09
N SER D 368 46.89 -2.71 -3.28
CA SER D 368 47.13 -2.77 -1.85
C SER D 368 48.31 -3.67 -1.51
N ASP D 369 48.46 -4.78 -2.24
CA ASP D 369 49.55 -5.71 -1.96
C ASP D 369 50.91 -5.05 -2.18
N GLN D 370 51.03 -4.24 -3.24
CA GLN D 370 52.29 -3.55 -3.49
C GLN D 370 52.62 -2.57 -2.37
N ILE D 371 51.62 -1.82 -1.90
CA ILE D 371 51.87 -0.81 -0.88
C ILE D 371 52.22 -1.47 0.44
N LEU D 372 51.49 -2.52 0.83
CA LEU D 372 51.73 -3.17 2.11
C LEU D 372 53.11 -3.83 2.15
N ARG D 373 53.52 -4.45 1.04
CA ARG D 373 54.84 -5.08 1.00
C ARG D 373 55.95 -4.05 1.17
N SER D 374 55.82 -2.90 0.52
CA SER D 374 56.81 -1.85 0.61
C SER D 374 56.46 -0.86 1.73
N GLN E 24 17.70 28.33 4.58
CA GLN E 24 18.90 28.77 3.89
C GLN E 24 19.09 28.03 2.57
N ILE E 25 18.00 27.86 1.82
CA ILE E 25 18.07 27.20 0.51
C ILE E 25 18.66 28.18 -0.50
N HIS E 26 19.66 27.72 -1.23
CA HIS E 26 20.32 28.53 -2.26
C HIS E 26 19.64 28.27 -3.59
N TRP E 27 18.74 29.16 -3.98
CA TRP E 27 17.95 28.95 -5.19
C TRP E 27 18.76 29.19 -6.47
N GLY E 28 19.80 30.02 -6.39
CA GLY E 28 20.62 30.27 -7.57
C GLY E 28 21.42 29.05 -8.01
N ASN E 29 22.11 28.41 -7.08
CA ASN E 29 22.79 27.15 -7.38
C ASN E 29 21.83 26.07 -7.83
N LEU E 30 20.67 25.96 -7.16
CA LEU E 30 19.76 24.86 -7.47
C LEU E 30 19.20 24.99 -8.88
N SER E 31 18.91 26.22 -9.32
CA SER E 31 18.38 26.41 -10.67
C SER E 31 19.42 26.11 -11.74
N LYS E 32 20.70 26.11 -11.39
CA LYS E 32 21.74 25.75 -12.35
C LYS E 32 21.72 24.27 -12.69
N ILE E 33 21.14 23.44 -11.84
CA ILE E 33 20.99 22.01 -12.11
C ILE E 33 19.51 21.63 -12.22
N GLY E 34 18.63 22.60 -12.41
CA GLY E 34 17.26 22.33 -12.76
C GLY E 34 16.28 22.16 -11.63
N VAL E 35 16.53 22.75 -10.47
CA VAL E 35 15.65 22.64 -9.31
C VAL E 35 15.11 24.02 -8.98
N VAL E 36 13.79 24.14 -8.88
CA VAL E 36 13.15 25.39 -8.50
C VAL E 36 12.09 25.09 -7.45
N GLY E 37 11.72 26.12 -6.70
CA GLY E 37 10.60 26.05 -5.79
C GLY E 37 9.32 26.48 -6.49
N ILE E 38 8.26 25.71 -6.27
CA ILE E 38 6.98 25.96 -6.94
C ILE E 38 5.87 26.27 -5.93
N GLY E 39 6.23 26.64 -4.72
CA GLY E 39 5.22 27.01 -3.73
C GLY E 39 5.66 26.79 -2.30
N SER E 40 5.26 27.69 -1.42
CA SER E 40 5.58 27.59 -0.01
C SER E 40 4.30 27.71 0.80
N ALA E 41 4.29 27.09 1.99
CA ALA E 41 3.12 27.09 2.84
C ALA E 41 3.56 27.04 4.29
N SER E 42 2.65 27.46 5.17
CA SER E 42 2.90 27.36 6.60
C SER E 42 2.57 25.96 7.09
N TYR E 43 3.10 25.63 8.27
CA TYR E 43 2.98 24.31 8.85
C TYR E 43 2.12 24.38 10.10
N LYS E 44 1.07 23.56 10.15
CA LYS E 44 0.16 23.56 11.28
C LYS E 44 -0.03 22.14 11.80
N VAL E 45 0.04 22.00 13.12
CA VAL E 45 -0.13 20.71 13.78
C VAL E 45 -1.41 20.75 14.60
N MET E 46 -1.76 19.60 15.17
CA MET E 46 -3.01 19.41 15.89
C MET E 46 -2.75 19.14 17.37
N THR E 47 -3.52 19.81 18.22
CA THR E 47 -3.57 19.51 19.65
C THR E 47 -5.01 19.33 20.06
N ARG E 48 -5.25 18.39 20.96
CA ARG E 48 -6.59 18.04 21.42
C ARG E 48 -6.72 18.44 22.89
N SER E 49 -7.68 19.33 23.17
CA SER E 49 -7.91 19.83 24.52
C SER E 49 -9.05 19.12 25.22
N SER E 50 -10.23 19.10 24.61
CA SER E 50 -11.41 18.48 25.20
C SER E 50 -11.76 17.20 24.46
N HIS E 51 -12.41 16.29 25.16
CA HIS E 51 -12.82 15.01 24.61
C HIS E 51 -14.33 14.83 24.82
N GLN E 52 -14.96 14.12 23.89
CA GLN E 52 -16.35 13.74 23.99
C GLN E 52 -16.46 12.22 24.05
N SER E 53 -17.63 11.74 24.44
CA SER E 53 -17.89 10.31 24.56
C SER E 53 -18.80 9.86 23.42
N LEU E 54 -18.43 8.77 22.78
CA LEU E 54 -19.21 8.17 21.71
C LEU E 54 -19.33 6.69 22.02
N VAL E 55 -20.55 6.20 22.20
CA VAL E 55 -20.79 4.80 22.55
C VAL E 55 -21.39 4.09 21.34
N ILE E 56 -20.81 2.95 20.99
CA ILE E 56 -21.33 2.10 19.92
C ILE E 56 -22.28 1.10 20.55
N LYS E 57 -23.57 1.27 20.30
CA LYS E 57 -24.60 0.38 20.82
C LYS E 57 -24.69 -0.82 19.87
N LEU E 58 -24.15 -1.96 20.29
CA LEU E 58 -24.06 -3.11 19.40
C LEU E 58 -25.37 -3.90 19.33
N MET E 59 -26.27 -3.73 20.29
CA MET E 59 -27.51 -4.49 20.31
C MET E 59 -28.66 -3.64 19.82
N PRO E 60 -29.28 -3.96 18.68
CA PRO E 60 -30.38 -3.15 18.19
C PRO E 60 -31.67 -3.36 18.96
N ASN E 61 -32.56 -2.37 18.83
CA ASN E 61 -33.91 -2.46 19.37
C ASN E 61 -34.78 -3.19 18.34
N ILE E 62 -35.25 -4.38 18.71
CA ILE E 62 -36.01 -5.24 17.81
C ILE E 62 -37.39 -5.50 18.40
N THR E 63 -37.88 -4.55 19.19
CA THR E 63 -39.14 -4.75 19.90
C THR E 63 -40.31 -4.88 18.93
N LEU E 64 -40.32 -4.11 17.87
CA LEU E 64 -41.44 -4.12 16.92
C LEU E 64 -41.35 -5.23 15.90
N LEU E 65 -40.34 -6.09 15.97
CA LEU E 65 -40.23 -7.23 15.08
C LEU E 65 -40.88 -8.48 15.65
N ASN E 66 -41.47 -8.40 16.84
CA ASN E 66 -42.30 -9.46 17.41
C ASN E 66 -41.58 -10.81 17.46
N ASN E 67 -40.33 -10.78 17.92
CA ASN E 67 -39.54 -11.99 18.15
C ASN E 67 -39.40 -12.83 16.88
N CYS E 68 -39.26 -12.16 15.75
CA CYS E 68 -39.01 -12.82 14.47
C CYS E 68 -37.53 -13.03 14.20
N THR E 69 -36.66 -12.58 15.10
CA THR E 69 -35.22 -12.59 14.88
C THR E 69 -34.48 -13.15 16.10
N ARG E 70 -35.04 -14.18 16.74
CA ARG E 70 -34.40 -14.74 17.92
C ARG E 70 -33.11 -15.46 17.57
N VAL E 71 -33.15 -16.32 16.55
CA VAL E 71 -31.99 -17.14 16.21
C VAL E 71 -30.85 -16.28 15.68
N GLU E 72 -31.18 -15.30 14.82
CA GLU E 72 -30.14 -14.45 14.24
C GLU E 72 -29.48 -13.57 15.29
N ILE E 73 -30.26 -13.06 16.24
CA ILE E 73 -29.70 -12.21 17.29
C ILE E 73 -28.82 -13.04 18.22
N ALA E 74 -29.24 -14.26 18.54
CA ALA E 74 -28.45 -15.10 19.43
C ALA E 74 -27.09 -15.43 18.84
N GLU E 75 -27.05 -15.76 17.54
CA GLU E 75 -25.77 -15.98 16.88
C GLU E 75 -24.94 -14.71 16.79
N TYR E 76 -25.61 -13.57 16.65
CA TYR E 76 -24.91 -12.29 16.62
C TYR E 76 -24.21 -12.01 17.94
N ARG E 77 -24.88 -12.27 19.07
CA ARG E 77 -24.27 -12.03 20.37
C ARG E 77 -23.14 -13.01 20.63
N ARG E 78 -23.28 -14.25 20.16
CA ARG E 78 -22.21 -15.23 20.33
C ARG E 78 -20.94 -14.81 19.60
N LEU E 79 -21.09 -14.26 18.39
CA LEU E 79 -19.94 -13.81 17.64
C LEU E 79 -19.31 -12.56 18.25
N LEU E 80 -20.12 -11.69 18.84
CA LEU E 80 -19.59 -10.46 19.44
C LEU E 80 -18.68 -10.75 20.61
N ARG E 81 -18.96 -11.81 21.38
CA ARG E 81 -18.18 -12.09 22.57
C ARG E 81 -16.76 -12.52 22.25
N THR E 82 -16.53 -13.14 21.09
CA THR E 82 -15.19 -13.54 20.70
C THR E 82 -14.30 -12.33 20.42
N VAL E 83 -14.89 -11.16 20.22
CA VAL E 83 -14.14 -9.93 19.99
C VAL E 83 -14.14 -9.03 21.21
N LEU E 84 -15.28 -8.96 21.92
CA LEU E 84 -15.40 -8.03 23.03
C LEU E 84 -14.58 -8.47 24.23
N GLU E 85 -14.57 -9.77 24.53
CA GLU E 85 -13.88 -10.25 25.74
C GLU E 85 -12.38 -9.98 25.73
N PRO E 86 -11.63 -10.23 24.64
CA PRO E 86 -10.19 -9.90 24.67
C PRO E 86 -9.90 -8.43 24.91
N ILE E 87 -10.72 -7.53 24.37
CA ILE E 87 -10.48 -6.10 24.58
C ILE E 87 -10.78 -5.72 26.03
N ARG E 88 -11.84 -6.26 26.59
CA ARG E 88 -12.18 -5.95 27.98
C ARG E 88 -11.09 -6.45 28.92
N ASP E 89 -10.50 -7.61 28.63
CA ASP E 89 -9.40 -8.11 29.43
C ASP E 89 -8.18 -7.20 29.35
N ALA E 90 -7.87 -6.70 28.16
CA ALA E 90 -6.75 -5.78 28.00
C ALA E 90 -7.00 -4.48 28.75
N LEU E 91 -8.23 -3.96 28.69
CA LEU E 91 -8.56 -2.74 29.42
C LEU E 91 -8.46 -2.95 30.92
N ASN E 92 -8.92 -4.10 31.41
CA ASN E 92 -8.89 -4.34 32.85
C ASN E 92 -7.48 -4.60 33.35
N ALA E 93 -6.58 -5.06 32.48
CA ALA E 93 -5.20 -5.31 32.89
C ALA E 93 -4.49 -4.02 33.24
N MET E 94 -4.72 -2.96 32.47
CA MET E 94 -4.09 -1.67 32.76
C MET E 94 -4.77 -0.96 33.93
N THR E 95 -6.09 -1.06 34.03
CA THR E 95 -6.82 -0.33 35.05
C THR E 95 -6.47 -0.81 36.45
N GLN E 96 -6.18 -2.11 36.59
CA GLN E 96 -5.83 -2.63 37.91
C GLN E 96 -4.48 -2.14 38.40
N ASN E 97 -3.62 -1.65 37.51
CA ASN E 97 -2.33 -1.11 37.91
C ASN E 97 -2.37 0.38 38.20
N ILE E 98 -3.51 1.04 38.02
CA ILE E 98 -3.65 2.45 38.31
C ILE E 98 -4.22 2.60 39.72
N ARG E 99 -3.49 3.28 40.58
CA ARG E 99 -3.86 3.40 41.98
C ARG E 99 -3.99 4.86 42.38
N PRO E 100 -4.78 5.17 43.40
CA PRO E 100 -4.82 6.55 43.92
C PRO E 100 -3.47 6.97 44.45
N VAL E 101 -3.17 8.26 44.32
CA VAL E 101 -1.86 8.81 44.61
C VAL E 101 -1.49 8.54 46.07
N GLN E 102 -2.48 8.55 46.96
CA GLN E 102 -2.24 8.29 48.37
C GLN E 102 -2.37 6.81 48.69
N GLY F 3 -5.56 12.60 41.02
CA GLY F 3 -4.20 12.16 40.83
C GLY F 3 -4.01 10.68 41.05
N VAL F 4 -3.44 10.00 40.04
CA VAL F 4 -3.24 8.56 40.09
C VAL F 4 -1.78 8.24 39.87
N VAL F 5 -1.37 7.05 40.31
CA VAL F 5 0.00 6.58 40.20
C VAL F 5 -0.03 5.22 39.51
N LEU F 6 0.86 5.04 38.55
CA LEU F 6 1.01 3.77 37.86
C LEU F 6 1.91 2.84 38.66
N ALA F 7 1.49 1.59 38.83
CA ALA F 7 2.28 0.60 39.56
C ALA F 7 3.22 -0.08 38.58
N GLY F 8 4.43 0.49 38.46
CA GLY F 8 5.37 -0.02 37.48
C GLY F 8 5.90 -1.40 37.79
N ALA F 9 6.13 -1.71 39.07
CA ALA F 9 6.64 -3.01 39.44
C ALA F 9 5.66 -4.13 39.09
N ALA F 10 4.38 -3.90 39.35
CA ALA F 10 3.36 -4.88 38.97
C ALA F 10 3.21 -4.96 37.45
N LEU F 11 3.22 -3.81 36.79
CA LEU F 11 3.11 -3.80 35.33
C LEU F 11 4.30 -4.47 34.67
N GLY F 12 5.51 -4.18 35.14
CA GLY F 12 6.70 -4.81 34.61
C GLY F 12 7.30 -4.07 33.43
N VAL F 13 6.65 -4.16 32.27
CA VAL F 13 7.15 -3.56 31.04
C VAL F 13 6.00 -2.84 30.34
N ALA F 14 6.26 -1.64 29.84
CA ALA F 14 5.28 -0.85 29.11
C ALA F 14 5.99 0.28 28.38
N THR F 15 5.56 0.55 27.16
CA THR F 15 6.15 1.64 26.39
C THR F 15 5.57 2.98 26.85
N ALA F 16 6.16 4.07 26.34
CA ALA F 16 5.70 5.39 26.70
C ALA F 16 4.26 5.63 26.25
N ALA F 17 3.90 5.14 25.07
CA ALA F 17 2.54 5.30 24.57
C ALA F 17 1.54 4.54 25.42
N GLN F 18 1.88 3.31 25.85
CA GLN F 18 0.96 2.55 26.70
C GLN F 18 0.78 3.23 28.05
N ILE F 19 1.85 3.75 28.63
CA ILE F 19 1.76 4.41 29.94
C ILE F 19 0.89 5.66 29.84
N THR F 20 1.12 6.47 28.80
CA THR F 20 0.35 7.70 28.63
C THR F 20 -1.12 7.40 28.39
N ALA F 21 -1.42 6.38 27.58
CA ALA F 21 -2.80 6.03 27.28
C ALA F 21 -3.46 5.37 28.49
N GLY F 22 -2.70 4.59 29.27
CA GLY F 22 -3.27 3.95 30.43
C GLY F 22 -3.65 4.93 31.52
N ILE F 23 -2.81 5.93 31.76
CA ILE F 23 -3.12 6.93 32.78
C ILE F 23 -4.27 7.81 32.34
N ALA F 24 -4.32 8.17 31.06
CA ALA F 24 -5.43 8.97 30.54
C ALA F 24 -6.76 8.24 30.65
N LEU F 25 -6.73 6.92 30.79
CA LEU F 25 -7.95 6.13 30.93
C LEU F 25 -8.66 6.39 32.25
N HIS F 26 -7.96 6.94 33.25
CA HIS F 26 -8.62 7.26 34.51
C HIS F 26 -9.48 8.52 34.41
N GLN F 27 -9.11 9.45 33.52
CA GLN F 27 -9.80 10.72 33.42
C GLN F 27 -10.90 10.72 32.36
N SER F 28 -10.74 9.93 31.30
CA SER F 28 -11.69 9.91 30.20
C SER F 28 -12.71 8.79 30.31
N MET F 29 -12.69 8.00 31.38
CA MET F 29 -13.59 6.87 31.52
C MET F 29 -14.73 7.22 32.47
N LEU F 30 -15.96 6.90 32.04
CA LEU F 30 -17.11 7.06 32.91
C LEU F 30 -17.00 6.11 34.09
N ASN F 31 -17.41 6.58 35.27
CA ASN F 31 -17.30 5.76 36.47
C ASN F 31 -18.38 4.69 36.48
N SER F 32 -18.42 3.92 37.58
CA SER F 32 -19.34 2.79 37.66
C SER F 32 -20.79 3.26 37.61
N GLN F 33 -21.10 4.39 38.26
CA GLN F 33 -22.47 4.90 38.24
C GLN F 33 -22.87 5.36 36.84
N ALA F 34 -21.96 6.03 36.13
CA ALA F 34 -22.30 6.53 34.80
C ALA F 34 -22.48 5.39 33.81
N ILE F 35 -21.72 4.31 33.96
CA ILE F 35 -21.90 3.14 33.11
C ILE F 35 -23.27 2.51 33.36
N ASP F 36 -23.66 2.41 34.64
CA ASP F 36 -24.97 1.84 34.97
C ASP F 36 -26.09 2.74 34.45
N ASN F 37 -25.92 4.06 34.56
CA ASN F 37 -26.89 4.98 33.98
C ASN F 37 -26.92 4.88 32.45
N LEU F 38 -25.75 4.73 31.84
CA LEU F 38 -25.68 4.59 30.38
C LEU F 38 -26.36 3.31 29.93
N ARG F 39 -26.20 2.23 30.68
CA ARG F 39 -26.81 0.96 30.32
C ARG F 39 -28.33 1.06 30.28
N ALA F 40 -28.92 1.71 31.28
CA ALA F 40 -30.38 1.84 31.32
C ALA F 40 -30.89 2.71 30.18
N SER F 41 -30.18 3.79 29.87
CA SER F 41 -30.62 4.69 28.80
C SER F 41 -30.53 4.01 27.44
N LEU F 42 -29.50 3.18 27.22
CA LEU F 42 -29.36 2.51 25.94
C LEU F 42 -30.50 1.55 25.69
N GLU F 43 -31.05 0.94 26.74
CA GLU F 43 -32.13 -0.04 26.61
C GLU F 43 -33.50 0.60 26.45
N THR F 44 -33.57 1.88 26.10
CA THR F 44 -34.85 2.54 25.90
C THR F 44 -34.92 3.33 24.60
N THR F 45 -33.86 3.34 23.81
CA THR F 45 -33.82 4.11 22.57
C THR F 45 -33.96 3.17 21.38
N ASN F 46 -34.48 3.71 20.27
CA ASN F 46 -34.70 2.93 19.07
C ASN F 46 -34.24 3.67 17.82
N GLN F 47 -33.31 4.60 17.96
CA GLN F 47 -32.84 5.42 16.86
C GLN F 47 -31.39 5.08 16.54
N ALA F 48 -31.02 5.31 15.27
CA ALA F 48 -29.66 5.03 14.83
C ALA F 48 -28.65 5.94 15.51
N ILE F 49 -28.96 7.23 15.64
CA ILE F 49 -28.09 8.20 16.28
C ILE F 49 -28.92 9.00 17.27
N GLU F 50 -28.44 9.08 18.51
CA GLU F 50 -29.20 9.77 19.54
C GLU F 50 -28.26 10.19 20.66
N ALA F 51 -28.52 11.37 21.22
CA ALA F 51 -27.70 11.92 22.29
C ALA F 51 -28.30 11.59 23.64
N ILE F 52 -27.45 11.14 24.56
CA ILE F 52 -27.86 10.82 25.92
C ILE F 52 -27.41 11.95 26.83
N ARG F 53 -28.37 12.58 27.51
CA ARG F 53 -28.07 13.64 28.46
C ARG F 53 -28.15 13.06 29.87
N GLN F 54 -27.07 13.22 30.64
CA GLN F 54 -26.97 12.65 31.99
C GLN F 54 -26.48 13.74 32.94
N ALA F 55 -27.41 14.35 33.68
CA ALA F 55 -27.09 15.33 34.72
C ALA F 55 -26.18 16.44 34.21
N GLY F 56 -25.19 16.81 35.03
CA GLY F 56 -24.22 17.82 34.65
C GLY F 56 -22.98 17.22 34.02
N GLN F 57 -23.17 16.41 32.98
CA GLN F 57 -22.07 15.77 32.29
C GLN F 57 -22.18 16.07 30.80
N GLY F 58 -21.05 15.98 30.11
CA GLY F 58 -21.08 16.07 28.66
C GLY F 58 -21.91 14.94 28.07
N MET F 59 -22.64 15.27 27.00
CA MET F 59 -23.54 14.30 26.39
C MET F 59 -22.76 13.13 25.80
N ILE F 60 -23.39 11.97 25.84
CA ILE F 60 -22.84 10.76 25.23
C ILE F 60 -23.66 10.46 23.98
N LEU F 61 -23.00 10.35 22.84
CA LEU F 61 -23.67 10.09 21.58
C LEU F 61 -23.72 8.58 21.34
N ALA F 62 -24.92 8.03 21.29
CA ALA F 62 -25.13 6.61 21.09
C ALA F 62 -25.44 6.33 19.62
N VAL F 63 -24.72 5.37 19.04
CA VAL F 63 -24.85 5.02 17.63
C VAL F 63 -25.11 3.52 17.53
N GLN F 64 -26.21 3.16 16.87
CA GLN F 64 -26.54 1.77 16.60
C GLN F 64 -26.41 1.52 15.10
N GLY F 65 -25.63 0.49 14.73
CA GLY F 65 -25.17 0.32 13.37
C GLY F 65 -26.20 -0.21 12.39
N VAL F 66 -27.26 -0.85 12.86
CA VAL F 66 -28.24 -1.45 11.94
C VAL F 66 -29.66 -0.96 12.22
N GLN F 67 -29.78 0.09 13.03
CA GLN F 67 -31.12 0.56 13.40
C GLN F 67 -31.84 1.26 12.25
N ASP F 68 -31.11 1.95 11.38
CA ASP F 68 -31.76 2.55 10.21
C ASP F 68 -32.40 1.48 9.34
N TYR F 69 -31.70 0.37 9.12
CA TYR F 69 -32.26 -0.71 8.33
C TYR F 69 -33.49 -1.31 8.98
N ILE F 70 -33.46 -1.51 10.31
CA ILE F 70 -34.62 -2.04 11.01
C ILE F 70 -35.79 -1.07 10.93
N ASN F 71 -35.54 0.22 11.14
CA ASN F 71 -36.63 1.19 11.20
C ASN F 71 -37.16 1.54 9.82
N ASN F 72 -36.29 1.62 8.81
CA ASN F 72 -36.69 2.07 7.49
C ASN F 72 -37.10 0.94 6.55
N GLU F 73 -36.60 -0.27 6.76
CA GLU F 73 -36.83 -1.36 5.82
C GLU F 73 -37.66 -2.50 6.39
N LEU F 74 -37.37 -2.95 7.61
CA LEU F 74 -37.99 -4.15 8.16
C LEU F 74 -39.34 -3.86 8.81
N ILE F 75 -39.39 -2.86 9.68
CA ILE F 75 -40.64 -2.55 10.40
C ILE F 75 -41.77 -2.18 9.45
N PRO F 76 -41.58 -1.30 8.46
CA PRO F 76 -42.70 -1.03 7.53
C PRO F 76 -43.20 -2.26 6.80
N SER F 77 -42.33 -3.23 6.52
CA SER F 77 -42.71 -4.46 5.82
C SER F 77 -43.13 -5.57 6.77
N MET F 78 -43.52 -5.23 8.00
CA MET F 78 -43.80 -6.27 8.99
C MET F 78 -45.08 -7.02 8.67
N ASN F 79 -46.12 -6.31 8.22
CA ASN F 79 -47.38 -6.96 7.89
C ASN F 79 -47.37 -7.64 6.53
N GLN F 80 -46.38 -7.37 5.69
CA GLN F 80 -46.32 -7.93 4.34
C GLN F 80 -45.42 -9.16 4.24
N LEU F 81 -44.29 -9.17 4.93
CA LEU F 81 -43.36 -10.28 4.88
C LEU F 81 -43.63 -11.25 6.02
N SER F 82 -43.22 -12.50 5.80
CA SER F 82 -43.38 -13.53 6.82
C SER F 82 -42.33 -13.37 7.92
N CYS F 83 -42.61 -13.99 9.07
CA CYS F 83 -41.68 -13.96 10.18
C CYS F 83 -40.33 -14.56 9.80
N ASP F 84 -40.33 -15.64 9.03
CA ASP F 84 -39.09 -16.27 8.59
C ASP F 84 -38.28 -15.34 7.71
N LEU F 85 -38.93 -14.61 6.80
CA LEU F 85 -38.22 -13.72 5.89
C LEU F 85 -37.64 -12.52 6.64
N ILE F 86 -38.35 -12.01 7.64
CA ILE F 86 -37.84 -10.89 8.43
C ILE F 86 -36.56 -11.30 9.15
N GLY F 87 -36.52 -12.50 9.72
CA GLY F 87 -35.32 -12.96 10.39
C GLY F 87 -34.15 -13.17 9.44
N GLN F 88 -34.43 -13.64 8.22
CA GLN F 88 -33.36 -13.89 7.27
C GLN F 88 -32.71 -12.59 6.80
N LYS F 89 -33.50 -11.53 6.63
CA LYS F 89 -32.94 -10.28 6.14
C LYS F 89 -32.12 -9.57 7.22
N LEU F 90 -32.56 -9.64 8.47
CA LEU F 90 -31.79 -9.02 9.54
C LEU F 90 -30.51 -9.80 9.82
N GLY F 91 -30.56 -11.12 9.70
CA GLY F 91 -29.36 -11.92 9.89
C GLY F 91 -28.27 -11.62 8.89
N LEU F 92 -28.65 -11.26 7.67
CA LEU F 92 -27.66 -10.88 6.66
C LEU F 92 -26.92 -9.62 7.07
N LYS F 93 -27.66 -8.62 7.58
CA LYS F 93 -27.02 -7.37 7.99
C LYS F 93 -26.23 -7.53 9.28
N LEU F 94 -26.72 -8.39 10.19
CA LEU F 94 -26.01 -8.60 11.45
C LEU F 94 -24.65 -9.24 11.23
N LEU F 95 -24.57 -10.23 10.34
CA LEU F 95 -23.31 -10.89 10.06
C LEU F 95 -22.35 -9.96 9.33
N ARG F 96 -22.86 -9.12 8.43
CA ARG F 96 -22.01 -8.14 7.76
C ARG F 96 -21.54 -7.07 8.73
N TYR F 97 -22.37 -6.72 9.71
CA TYR F 97 -21.93 -5.77 10.74
C TYR F 97 -20.87 -6.39 11.64
N TYR F 98 -21.02 -7.67 11.97
CA TYR F 98 -20.01 -8.35 12.79
C TYR F 98 -18.67 -8.38 12.08
N THR F 99 -18.66 -8.61 10.76
CA THR F 99 -17.43 -8.68 10.01
C THR F 99 -16.64 -7.38 10.10
N GLU F 100 -17.33 -6.24 10.12
CA GLU F 100 -16.65 -4.97 10.27
C GLU F 100 -16.21 -4.72 11.70
N ILE F 101 -16.97 -5.21 12.69
CA ILE F 101 -16.53 -5.13 14.08
C ILE F 101 -15.28 -5.97 14.29
N LEU F 102 -15.27 -7.18 13.72
CA LEU F 102 -14.08 -8.03 13.82
C LEU F 102 -12.89 -7.40 13.09
N SER F 103 -13.15 -6.75 11.96
CA SER F 103 -12.09 -6.09 11.21
C SER F 103 -11.45 -4.98 12.02
N LEU F 104 -12.26 -4.22 12.76
CA LEU F 104 -11.79 -3.03 13.48
C LEU F 104 -11.27 -3.35 14.87
N PHE F 105 -11.92 -4.24 15.60
CA PHE F 105 -11.61 -4.48 17.00
C PHE F 105 -11.07 -5.89 17.26
N GLY F 106 -10.76 -6.65 16.22
CA GLY F 106 -10.28 -7.99 16.38
C GLY F 106 -8.79 -8.06 16.62
N PRO F 107 -8.21 -9.25 16.41
CA PRO F 107 -6.75 -9.41 16.64
C PRO F 107 -5.90 -8.54 15.75
N SER F 108 -6.42 -8.03 14.64
CA SER F 108 -5.68 -7.08 13.82
C SER F 108 -5.33 -5.82 14.59
N LEU F 109 -6.16 -5.44 15.56
CA LEU F 109 -5.91 -4.26 16.38
C LEU F 109 -4.80 -4.58 17.37
N ARG F 110 -3.66 -3.92 17.20
CA ARG F 110 -2.50 -4.11 18.06
C ARG F 110 -2.52 -3.07 19.17
N ASP F 111 -2.39 -3.53 20.41
CA ASP F 111 -2.41 -2.67 21.60
C ASP F 111 -3.65 -1.80 21.63
N PRO F 112 -4.81 -2.36 21.97
CA PRO F 112 -6.05 -1.55 21.98
C PRO F 112 -6.01 -0.39 22.96
N ILE F 113 -5.22 -0.46 24.01
CA ILE F 113 -5.13 0.63 24.98
C ILE F 113 -4.59 1.89 24.31
N SER F 114 -3.52 1.72 23.52
CA SER F 114 -2.83 2.85 22.91
C SER F 114 -3.30 3.14 21.50
N ALA F 115 -4.24 2.37 20.96
CA ALA F 115 -4.67 2.55 19.58
C ALA F 115 -5.51 3.80 19.43
N GLU F 116 -5.28 4.53 18.34
CA GLU F 116 -6.05 5.72 17.99
C GLU F 116 -6.69 5.48 16.63
N ILE F 117 -8.01 5.35 16.61
CA ILE F 117 -8.75 4.96 15.42
C ILE F 117 -9.40 6.21 14.84
N SER F 118 -9.17 6.45 13.55
CA SER F 118 -9.76 7.61 12.90
C SER F 118 -11.26 7.41 12.72
N ILE F 119 -11.98 8.54 12.64
CA ILE F 119 -13.43 8.50 12.47
C ILE F 119 -13.81 7.87 11.14
N GLN F 120 -12.93 7.95 10.14
CA GLN F 120 -13.20 7.31 8.86
C GLN F 120 -13.08 5.79 8.95
N ALA F 121 -12.18 5.29 9.80
CA ALA F 121 -12.10 3.85 10.01
C ALA F 121 -13.30 3.31 10.77
N LEU F 122 -14.07 4.17 11.42
CA LEU F 122 -15.25 3.78 12.16
C LEU F 122 -16.53 3.92 11.35
N SER F 123 -16.42 4.23 10.06
CA SER F 123 -17.58 4.63 9.27
C SER F 123 -18.64 3.54 9.22
N TYR F 124 -18.23 2.30 8.98
CA TYR F 124 -19.21 1.21 8.90
C TYR F 124 -19.81 0.89 10.27
N ALA F 125 -18.99 0.92 11.32
CA ALA F 125 -19.49 0.67 12.67
C ALA F 125 -20.50 1.72 13.09
N LEU F 126 -20.46 2.91 12.50
CA LEU F 126 -21.37 3.99 12.84
C LEU F 126 -22.61 4.02 11.94
N GLY F 127 -22.78 3.01 11.09
CA GLY F 127 -23.92 2.94 10.21
C GLY F 127 -23.64 3.24 8.75
N GLY F 128 -22.38 3.39 8.36
CA GLY F 128 -22.02 3.60 6.98
C GLY F 128 -21.74 5.03 6.59
N ASP F 129 -21.83 5.97 7.54
CA ASP F 129 -21.57 7.37 7.25
C ASP F 129 -21.18 8.06 8.55
N ILE F 130 -20.46 9.18 8.41
CA ILE F 130 -19.98 9.93 9.55
C ILE F 130 -20.49 11.37 9.57
N ASN F 131 -21.23 11.80 8.56
CA ASN F 131 -21.66 13.19 8.47
C ASN F 131 -22.61 13.56 9.60
N LYS F 132 -23.61 12.71 9.87
CA LYS F 132 -24.54 13.01 10.96
C LYS F 132 -23.89 12.87 12.32
N VAL F 133 -22.95 11.94 12.46
CA VAL F 133 -22.21 11.81 13.71
C VAL F 133 -21.41 13.06 13.99
N LEU F 134 -20.71 13.58 12.96
CA LEU F 134 -19.96 14.82 13.11
C LEU F 134 -20.88 15.99 13.43
N GLU F 135 -22.03 16.05 12.77
CA GLU F 135 -22.99 17.12 13.03
C GLU F 135 -23.50 17.08 14.47
N LYS F 136 -23.83 15.88 14.96
CA LYS F 136 -24.39 15.76 16.30
C LYS F 136 -23.34 15.95 17.39
N LEU F 137 -22.06 15.77 17.06
CA LEU F 137 -20.98 16.03 18.01
C LEU F 137 -20.60 17.49 18.07
N GLY F 138 -21.10 18.32 17.15
CA GLY F 138 -20.75 19.72 17.09
C GLY F 138 -19.46 20.04 16.37
N TYR F 139 -18.91 19.09 15.62
CA TYR F 139 -17.63 19.30 14.94
C TYR F 139 -17.88 20.00 13.62
N SER F 140 -17.54 21.28 13.55
CA SER F 140 -17.76 22.08 12.35
C SER F 140 -16.81 23.26 12.37
N GLY F 141 -16.82 24.02 11.28
CA GLY F 141 -16.02 25.22 11.16
C GLY F 141 -15.28 25.23 9.84
N GLY F 142 -14.39 26.21 9.70
CA GLY F 142 -13.60 26.33 8.49
C GLY F 142 -12.44 25.38 8.38
N ASP F 143 -12.07 24.72 9.49
CA ASP F 143 -10.95 23.79 9.50
C ASP F 143 -11.40 22.34 9.40
N LEU F 144 -12.70 22.08 9.26
CA LEU F 144 -13.19 20.71 9.29
C LEU F 144 -12.65 19.88 8.14
N LEU F 145 -12.66 20.42 6.92
CA LEU F 145 -12.20 19.65 5.77
C LEU F 145 -10.73 19.29 5.89
N GLY F 146 -9.90 20.25 6.29
CA GLY F 146 -8.48 19.95 6.45
C GLY F 146 -8.23 18.93 7.55
N ILE F 147 -8.90 19.08 8.69
CA ILE F 147 -8.74 18.13 9.79
C ILE F 147 -9.23 16.75 9.39
N LEU F 148 -10.37 16.69 8.69
CA LEU F 148 -10.95 15.40 8.33
C LEU F 148 -10.12 14.67 7.28
N GLU F 149 -9.57 15.40 6.31
CA GLU F 149 -8.82 14.74 5.23
C GLU F 149 -7.49 14.19 5.71
N SER F 150 -6.89 14.79 6.73
CA SER F 150 -5.62 14.31 7.26
C SER F 150 -5.81 13.31 8.39
N ARG F 151 -7.04 12.85 8.62
CA ARG F 151 -7.36 11.88 9.67
C ARG F 151 -7.04 12.44 11.05
N GLY F 152 -7.44 13.69 11.28
CA GLY F 152 -7.16 14.34 12.54
C GLY F 152 -8.11 13.99 13.66
N ILE F 153 -9.33 13.59 13.32
CA ILE F 153 -10.32 13.19 14.33
C ILE F 153 -10.12 11.72 14.65
N LYS F 154 -9.78 11.43 15.90
CA LYS F 154 -9.42 10.08 16.31
C LYS F 154 -10.15 9.71 17.59
N ALA F 155 -10.35 8.42 17.78
CA ALA F 155 -11.09 7.90 18.93
C ALA F 155 -10.23 6.87 19.66
N ARG F 156 -10.41 6.82 20.98
CA ARG F 156 -9.75 5.85 21.84
C ARG F 156 -10.78 4.98 22.53
N ILE F 157 -10.49 3.70 22.65
CA ILE F 157 -11.35 2.80 23.41
C ILE F 157 -11.13 3.05 24.90
N THR F 158 -12.22 3.29 25.63
CA THR F 158 -12.15 3.53 27.07
C THR F 158 -12.95 2.54 27.90
N HIS F 159 -13.94 1.86 27.32
CA HIS F 159 -14.73 0.91 28.08
C HIS F 159 -15.40 -0.06 27.12
N VAL F 160 -15.33 -1.35 27.44
CA VAL F 160 -16.03 -2.40 26.71
C VAL F 160 -16.95 -3.10 27.70
N ASP F 161 -18.23 -3.16 27.37
CA ASP F 161 -19.23 -3.78 28.24
C ASP F 161 -19.70 -5.07 27.57
N THR F 162 -19.32 -6.20 28.15
CA THR F 162 -19.69 -7.49 27.60
C THR F 162 -21.14 -7.86 27.93
N GLU F 163 -21.64 -7.46 29.10
CA GLU F 163 -22.99 -7.84 29.50
C GLU F 163 -24.04 -7.18 28.62
N SER F 164 -23.89 -5.90 28.30
CA SER F 164 -24.87 -5.18 27.50
C SER F 164 -24.40 -4.89 26.08
N TYR F 165 -23.20 -5.33 25.71
CA TYR F 165 -22.71 -5.27 24.33
C TYR F 165 -22.67 -3.82 23.81
N PHE F 166 -21.80 -3.03 24.41
CA PHE F 166 -21.51 -1.71 23.85
C PHE F 166 -20.07 -1.32 24.13
N ILE F 167 -19.53 -0.44 23.28
CA ILE F 167 -18.17 0.05 23.38
C ILE F 167 -18.23 1.56 23.52
N VAL F 168 -17.52 2.09 24.52
CA VAL F 168 -17.44 3.52 24.74
C VAL F 168 -16.11 4.01 24.18
N LEU F 169 -16.17 5.04 23.34
CA LEU F 169 -15.00 5.64 22.74
C LEU F 169 -14.85 7.08 23.20
N SER F 170 -13.60 7.55 23.25
CA SER F 170 -13.28 8.93 23.55
C SER F 170 -12.79 9.59 22.27
N ILE F 171 -13.52 10.60 21.80
CA ILE F 171 -13.24 11.26 20.54
C ILE F 171 -12.97 12.73 20.81
N ALA F 172 -12.01 13.30 20.09
CA ALA F 172 -11.63 14.70 20.25
C ALA F 172 -11.56 15.38 18.89
N TYR F 173 -12.05 16.62 18.85
CA TYR F 173 -11.90 17.48 17.68
C TYR F 173 -10.68 18.35 17.88
N PRO F 174 -9.62 18.18 17.11
CA PRO F 174 -8.38 18.91 17.39
C PRO F 174 -8.47 20.38 16.98
N THR F 175 -7.59 21.18 17.58
CA THR F 175 -7.41 22.57 17.20
C THR F 175 -6.06 22.75 16.53
N LEU F 176 -6.01 23.63 15.54
CA LEU F 176 -4.83 23.81 14.70
C LEU F 176 -3.98 24.95 15.24
N SER F 177 -2.68 24.71 15.35
CA SER F 177 -1.72 25.73 15.78
C SER F 177 -0.60 25.81 14.75
N GLU F 178 -0.31 27.02 14.30
CA GLU F 178 0.75 27.24 13.32
C GLU F 178 2.10 27.28 14.00
N ILE F 179 3.03 26.45 13.53
CA ILE F 179 4.39 26.47 14.06
C ILE F 179 5.10 27.69 13.51
N LYS F 180 5.66 28.49 14.41
CA LYS F 180 6.22 29.79 14.04
C LYS F 180 7.56 29.61 13.31
N GLY F 181 7.64 30.16 12.10
CA GLY F 181 8.88 30.18 11.36
C GLY F 181 9.11 29.02 10.42
N VAL F 182 8.24 28.01 10.42
CA VAL F 182 8.43 26.83 9.59
C VAL F 182 7.74 27.06 8.25
N ILE F 183 8.49 26.90 7.16
CA ILE F 183 7.98 27.03 5.80
C ILE F 183 8.21 25.71 5.09
N VAL F 184 7.17 25.21 4.43
CA VAL F 184 7.25 23.96 3.67
C VAL F 184 7.38 24.34 2.20
N HIS F 185 8.46 23.90 1.56
CA HIS F 185 8.74 24.22 0.17
C HIS F 185 8.46 23.01 -0.71
N ARG F 186 7.85 23.24 -1.85
CA ARG F 186 7.64 22.20 -2.86
C ARG F 186 8.69 22.38 -3.95
N LEU F 187 9.48 21.34 -4.18
CA LEU F 187 10.57 21.38 -5.14
C LEU F 187 10.17 20.61 -6.39
N GLU F 188 10.43 21.21 -7.55
CA GLU F 188 10.19 20.57 -8.83
C GLU F 188 11.46 20.63 -9.65
N GLY F 189 11.65 19.62 -10.49
CA GLY F 189 12.87 19.51 -11.26
C GLY F 189 12.66 19.48 -12.76
N VAL F 190 13.70 19.87 -13.49
CA VAL F 190 13.76 19.79 -14.94
C VAL F 190 15.00 19.01 -15.33
N SER F 191 14.86 18.10 -16.27
CA SER F 191 16.01 17.35 -16.74
C SER F 191 16.97 18.24 -17.50
N TYR F 192 18.20 17.78 -17.64
CA TYR F 192 19.22 18.48 -18.41
C TYR F 192 20.04 17.44 -19.16
N ASN F 193 20.73 17.90 -20.20
CA ASN F 193 21.49 17.02 -21.08
C ASN F 193 22.98 17.28 -20.93
N ILE F 194 23.73 16.19 -20.75
CA ILE F 194 25.19 16.19 -20.84
C ILE F 194 25.52 15.41 -22.10
N GLY F 195 25.78 16.11 -23.19
CA GLY F 195 25.95 15.44 -24.46
C GLY F 195 24.63 14.89 -24.97
N SER F 196 24.54 13.57 -25.11
CA SER F 196 23.31 12.92 -25.54
C SER F 196 22.57 12.26 -24.38
N GLN F 197 23.07 12.37 -23.16
CA GLN F 197 22.45 11.75 -22.00
C GLN F 197 21.61 12.77 -21.24
N GLU F 198 20.40 12.38 -20.86
CA GLU F 198 19.49 13.24 -20.13
C GLU F 198 19.52 12.87 -18.66
N TRP F 199 19.82 13.84 -17.80
CA TRP F 199 20.00 13.62 -16.38
C TRP F 199 18.97 14.41 -15.59
N TYR F 200 18.84 14.06 -14.31
CA TYR F 200 17.82 14.63 -13.45
C TYR F 200 18.33 14.65 -12.02
N THR F 201 18.30 15.82 -11.40
CA THR F 201 18.77 15.96 -10.03
C THR F 201 17.78 15.33 -9.05
N THR F 202 18.30 14.57 -8.09
CA THR F 202 17.47 13.89 -7.11
C THR F 202 17.35 14.77 -5.86
N VAL F 203 16.16 15.31 -5.64
CA VAL F 203 15.88 16.15 -4.47
C VAL F 203 14.54 15.71 -3.89
N PRO F 204 14.30 15.99 -2.62
CA PRO F 204 13.01 15.66 -2.03
C PRO F 204 11.88 16.46 -2.65
N LYS F 205 10.68 15.87 -2.64
CA LYS F 205 9.50 16.59 -3.12
C LYS F 205 9.19 17.79 -2.22
N TYR F 206 9.27 17.60 -0.91
CA TYR F 206 9.00 18.66 0.06
C TYR F 206 10.16 18.79 1.02
N VAL F 207 10.52 20.02 1.34
CA VAL F 207 11.50 20.32 2.38
C VAL F 207 10.95 21.41 3.28
N ALA F 208 11.42 21.42 4.53
CA ALA F 208 10.97 22.38 5.51
C ALA F 208 12.16 23.18 6.02
N THR F 209 11.96 24.48 6.21
CA THR F 209 12.99 25.36 6.73
C THR F 209 12.47 26.11 7.94
N GLN F 210 13.37 26.38 8.87
CA GLN F 210 13.08 27.21 10.04
C GLN F 210 14.34 28.03 10.31
N GLY F 211 14.36 29.26 9.81
CA GLY F 211 15.57 30.05 9.85
C GLY F 211 16.62 29.50 8.90
N TYR F 212 17.74 29.04 9.44
CA TYR F 212 18.78 28.40 8.65
C TYR F 212 18.77 26.89 8.75
N LEU F 213 17.77 26.32 9.41
CA LEU F 213 17.66 24.87 9.53
C LEU F 213 16.87 24.31 8.35
N ILE F 214 17.34 23.18 7.83
CA ILE F 214 16.70 22.49 6.72
C ILE F 214 16.35 21.08 7.19
N SER F 215 15.11 20.67 6.95
CA SER F 215 14.61 19.40 7.43
C SER F 215 13.85 18.69 6.33
N ASN F 216 13.77 17.37 6.45
CA ASN F 216 12.89 16.61 5.58
C ASN F 216 11.43 16.83 5.99
N PHE F 217 10.52 16.52 5.07
CA PHE F 217 9.10 16.68 5.33
C PHE F 217 8.35 15.48 4.80
N ASP F 218 7.58 14.83 5.67
CA ASP F 218 6.77 13.69 5.31
C ASP F 218 5.34 14.15 5.09
N GLU F 219 4.83 13.97 3.87
CA GLU F 219 3.51 14.44 3.49
C GLU F 219 2.43 13.37 3.64
N SER F 220 2.76 12.23 4.25
CA SER F 220 1.83 11.12 4.31
C SER F 220 0.58 11.46 5.10
N SER F 221 0.71 12.19 6.20
CA SER F 221 -0.42 12.53 7.05
C SER F 221 -0.83 13.99 6.92
N CYS F 222 -0.47 14.64 5.83
CA CYS F 222 -0.68 16.07 5.67
C CYS F 222 -1.67 16.33 4.53
N THR F 223 -2.43 17.42 4.68
CA THR F 223 -3.35 17.89 3.65
C THR F 223 -2.97 19.32 3.33
N PHE F 224 -2.70 19.59 2.05
CA PHE F 224 -2.25 20.91 1.62
C PHE F 224 -3.48 21.76 1.31
N MET F 225 -3.84 22.62 2.23
CA MET F 225 -4.96 23.53 2.11
C MET F 225 -4.47 24.90 1.65
N PRO F 226 -5.33 25.70 1.04
CA PRO F 226 -4.89 27.03 0.57
C PRO F 226 -4.40 27.93 1.69
N GLU F 227 -4.78 27.65 2.94
CA GLU F 227 -4.36 28.44 4.09
C GLU F 227 -3.21 27.81 4.86
N GLY F 228 -2.58 26.77 4.31
CA GLY F 228 -1.43 26.13 4.95
C GLY F 228 -1.63 24.63 5.04
N THR F 229 -0.51 23.90 5.03
CA THR F 229 -0.58 22.45 5.10
C THR F 229 -0.96 22.01 6.51
N VAL F 230 -1.84 21.01 6.60
CA VAL F 230 -2.43 20.57 7.85
C VAL F 230 -2.04 19.12 8.06
N CYS F 231 -1.35 18.84 9.16
CA CYS F 231 -0.78 17.53 9.43
C CYS F 231 -1.29 17.00 10.75
N SER F 232 -1.73 15.75 10.76
CA SER F 232 -2.19 15.10 11.98
C SER F 232 -1.08 14.37 12.73
N GLN F 233 0.10 14.28 12.14
CA GLN F 233 1.26 13.71 12.82
C GLN F 233 2.40 14.73 12.77
N ASN F 234 3.59 14.34 13.20
CA ASN F 234 4.78 15.17 13.05
C ASN F 234 5.38 14.86 11.68
N ALA F 235 5.43 15.87 10.82
CA ALA F 235 5.91 15.68 9.47
C ALA F 235 7.39 16.01 9.30
N LEU F 236 7.99 16.72 10.25
CA LEU F 236 9.39 17.11 10.17
C LEU F 236 10.28 16.00 10.71
N TYR F 237 11.26 15.59 9.91
CA TYR F 237 12.26 14.64 10.35
C TYR F 237 13.61 15.02 9.75
N PRO F 238 14.71 14.65 10.41
CA PRO F 238 16.01 15.23 10.04
C PRO F 238 16.46 14.86 8.63
N MET F 239 17.20 15.77 8.02
CA MET F 239 17.81 15.58 6.72
C MET F 239 19.31 15.34 6.90
N SER F 240 19.86 14.46 6.10
CA SER F 240 21.27 14.13 6.23
C SER F 240 22.14 15.34 5.90
N PRO F 241 23.30 15.47 6.53
CA PRO F 241 24.16 16.64 6.25
C PRO F 241 24.56 16.78 4.80
N LEU F 242 24.77 15.67 4.09
CA LEU F 242 25.15 15.75 2.68
C LEU F 242 24.03 16.34 1.83
N LEU F 243 22.78 15.96 2.11
CA LEU F 243 21.66 16.54 1.38
C LEU F 243 21.45 17.99 1.75
N GLN F 244 21.72 18.37 3.00
CA GLN F 244 21.63 19.77 3.39
C GLN F 244 22.68 20.62 2.69
N GLU F 245 23.87 20.05 2.43
CA GLU F 245 24.88 20.76 1.65
C GLU F 245 24.38 21.03 0.24
N CYS F 246 23.68 20.06 -0.35
CA CYS F 246 23.12 20.24 -1.69
C CYS F 246 22.15 21.41 -1.73
N LEU F 247 21.21 21.47 -0.79
CA LEU F 247 20.20 22.52 -0.80
C LEU F 247 20.76 23.87 -0.38
N ARG F 248 21.94 23.91 0.21
CA ARG F 248 22.58 25.16 0.60
C ARG F 248 23.49 25.73 -0.48
N GLY F 249 23.63 25.04 -1.61
CA GLY F 249 24.36 25.60 -2.73
C GLY F 249 25.42 24.71 -3.33
N SER F 250 25.76 23.61 -2.67
CA SER F 250 26.83 22.72 -3.13
C SER F 250 26.25 21.78 -4.18
N THR F 251 26.47 22.10 -5.46
CA THR F 251 25.88 21.29 -6.52
C THR F 251 26.56 19.94 -6.67
N LYS F 252 27.82 19.82 -6.25
CA LYS F 252 28.51 18.55 -6.32
C LYS F 252 28.02 17.55 -5.28
N SER F 253 27.22 17.99 -4.32
CA SER F 253 26.66 17.12 -3.30
C SER F 253 25.29 16.57 -3.68
N CYS F 254 24.74 16.97 -4.81
CA CYS F 254 23.43 16.51 -5.24
C CYS F 254 23.59 15.34 -6.20
N ALA F 255 22.92 14.23 -5.89
CA ALA F 255 22.95 13.08 -6.77
C ALA F 255 22.07 13.32 -8.00
N ARG F 256 22.38 12.60 -9.07
CA ARG F 256 21.64 12.70 -10.32
C ARG F 256 21.37 11.30 -10.85
N THR F 257 20.31 11.18 -11.63
CA THR F 257 19.90 9.90 -12.19
C THR F 257 19.53 10.09 -13.65
N LEU F 258 19.67 9.02 -14.43
CA LEU F 258 19.20 9.03 -15.81
C LEU F 258 17.69 8.92 -15.87
N VAL F 259 17.10 9.50 -16.91
CA VAL F 259 15.66 9.47 -17.11
C VAL F 259 15.35 8.52 -18.25
N SER F 260 14.08 8.11 -18.31
CA SER F 260 13.62 7.20 -19.36
C SER F 260 13.52 7.95 -20.68
N GLY F 261 13.08 7.22 -21.72
CA GLY F 261 12.92 7.83 -23.02
C GLY F 261 11.82 8.88 -23.05
N SER F 262 10.69 8.59 -22.43
CA SER F 262 9.56 9.50 -22.37
C SER F 262 9.50 10.09 -20.97
N PHE F 263 9.95 11.35 -20.85
CA PHE F 263 10.04 12.03 -19.56
C PHE F 263 9.19 13.29 -19.62
N GLY F 264 8.42 13.53 -18.57
CA GLY F 264 7.47 14.62 -18.55
C GLY F 264 7.97 15.96 -18.06
N ASN F 265 9.15 16.03 -17.47
CA ASN F 265 9.67 17.27 -16.89
C ASN F 265 10.89 17.70 -17.68
N ARG F 266 10.65 18.39 -18.79
CA ARG F 266 11.71 18.92 -19.63
C ARG F 266 11.62 20.43 -19.78
N PHE F 267 10.62 21.05 -19.19
CA PHE F 267 10.54 22.50 -19.08
C PHE F 267 9.68 22.84 -17.88
N ILE F 268 9.88 24.04 -17.34
CA ILE F 268 9.09 24.53 -16.22
C ILE F 268 8.98 26.04 -16.34
N LEU F 269 7.89 26.58 -15.82
CA LEU F 269 7.69 28.02 -15.74
C LEU F 269 7.98 28.46 -14.30
N SER F 270 8.96 29.35 -14.15
CA SER F 270 9.40 29.78 -12.83
C SER F 270 9.67 31.28 -12.87
N GLN F 271 8.96 32.03 -12.03
CA GLN F 271 9.13 33.48 -11.92
C GLN F 271 8.92 34.17 -13.27
N GLY F 272 7.98 33.66 -14.05
CA GLY F 272 7.70 34.22 -15.35
C GLY F 272 8.68 33.83 -16.45
N ASN F 273 9.69 33.03 -16.13
CA ASN F 273 10.68 32.59 -17.10
C ASN F 273 10.53 31.10 -17.34
N LEU F 274 10.91 30.67 -18.53
CA LEU F 274 10.82 29.27 -18.92
C LEU F 274 12.21 28.66 -18.86
N ILE F 275 12.36 27.63 -18.04
CA ILE F 275 13.59 26.84 -17.96
C ILE F 275 13.33 25.54 -18.70
N ALA F 276 14.04 25.32 -19.80
CA ALA F 276 13.74 24.21 -20.69
C ALA F 276 15.01 23.44 -21.04
N ASN F 277 14.88 22.11 -21.10
CA ASN F 277 15.91 21.25 -21.66
C ASN F 277 15.70 21.22 -23.17
N CYS F 278 16.23 22.25 -23.84
CA CYS F 278 15.99 22.43 -25.27
C CYS F 278 16.80 21.46 -26.13
N ALA F 279 17.70 20.68 -25.53
CA ALA F 279 18.37 19.61 -26.25
C ALA F 279 17.53 18.34 -26.30
N SER F 280 16.46 18.25 -25.52
CA SER F 280 15.59 17.09 -25.50
C SER F 280 14.16 17.37 -25.93
N ILE F 281 13.77 18.64 -26.04
CA ILE F 281 12.52 19.06 -26.66
C ILE F 281 12.83 20.14 -27.65
N LEU F 282 11.88 20.39 -28.55
CA LEU F 282 12.04 21.41 -29.58
C LEU F 282 11.55 22.75 -29.05
N CYS F 283 12.48 23.67 -28.84
CA CYS F 283 12.15 25.03 -28.42
C CYS F 283 12.23 25.96 -29.62
N LYS F 284 11.16 26.71 -29.86
CA LYS F 284 11.10 27.64 -30.98
C LYS F 284 10.59 28.98 -30.50
N CYS F 285 11.23 30.06 -30.93
CA CYS F 285 10.77 31.41 -30.61
C CYS F 285 9.63 31.77 -31.55
N TYR F 286 8.44 32.01 -31.01
CA TYR F 286 7.29 32.29 -31.85
C TYR F 286 7.34 33.70 -32.41
N THR F 287 7.99 34.63 -31.71
CA THR F 287 8.05 36.01 -32.17
C THR F 287 8.84 36.13 -33.48
N THR F 288 9.95 35.41 -33.59
CA THR F 288 10.81 35.49 -34.77
C THR F 288 10.80 34.23 -35.63
N GLY F 289 10.21 33.14 -35.15
CA GLY F 289 10.14 31.92 -35.93
C GLY F 289 11.40 31.09 -35.94
N THR F 290 12.40 31.43 -35.14
CA THR F 290 13.65 30.70 -35.12
C THR F 290 13.65 29.61 -34.06
N ILE F 291 14.37 28.54 -34.33
CA ILE F 291 14.52 27.44 -33.37
C ILE F 291 15.58 27.83 -32.34
N ILE F 292 15.25 27.63 -31.06
CA ILE F 292 16.21 27.87 -29.99
C ILE F 292 17.05 26.62 -29.81
N ASN F 293 18.36 26.73 -30.04
CA ASN F 293 19.27 25.61 -29.96
C ASN F 293 20.06 25.68 -28.67
N GLN F 294 20.18 24.54 -27.99
CA GLN F 294 20.94 24.47 -26.75
C GLN F 294 22.38 24.09 -27.08
N ASP F 295 23.31 24.96 -26.72
CA ASP F 295 24.71 24.70 -26.98
C ASP F 295 25.14 23.44 -26.23
N PRO F 296 25.90 22.54 -26.87
CA PRO F 296 26.28 21.29 -26.20
C PRO F 296 27.13 21.50 -24.97
N ASP F 297 27.75 22.67 -24.81
CA ASP F 297 28.49 23.00 -23.60
C ASP F 297 27.62 23.65 -22.54
N LYS F 298 26.32 23.77 -22.79
CA LYS F 298 25.33 24.14 -21.78
C LYS F 298 24.42 22.96 -21.53
N ILE F 299 23.81 22.92 -20.35
CA ILE F 299 22.90 21.84 -20.00
C ILE F 299 21.45 22.27 -19.96
N LEU F 300 21.16 23.55 -19.78
CA LEU F 300 19.80 24.04 -19.67
C LEU F 300 19.68 25.36 -20.42
N THR F 301 18.44 25.74 -20.69
CA THR F 301 18.14 27.01 -21.35
C THR F 301 17.17 27.80 -20.50
N TYR F 302 17.48 29.06 -20.27
CA TYR F 302 16.63 29.97 -19.50
C TYR F 302 16.11 31.04 -20.44
N ILE F 303 14.80 31.04 -20.66
CA ILE F 303 14.16 31.86 -21.69
C ILE F 303 13.39 32.98 -21.01
N ALA F 304 13.72 34.21 -21.37
CA ALA F 304 13.05 35.40 -20.86
C ALA F 304 12.64 36.28 -22.03
N ALA F 305 11.85 37.31 -21.73
CA ALA F 305 11.30 38.17 -22.76
C ALA F 305 12.35 39.02 -23.47
N ASP F 306 13.55 39.15 -22.90
CA ASP F 306 14.56 39.99 -23.53
C ASP F 306 15.00 39.43 -24.87
N HIS F 307 15.13 38.11 -24.99
CA HIS F 307 15.54 37.49 -26.24
C HIS F 307 14.43 36.70 -26.92
N CYS F 308 13.31 36.46 -26.26
CA CYS F 308 12.20 35.72 -26.85
C CYS F 308 10.90 36.03 -26.11
N PRO F 309 10.18 37.07 -26.50
CA PRO F 309 8.95 37.43 -25.76
C PRO F 309 7.91 36.33 -25.73
N VAL F 310 7.76 35.58 -26.82
CA VAL F 310 6.80 34.49 -26.92
C VAL F 310 7.52 33.28 -27.47
N VAL F 311 7.37 32.14 -26.80
CA VAL F 311 8.14 30.94 -27.11
C VAL F 311 7.20 29.74 -27.19
N GLU F 312 7.47 28.87 -28.15
CA GLU F 312 6.80 27.58 -28.28
C GLU F 312 7.75 26.50 -27.80
N VAL F 313 7.30 25.67 -26.86
CA VAL F 313 8.18 24.78 -26.12
C VAL F 313 7.90 23.31 -26.42
N ASN F 314 6.63 22.89 -26.34
CA ASN F 314 6.27 21.51 -26.62
C ASN F 314 4.96 21.47 -27.39
N GLY F 315 4.84 22.32 -28.41
CA GLY F 315 3.55 22.56 -29.01
C GLY F 315 2.66 23.46 -28.18
N VAL F 316 3.22 24.09 -27.14
CA VAL F 316 2.50 25.01 -26.27
C VAL F 316 3.16 26.36 -26.37
N THR F 317 2.36 27.39 -26.61
CA THR F 317 2.87 28.74 -26.80
C THR F 317 2.75 29.50 -25.48
N ILE F 318 3.88 29.98 -24.97
CA ILE F 318 3.95 30.64 -23.68
C ILE F 318 4.59 32.01 -23.86
N GLN F 319 3.97 33.03 -23.28
CA GLN F 319 4.52 34.38 -23.26
C GLN F 319 5.21 34.60 -21.92
N VAL F 320 6.50 34.90 -21.96
CA VAL F 320 7.33 34.95 -20.76
C VAL F 320 7.56 36.40 -20.37
N GLY F 321 7.95 36.60 -19.11
CA GLY F 321 8.19 37.91 -18.56
C GLY F 321 9.66 38.30 -18.61
N SER F 322 9.99 39.32 -17.83
CA SER F 322 11.34 39.86 -17.83
C SER F 322 12.33 38.87 -17.21
N ARG F 323 13.61 39.15 -17.43
CA ARG F 323 14.68 38.23 -17.03
C ARG F 323 14.77 38.09 -15.52
N ARG F 324 14.74 36.85 -15.05
CA ARG F 324 14.91 36.53 -13.63
C ARG F 324 15.96 35.48 -13.35
N TYR F 325 16.39 34.72 -14.36
CA TYR F 325 17.44 33.72 -14.25
C TYR F 325 18.55 34.08 -15.23
N PRO F 326 19.80 34.20 -14.78
CA PRO F 326 20.87 34.55 -15.71
C PRO F 326 20.99 33.53 -16.83
N ASP F 327 21.57 33.97 -17.94
CA ASP F 327 21.80 33.07 -19.06
C ASP F 327 22.61 31.86 -18.63
N ALA F 328 22.39 30.74 -19.31
CA ALA F 328 23.02 29.48 -18.94
C ALA F 328 24.54 29.60 -18.97
N VAL F 329 25.17 28.99 -17.98
CA VAL F 329 26.62 28.96 -17.91
C VAL F 329 27.11 27.65 -18.52
N TYR F 330 28.40 27.60 -18.81
CA TYR F 330 28.97 26.42 -19.42
C TYR F 330 29.04 25.28 -18.40
N LEU F 331 29.10 24.06 -18.92
CA LEU F 331 29.17 22.89 -18.05
C LEU F 331 30.43 22.89 -17.20
N HIS F 332 31.51 23.49 -17.70
CA HIS F 332 32.76 23.49 -16.95
C HIS F 332 32.74 24.43 -15.74
N ARG F 333 31.70 25.25 -15.59
CA ARG F 333 31.54 26.08 -14.41
C ARG F 333 30.52 25.51 -13.44
N ILE F 334 30.04 24.29 -13.68
CA ILE F 334 29.11 23.61 -12.78
C ILE F 334 29.75 22.30 -12.33
N ASP F 335 29.81 22.08 -11.03
CA ASP F 335 30.27 20.82 -10.47
C ASP F 335 29.06 19.91 -10.24
N LEU F 336 29.02 18.79 -10.93
CA LEU F 336 27.89 17.88 -10.86
C LEU F 336 28.14 16.77 -9.86
N GLY F 337 27.07 16.27 -9.26
CA GLY F 337 27.17 15.24 -8.26
C GLY F 337 27.27 13.87 -8.86
N PRO F 338 27.33 12.87 -7.97
CA PRO F 338 27.53 11.49 -8.41
C PRO F 338 26.29 10.93 -9.08
N PRO F 339 26.45 10.15 -10.15
CA PRO F 339 25.29 9.44 -10.72
C PRO F 339 24.86 8.30 -9.82
N ILE F 340 23.55 8.16 -9.63
CA ILE F 340 22.98 7.11 -8.80
C ILE F 340 21.83 6.46 -9.55
N SER F 341 21.42 5.30 -9.06
CA SER F 341 20.20 4.63 -9.50
C SER F 341 19.36 4.35 -8.27
N LEU F 342 18.10 4.78 -8.29
CA LEU F 342 17.26 4.72 -7.12
C LEU F 342 16.48 3.43 -6.98
N GLY F 343 16.66 2.48 -7.90
CA GLY F 343 16.02 1.19 -7.75
C GLY F 343 16.54 0.44 -6.54
N ARG F 344 15.64 -0.33 -5.92
CA ARG F 344 16.00 -1.08 -4.72
C ARG F 344 17.08 -2.12 -5.00
N LEU F 345 16.95 -2.82 -6.13
CA LEU F 345 17.92 -3.87 -6.46
C LEU F 345 19.18 -3.29 -7.08
N ASP F 346 19.08 -2.09 -7.68
CA ASP F 346 20.28 -1.39 -8.15
C ASP F 346 21.09 -0.85 -6.98
N VAL F 347 20.43 -0.47 -5.88
CA VAL F 347 21.15 0.00 -4.71
C VAL F 347 21.92 -1.15 -4.05
N GLY F 348 21.25 -2.29 -3.87
CA GLY F 348 21.90 -3.42 -3.22
C GLY F 348 23.03 -4.00 -4.04
N THR F 349 22.85 -4.04 -5.37
CA THR F 349 23.92 -4.53 -6.24
C THR F 349 25.16 -3.65 -6.15
N ASN F 350 24.97 -2.33 -6.12
CA ASN F 350 26.10 -1.41 -6.07
C ASN F 350 26.71 -1.30 -4.69
N LEU F 351 25.89 -1.41 -3.64
CA LEU F 351 26.44 -1.41 -2.28
C LEU F 351 27.25 -2.68 -2.01
N GLY F 352 26.81 -3.82 -2.55
CA GLY F 352 27.57 -5.05 -2.38
C GLY F 352 28.92 -4.99 -3.07
N ASN F 353 28.96 -4.40 -4.26
CA ASN F 353 30.22 -4.20 -4.96
C ASN F 353 31.14 -3.26 -4.19
N ALA F 354 30.58 -2.20 -3.61
CA ALA F 354 31.39 -1.24 -2.87
C ALA F 354 31.96 -1.84 -1.60
N ILE F 355 31.16 -2.61 -0.86
CA ILE F 355 31.64 -3.20 0.38
C ILE F 355 32.65 -4.30 0.09
N ALA F 356 32.51 -5.01 -1.03
CA ALA F 356 33.50 -6.01 -1.41
C ALA F 356 34.87 -5.36 -1.65
N LYS F 357 34.90 -4.17 -2.23
CA LYS F 357 36.17 -3.47 -2.42
C LYS F 357 36.75 -3.01 -1.10
N LEU F 358 35.90 -2.59 -0.16
CA LEU F 358 36.39 -2.17 1.15
C LEU F 358 36.93 -3.34 1.95
N GLU F 359 36.36 -4.53 1.76
CA GLU F 359 36.85 -5.72 2.45
C GLU F 359 38.13 -6.26 1.84
N ASP F 360 38.32 -6.08 0.53
CA ASP F 360 39.57 -6.50 -0.09
C ASP F 360 40.72 -5.60 0.32
N ALA F 361 40.46 -4.31 0.54
CA ALA F 361 41.49 -3.34 0.94
C ALA F 361 41.43 -3.02 2.42
N LYS F 362 41.01 -3.98 3.25
CA LYS F 362 40.88 -3.71 4.68
C LYS F 362 42.23 -3.44 5.32
N GLU F 363 43.26 -4.23 4.98
CA GLU F 363 44.56 -4.08 5.60
C GLU F 363 45.19 -2.72 5.27
N LEU F 364 45.04 -2.26 4.03
CA LEU F 364 45.57 -0.95 3.67
C LEU F 364 44.80 0.18 4.36
N LEU F 365 43.50 0.01 4.56
CA LEU F 365 42.72 1.04 5.23
C LEU F 365 42.99 1.08 6.72
N GLU F 366 43.31 -0.07 7.33
CA GLU F 366 43.68 -0.08 8.74
C GLU F 366 44.98 0.68 8.98
N SER F 367 45.93 0.56 8.05
CA SER F 367 47.24 1.20 8.19
C SER F 367 47.22 2.61 7.60
N SER F 368 46.25 3.40 8.05
CA SER F 368 46.12 4.78 7.57
C SER F 368 47.16 5.71 8.19
N ASP F 369 47.71 5.35 9.35
CA ASP F 369 48.75 6.17 9.98
C ASP F 369 50.15 5.67 9.69
N GLN F 370 50.33 4.38 9.41
CA GLN F 370 51.63 3.82 9.11
C GLN F 370 52.08 4.12 7.68
N ILE F 371 51.21 4.68 6.85
CA ILE F 371 51.56 5.05 5.49
C ILE F 371 51.69 6.56 5.34
N LEU F 372 50.75 7.33 5.91
CA LEU F 372 50.83 8.78 5.83
C LEU F 372 52.08 9.30 6.55
N ARG F 373 52.42 8.71 7.70
CA ARG F 373 53.62 9.09 8.43
C ARG F 373 54.82 8.25 7.98
N SER F 374 55.09 8.32 6.67
CA SER F 374 56.20 7.58 6.08
C SER F 374 56.55 8.13 4.71
C21 P6S G 1 24.91 -11.61 3.28
C22 P6S G 1 25.85 -12.64 4.02
C24 P6S G 1 26.20 -14.47 5.63
C26 P6S G 1 28.08 -13.65 4.42
C19 P6S G 1 25.89 -9.46 4.16
C23 P6S G 1 25.37 -13.55 4.97
C25 P6S G 1 27.56 -14.53 5.37
C27 P6S G 1 27.24 -12.73 3.78
O20 P6S G 1 24.78 -10.28 3.85
O28 P6S G 1 26.76 -9.96 4.85
N PHE G 2 25.99 -8.13 3.67
CA PHE G 2 27.21 -7.45 3.08
C PHE G 2 28.55 -7.63 3.95
N PHE G 3 28.94 -6.98 5.17
CA PHE G 3 30.24 -7.20 5.91
C PHE G 3 30.18 -8.57 6.75
N GLY G 4 31.22 -9.48 6.84
CA GLY G 4 31.23 -10.74 7.61
C GLY G 4 30.75 -12.00 6.78
C21 P6S H 1 23.05 10.93 10.25
C22 P6S H 1 23.89 12.14 10.80
C24 P6S H 1 26.07 13.20 11.25
C26 P6S H 1 24.08 14.35 11.86
C19 P6S H 1 23.92 10.63 7.91
C23 P6S H 1 25.30 12.15 10.76
C25 P6S H 1 25.47 14.32 11.81
C27 P6S H 1 23.32 13.29 11.37
O20 P6S H 1 22.85 10.83 8.82
O28 P6S H 1 23.84 11.27 6.88
N PHE H 2 24.99 9.74 8.19
CA PHE H 2 26.05 9.19 7.22
C PHE H 2 27.27 10.21 7.01
N PHE H 3 27.70 10.88 5.82
CA PHE H 3 28.88 11.81 5.71
C PHE H 3 28.52 13.21 6.42
N GLY H 4 29.43 13.99 7.13
CA GLY H 4 29.16 15.31 7.79
C GLY H 4 28.77 15.20 9.32
C21 P6S I 1 24.01 5.86 -12.93
C22 P6S I 1 24.88 5.86 -14.22
C24 P6S I 1 25.13 5.70 -16.65
C26 P6S I 1 27.09 6.02 -15.33
C19 P6S I 1 24.43 4.14 -11.20
C23 P6S I 1 24.35 5.70 -15.50
C25 P6S I 1 26.50 5.87 -16.59
C27 P6S I 1 26.29 6.02 -14.18
O20 P6S I 1 24.66 5.41 -11.72
O28 P6S I 1 23.39 3.62 -11.54
N PHE I 2 25.36 3.51 -10.33
CA PHE I 2 26.50 4.17 -9.58
C PHE I 2 27.95 3.75 -10.13
N PHE I 3 28.50 2.45 -10.32
CA PHE I 3 29.87 2.15 -10.86
C PHE I 3 29.88 2.20 -12.48
N GLY I 4 30.44 1.24 -13.29
CA GLY I 4 30.48 1.24 -14.79
C GLY I 4 31.90 0.91 -15.38
C1 NAG J . 30.79 -15.91 -19.11
C2 NAG J . 31.49 -14.63 -19.59
C3 NAG J . 33.02 -14.78 -19.57
C4 NAG J . 33.46 -15.20 -18.19
C5 NAG J . 32.79 -16.54 -17.91
C6 NAG J . 33.18 -17.16 -16.58
C7 NAG J . 30.65 -13.00 -21.23
C8 NAG J . 30.22 -12.83 -22.67
N2 NAG J . 31.04 -14.25 -20.90
O3 NAG J . 33.59 -13.57 -19.98
O4 NAG J . 34.88 -15.31 -18.19
O5 NAG J . 31.39 -16.34 -17.91
O6 NAG J . 32.32 -16.71 -15.56
O7 NAG J . 30.63 -12.07 -20.44
C1 NAG J . 35.44 -14.33 -17.29
C2 NAG J . 36.61 -14.97 -16.53
C3 NAG J . 37.35 -13.92 -15.70
C4 NAG J . 37.76 -12.74 -16.55
C5 NAG J . 36.50 -12.20 -17.24
C6 NAG J . 36.76 -11.01 -18.14
C7 NAG J . 36.89 -17.12 -15.37
C8 NAG J . 36.22 -18.12 -14.46
N2 NAG J . 36.16 -16.04 -15.68
O3 NAG J . 38.45 -14.54 -15.09
O4 NAG J . 38.35 -11.80 -15.69
O5 NAG J . 35.93 -13.22 -18.03
O6 NAG J . 37.00 -11.46 -19.45
O7 NAG J . 38.03 -17.30 -15.79
C1 BMA J . 39.72 -11.55 -16.11
C2 BMA J . 40.22 -10.34 -15.32
C3 BMA J . 41.70 -10.08 -15.67
C4 BMA J . 42.59 -11.34 -15.52
C5 BMA J . 41.94 -12.59 -16.10
C6 BMA J . 42.61 -13.88 -15.64
O2 BMA J . 40.02 -10.58 -13.95
O3 BMA J . 42.13 -9.00 -14.87
O4 BMA J . 43.79 -11.03 -16.19
O5 BMA J . 40.55 -12.67 -15.83
O6 BMA J . 43.10 -13.66 -14.33
C1 NAG K . -38.04 15.15 -13.95
C2 NAG K . -37.89 16.49 -14.70
C3 NAG K . -39.05 16.75 -15.66
C4 NAG K . -39.48 15.52 -16.44
C5 NAG K . -39.77 14.43 -15.42
C6 NAG K . -40.33 13.14 -15.99
C7 NAG K . -36.77 18.15 -13.17
C8 NAG K . -35.41 17.53 -13.42
N2 NAG K . -37.83 17.61 -13.79
O3 NAG K . -38.69 17.81 -16.51
O4 NAG K . -40.62 15.88 -17.19
O5 NAG K . -38.55 14.14 -14.79
O6 NAG K . -40.54 12.22 -14.95
O7 NAG K . -36.87 19.11 -12.42
C1 NAG K . -40.43 15.55 -18.58
C2 NAG K . -41.80 15.23 -19.20
C3 NAG K . -41.59 14.81 -20.64
C4 NAG K . -40.88 15.92 -21.41
C5 NAG K . -39.61 16.34 -20.67
C6 NAG K . -38.95 17.59 -21.23
C7 NAG K . -43.45 14.47 -17.54
C8 NAG K . -44.05 13.25 -16.89
N2 NAG K . -42.50 14.22 -18.45
O3 NAG K . -42.84 14.49 -21.20
O4 NAG K . -40.59 15.39 -22.70
O5 NAG K . -39.88 16.62 -19.31
O6 NAG K . -39.72 18.72 -20.90
O7 NAG K . -43.81 15.59 -17.24
C1 BMA K . -41.03 16.30 -23.73
C2 BMA K . -40.11 16.13 -24.92
C3 BMA K . -40.59 17.03 -26.08
C4 BMA K . -42.09 16.87 -26.39
C5 BMA K . -42.95 16.81 -25.14
C6 BMA K . -44.38 16.35 -25.40
O2 BMA K . -40.08 14.77 -25.27
O3 BMA K . -39.77 16.76 -27.19
O4 BMA K . -42.44 17.98 -27.21
O5 BMA K . -42.37 16.03 -24.11
O6 BMA K . -45.19 16.82 -24.35
C1 NAG L . 29.53 -5.15 25.73
C2 NAG L . 30.45 -6.15 24.98
C3 NAG L . 31.93 -5.81 25.20
C4 NAG L . 32.19 -4.36 24.85
C5 NAG L . 31.27 -3.51 25.73
C6 NAG L . 31.46 -2.02 25.58
C7 NAG L . 29.80 -8.49 24.58
C8 NAG L . 29.57 -9.82 25.25
N2 NAG L . 30.18 -7.50 25.40
O3 NAG L . 32.68 -6.69 24.42
O4 NAG L . 33.55 -4.08 25.10
O5 NAG L . 29.94 -3.84 25.42
O6 NAG L . 30.64 -1.51 24.55
O7 NAG L . 29.65 -8.35 23.37
C1 NAG L . 34.24 -3.82 23.85
C2 NAG L . 35.36 -2.81 24.11
C3 NAG L . 36.21 -2.61 22.86
C4 NAG L . 36.68 -3.94 22.30
C5 NAG L . 35.47 -4.85 22.10
C6 NAG L . 35.81 -6.22 21.57
C7 NAG L . 35.12 -0.94 25.71
C8 NAG L . 36.07 -1.68 26.62
N2 NAG L . 34.83 -1.55 24.55
O3 NAG L . 37.29 -1.77 23.20
O4 NAG L . 37.33 -3.69 21.07
O5 NAG L . 34.80 -5.01 23.34
O6 NAG L . 36.38 -6.99 22.61
O7 NAG L . 34.64 0.14 26.05
C1 BMA L . 38.74 -3.97 21.15
C2 BMA L . 39.37 -3.41 19.88
C3 BMA L . 40.91 -3.53 19.96
C4 BMA L . 41.47 -2.89 21.23
C5 BMA L . 40.71 -3.29 22.49
C6 BMA L . 40.98 -2.39 23.69
O2 BMA L . 38.93 -2.09 19.71
O3 BMA L . 41.43 -2.95 18.79
O4 BMA L . 42.83 -3.29 21.31
O5 BMA L . 39.30 -3.35 22.30
O6 BMA L . 42.33 -2.02 23.71
C1 MAN L . 41.37 -3.88 17.69
C2 MAN L . 42.27 -5.08 18.02
C3 MAN L . 43.36 -5.23 16.96
C4 MAN L . 42.73 -5.31 15.57
C5 MAN L . 41.91 -4.04 15.32
C6 MAN L . 40.49 -4.36 14.87
O2 MAN L . 41.43 -6.21 18.04
O3 MAN L . 44.12 -6.37 17.27
O4 MAN L . 43.79 -5.44 14.65
O5 MAN L . 41.81 -3.25 16.50
O6 MAN L . 40.15 -3.52 13.81
C1 MAN L . 42.46 -0.59 23.95
C2 MAN L . 41.68 -0.23 25.23
C3 MAN L . 40.72 0.93 24.98
C4 MAN L . 41.44 2.07 24.25
C5 MAN L . 42.06 1.55 22.95
C6 MAN L . 43.53 1.89 22.85
O2 MAN L . 42.64 0.08 26.21
O3 MAN L . 40.21 1.33 26.22
O4 MAN L . 40.48 3.07 24.01
O5 MAN L . 41.95 0.14 22.87
O6 MAN L . 43.83 2.93 23.76
C1 NAG M . -35.08 -23.62 -9.20
C2 NAG M . -34.63 -24.97 -9.76
C3 NAG M . -35.79 -25.99 -9.75
C4 NAG M . -36.40 -26.07 -8.37
C5 NAG M . -36.85 -24.66 -7.99
C6 NAG M . -37.53 -24.57 -6.63
C7 NAG M . -34.25 -24.59 -12.30
C8 NAG M . -35.70 -24.46 -12.71
N2 NAG M . -33.91 -24.83 -11.01
O3 NAG M . -35.31 -27.22 -10.21
O4 NAG M . -37.49 -26.98 -8.42
O5 NAG M . -35.74 -23.81 -7.97
O6 NAG M . -37.96 -23.25 -6.41
O7 NAG M . -33.39 -24.49 -13.16
C1 NAG M . -37.26 -28.05 -7.48
C2 NAG M . -38.60 -28.56 -6.96
C3 NAG M . -38.35 -29.64 -5.92
C4 NAG M . -37.46 -30.75 -6.46
C5 NAG M . -36.23 -30.16 -7.19
C6 NAG M . -35.45 -31.18 -7.99
C7 NAG M . -40.34 -26.82 -7.08
C8 NAG M . -41.03 -25.74 -6.28
N2 NAG M . -39.39 -27.49 -6.41
O3 NAG M . -39.60 -30.14 -5.50
O4 NAG M . -37.08 -31.53 -5.35
O5 NAG M . -36.61 -29.14 -8.08
O6 NAG M . -35.92 -31.18 -9.33
O7 NAG M . -40.63 -27.04 -8.24
C1 BMA M . -37.31 -32.94 -5.60
C2 BMA M . -36.49 -33.71 -4.58
C3 BMA M . -36.80 -35.23 -4.69
C4 BMA M . -38.29 -35.56 -4.76
C5 BMA M . -39.08 -34.59 -5.65
C6 BMA M . -40.60 -34.70 -5.47
O2 BMA M . -36.77 -33.19 -3.29
O3 BMA M . -36.14 -35.85 -3.62
O4 BMA M . -38.37 -36.88 -5.24
O5 BMA M . -38.68 -33.25 -5.47
O6 BMA M . -41.19 -33.84 -6.43
C1 NAG N . 27.20 27.78 -6.72
C2 NAG N . 27.94 27.64 -5.38
C3 NAG N . 29.45 27.83 -5.53
C4 NAG N . 30.01 26.88 -6.58
C5 NAG N . 29.27 27.21 -7.88
C6 NAG N . 29.70 26.32 -9.04
C7 NAG N . 27.40 28.33 -3.07
C8 NAG N . 26.86 29.46 -2.24
N2 NAG N . 27.46 28.57 -4.40
O3 NAG N . 30.05 27.62 -4.28
O4 NAG N . 31.39 27.14 -6.70
O5 NAG N . 27.88 27.04 -7.71
O6 NAG N . 29.18 25.03 -8.86
O7 NAG N . 27.74 27.28 -2.55
C1 NAG N . 32.17 26.00 -6.25
C2 NAG N . 33.45 25.92 -7.08
C3 NAG N . 34.39 24.85 -6.53
C4 NAG N . 34.61 25.03 -5.04
C5 NAG N . 33.25 25.07 -4.35
C6 NAG N . 33.33 25.26 -2.85
C7 NAG N . 33.23 26.54 -9.47
C8 NAG N . 33.61 27.95 -9.07
N2 NAG N . 33.18 25.65 -8.46
O3 NAG N . 35.60 24.91 -7.25
O4 NAG N . 35.39 23.94 -4.61
O5 NAG N . 32.49 26.13 -4.88
O6 NAG N . 34.07 26.42 -2.55
O7 NAG N . 33.00 26.26 -10.63
C1 BMA N . 36.64 24.41 -4.04
C2 BMA N . 37.37 23.20 -3.49
C3 BMA N . 38.71 23.67 -2.86
C4 BMA N . 39.53 24.60 -3.77
C5 BMA N . 38.69 25.58 -4.59
C6 BMA N . 39.43 26.18 -5.79
O2 BMA N . 37.57 22.29 -4.54
O3 BMA N . 39.39 22.51 -2.46
O4 BMA N . 40.41 25.30 -2.91
O5 BMA N . 37.44 25.04 -5.02
O6 BMA N . 39.59 25.18 -6.77
C1 MAN N . 39.60 22.54 -1.03
C2 MAN N . 39.42 21.11 -0.49
C3 MAN N . 39.73 21.12 1.00
C4 MAN N . 38.88 22.15 1.74
C5 MAN N . 38.80 23.50 1.02
C6 MAN N . 40.00 24.38 1.30
O2 MAN N . 40.28 20.27 -1.21
O3 MAN N . 41.11 21.37 1.13
O4 MAN N . 37.60 21.57 1.92
O5 MAN N . 38.67 23.36 -0.39
O6 MAN N . 39.64 25.35 2.25
C1 MAN N . 40.50 25.69 -7.77
C2 MAN N . 39.66 26.35 -8.86
C3 MAN N . 38.83 25.29 -9.59
C4 MAN N . 39.74 24.20 -10.15
C5 MAN N . 40.60 23.62 -9.02
C6 MAN N . 41.65 22.68 -9.56
O2 MAN N . 40.56 26.99 -9.74
O3 MAN N . 38.10 25.95 -10.60
O4 MAN N . 38.90 23.23 -10.74
O5 MAN N . 41.28 24.65 -8.33
O6 MAN N . 41.34 21.36 -9.19
C1 NAG O . -37.19 0.02 22.03
C2 NAG O . -36.97 0.02 23.56
C3 NAG O . -38.16 0.62 24.32
C4 NAG O . -38.75 1.86 23.65
C5 NAG O . -39.07 1.45 22.22
C6 NAG O . -39.79 2.49 21.37
C7 NAG O . -35.62 -2.01 24.20
C8 NAG O . -34.35 -1.32 23.77
N2 NAG O . -36.78 -1.32 24.06
O3 NAG O . -37.75 0.89 25.64
O4 NAG O . -39.90 2.21 24.39
O5 NAG O . -37.83 1.19 21.60
O6 NAG O . -40.11 1.92 20.12
O7 NAG O . -35.60 -3.15 24.63
C1 NAG O . -39.96 3.63 24.65
C2 NAG O . -41.39 3.95 25.10
C3 NAG O . -41.53 5.42 25.50
C4 NAG O . -40.42 5.85 26.45
C5 NAG O . -39.07 5.44 25.85
C6 NAG O . -37.86 5.86 26.65
C7 NAG O . -42.97 2.46 23.94
C8 NAG O . -43.91 2.36 22.77
N2 NAG O . -42.33 3.63 24.06
O3 NAG O . -42.79 5.58 26.08
O4 NAG O . -40.52 7.24 26.61
O5 NAG O . -39.06 4.04 25.66
O6 NAG O . -38.13 5.77 28.02
O7 NAG O . -42.83 1.53 24.72
C1 BMA O . -40.83 7.55 27.98
C2 BMA O . -40.19 8.91 28.30
C3 BMA O . -40.61 9.36 29.72
C4 BMA O . -42.13 9.30 29.95
C5 BMA O . -42.73 7.98 29.45
C6 BMA O . -44.25 7.97 29.41
O2 BMA O . -40.58 9.82 27.30
O3 BMA O . -40.07 10.64 29.92
O4 BMA O . -42.32 9.46 31.33
O5 BMA O . -42.23 7.59 28.18
O6 BMA O . -44.66 6.62 29.53
C1 NAG P . -44.74 18.64 2.60
C2 NAG P . -44.16 18.96 3.98
C3 NAG P . -45.13 19.82 4.77
C4 NAG P . -46.51 19.17 4.81
C5 NAG P . -46.95 18.81 3.39
C6 NAG P . -48.30 19.37 3.00
C7 NAG P . -42.65 17.17 4.77
C8 NAG P . -42.61 15.88 5.55
N2 NAG P . -43.87 17.73 4.67
O3 NAG P . -45.18 21.09 4.17
O4 NAG P . -46.38 18.02 5.62
O5 NAG P . -45.99 19.28 2.46
O6 NAG P . -48.49 19.24 1.62
O7 NAG P . -41.64 17.65 4.28
C1 NAG Q . -42.11 -11.33 -20.95
C2 NAG Q . -41.61 -10.35 -22.03
C3 NAG Q . -42.63 -9.23 -22.21
C4 NAG Q . -43.96 -9.86 -22.59
C5 NAG Q . -44.36 -10.89 -21.52
C6 NAG Q . -45.65 -11.61 -21.82
C7 NAG Q . -39.57 -9.20 -20.92
C8 NAG Q . -40.32 -8.62 -19.74
N2 NAG Q . -40.23 -9.93 -21.86
O3 NAG Q . -42.16 -8.34 -23.18
O4 NAG Q . -44.91 -8.81 -22.66
O5 NAG Q . -43.33 -11.86 -21.39
O6 NAG Q . -45.67 -12.06 -23.16
O7 NAG Q . -38.37 -9.00 -21.02
C1 NAG R . -42.35 -12.47 20.95
C2 NAG R . -42.96 -13.45 21.97
C3 NAG R . -44.19 -12.83 22.61
C4 NAG R . -45.23 -12.47 21.54
C5 NAG R . -44.54 -11.80 20.35
C6 NAG R . -45.29 -10.60 19.80
C7 NAG R . -42.51 -15.79 21.34
C8 NAG R . -43.09 -16.98 20.60
N2 NAG R . -43.30 -14.70 21.33
O3 NAG R . -43.77 -11.70 23.33
O4 NAG R . -45.86 -13.67 21.18
O5 NAG R . -43.24 -11.40 20.74
O6 NAG R . -46.13 -11.01 18.75
O7 NAG R . -41.42 -15.84 21.88
#